data_6MVA
#
_entry.id   6MVA
#
_cell.length_a   78.541
_cell.length_b   81.493
_cell.length_c   103.532
_cell.angle_alpha   90.000
_cell.angle_beta   98.550
_cell.angle_gamma   90.000
#
_symmetry.space_group_name_H-M   'P 1 21 1'
#
loop_
_entity.id
_entity.type
_entity.pdbx_description
1 polymer 'L-lactate dehydrogenase A chain'
2 non-polymer '1,4-DIHYDRONICOTINAMIDE ADENINE DINUCLEOTIDE'
3 non-polymer '4-(2-HYDROXYETHYL)-1-PIPERAZINE ETHANESULFONIC ACID'
4 non-polymer 'SULFATE ION'
5 non-polymer (6R)-6-(3-aminophenyl)-3-[(2-chlorophenyl)sulfanyl]-4-hydroxy-6-(thiophen-3-yl)-5,6-dihydro-2H-pyran-2-one
6 water water
#
_entity_poly.entity_id   1
_entity_poly.type   'polypeptide(L)'
_entity_poly.pdbx_seq_one_letter_code
;MATLKDQLIYNLLKEEQTPQNKITVVGVGAVGMACAISILMKDLADELALVDVIEDKLKGEMMDLQHGSLFLRTPKIVSG
KDYNVTANSKLVIITAGARQQEGESRLNLVQRNVNIFKFIIPNVVKYSPNCKLLIVSNPVDILTYVAWKISGFPKNRVIG
SGCNLDSARFRYLMGERLGVHPLSCHGWVLGEHGDSSVPVWSGMNVAGVSLKTLHPDLGTDKDKEQWKEVHKQVVESAYE
VIKLKGYTSWAIGLSVADLAESIMKNLRRVHPVSTMIKGLYGIKDDVFLSVPCILGQNGISDLVKVTLTSEEEARLKKSA
DTLWGIQKELQF
;
_entity_poly.pdbx_strand_id   A,B,C,D
#
loop_
_chem_comp.id
_chem_comp.type
_chem_comp.name
_chem_comp.formula
D4S non-polymer (6R)-6-(3-aminophenyl)-3-[(2-chlorophenyl)sulfanyl]-4-hydroxy-6-(thiophen-3-yl)-5,6-dihydro-2H-pyran-2-one 'C21 H16 Cl N O3 S2'
EPE non-polymer '4-(2-HYDROXYETHYL)-1-PIPERAZINE ETHANESULFONIC ACID' 'C8 H18 N2 O4 S'
NAI non-polymer '1,4-DIHYDRONICOTINAMIDE ADENINE DINUCLEOTIDE' 'C21 H29 N7 O14 P2'
SO4 non-polymer 'SULFATE ION' 'O4 S -2'
#
# COMPACT_ATOMS: atom_id res chain seq x y z
N ALA A 2 6.83 -14.06 39.71
CA ALA A 2 7.14 -13.89 38.28
C ALA A 2 6.63 -12.55 37.80
N THR A 3 7.30 -11.97 36.77
CA THR A 3 6.88 -10.68 36.21
C THR A 3 5.56 -10.84 35.46
N LEU A 4 4.83 -9.74 35.25
CA LEU A 4 3.56 -9.75 34.50
C LEU A 4 3.81 -10.30 33.08
N LYS A 5 4.93 -9.87 32.43
CA LYS A 5 5.32 -10.33 31.09
C LYS A 5 5.46 -11.85 31.08
N ASP A 6 6.13 -12.44 32.09
CA ASP A 6 6.32 -13.90 32.20
C ASP A 6 5.04 -14.65 32.50
N GLN A 7 4.11 -14.03 33.23
CA GLN A 7 2.80 -14.61 33.56
C GLN A 7 1.94 -14.63 32.29
N LEU A 8 2.05 -13.59 31.46
CA LEU A 8 1.28 -13.46 30.24
C LEU A 8 1.85 -14.25 29.07
N ILE A 9 3.17 -14.21 28.91
CA ILE A 9 3.84 -14.79 27.74
C ILE A 9 4.84 -15.88 28.07
N TYR A 10 4.74 -17.01 27.35
CA TYR A 10 5.70 -18.11 27.41
C TYR A 10 6.65 -17.93 26.22
N ASN A 11 7.94 -17.82 26.50
CA ASN A 11 8.97 -17.63 25.49
C ASN A 11 9.48 -18.96 24.92
N LEU A 12 9.48 -19.10 23.57
CA LEU A 12 9.98 -20.31 22.90
C LEU A 12 11.48 -20.22 22.66
N LEU A 13 11.98 -19.03 22.30
CA LEU A 13 13.40 -18.80 22.04
C LEU A 13 13.75 -17.32 22.21
N LYS A 14 14.92 -17.03 22.77
CA LYS A 14 15.34 -15.64 23.01
C LYS A 14 16.28 -15.11 21.93
N GLU A 15 16.76 -16.03 21.07
CA GLU A 15 17.69 -15.78 19.97
C GLU A 15 17.21 -14.72 18.97
N GLU A 16 18.06 -13.70 18.72
CA GLU A 16 17.77 -12.60 17.81
C GLU A 16 18.67 -12.69 16.58
N GLN A 17 18.04 -12.81 15.38
CA GLN A 17 18.73 -12.89 14.09
C GLN A 17 19.42 -11.57 13.73
N THR A 18 20.53 -11.66 12.95
CA THR A 18 21.25 -10.49 12.44
C THR A 18 20.23 -9.74 11.55
N PRO A 19 20.27 -8.38 11.43
CA PRO A 19 19.23 -7.69 10.63
C PRO A 19 19.10 -8.24 9.21
N GLN A 20 17.85 -8.46 8.75
CA GLN A 20 17.61 -9.04 7.43
C GLN A 20 17.34 -8.06 6.29
N ASN A 21 16.61 -6.96 6.54
CA ASN A 21 16.27 -5.98 5.52
C ASN A 21 16.47 -4.60 6.14
N LYS A 22 17.71 -4.32 6.57
CA LYS A 22 18.02 -3.10 7.29
C LYS A 22 18.48 -1.96 6.42
N ILE A 23 17.97 -0.74 6.71
CA ILE A 23 18.38 0.49 6.06
C ILE A 23 18.89 1.45 7.14
N THR A 24 19.97 2.15 6.83
CA THR A 24 20.53 3.21 7.67
C THR A 24 20.42 4.54 6.92
N VAL A 25 20.03 5.59 7.63
CA VAL A 25 20.02 6.96 7.13
C VAL A 25 21.04 7.73 7.96
N VAL A 26 22.07 8.30 7.31
CA VAL A 26 23.10 9.10 7.97
C VAL A 26 22.77 10.56 7.69
N GLY A 27 22.55 11.32 8.76
CA GLY A 27 22.17 12.73 8.72
C GLY A 27 20.67 12.82 8.92
N VAL A 28 20.22 13.44 10.04
CA VAL A 28 18.80 13.54 10.36
C VAL A 28 18.27 14.99 10.20
N GLY A 29 18.73 15.65 9.14
CA GLY A 29 18.22 16.96 8.77
C GLY A 29 16.90 16.79 8.05
N ALA A 30 16.40 17.84 7.41
CA ALA A 30 15.13 17.77 6.70
C ALA A 30 15.11 16.70 5.61
N VAL A 31 16.23 16.52 4.90
CA VAL A 31 16.38 15.55 3.82
C VAL A 31 16.38 14.12 4.38
N GLY A 32 17.21 13.87 5.39
CA GLY A 32 17.34 12.55 6.00
C GLY A 32 16.05 12.05 6.62
N MET A 33 15.34 12.96 7.31
CA MET A 33 14.08 12.64 7.97
C MET A 33 12.94 12.40 6.96
N ALA A 34 12.95 13.11 5.82
CA ALA A 34 11.94 12.92 4.75
C ALA A 34 12.19 11.58 4.05
N CYS A 35 13.47 11.19 3.92
CA CYS A 35 13.88 9.89 3.38
C CYS A 35 13.36 8.82 4.36
N ALA A 36 13.57 9.05 5.67
CA ALA A 36 13.17 8.12 6.73
C ALA A 36 11.65 7.89 6.82
N ILE A 37 10.82 8.95 6.77
CA ILE A 37 9.36 8.80 6.81
C ILE A 37 8.82 8.13 5.53
N SER A 38 9.41 8.43 4.37
CA SER A 38 9.00 7.85 3.09
C SER A 38 9.34 6.37 3.04
N ILE A 39 10.52 5.98 3.54
CA ILE A 39 10.94 4.58 3.61
C ILE A 39 10.03 3.81 4.56
N LEU A 40 9.69 4.43 5.72
CA LEU A 40 8.81 3.84 6.72
C LEU A 40 7.41 3.61 6.18
N MET A 41 6.84 4.61 5.48
CA MET A 41 5.49 4.55 4.90
CA MET A 41 5.48 4.48 4.95
C MET A 41 5.39 3.55 3.75
N LYS A 42 6.54 3.18 3.15
CA LYS A 42 6.57 2.26 2.02
C LYS A 42 6.90 0.82 2.41
N ASP A 43 7.08 0.55 3.73
CA ASP A 43 7.39 -0.79 4.28
C ASP A 43 8.59 -1.45 3.58
N LEU A 44 9.69 -0.71 3.42
CA LEU A 44 10.88 -1.22 2.73
C LEU A 44 11.89 -1.90 3.62
N ALA A 45 11.85 -1.62 4.91
CA ALA A 45 12.81 -2.09 5.89
C ALA A 45 12.14 -2.76 7.07
N ASP A 46 12.84 -3.73 7.67
CA ASP A 46 12.37 -4.40 8.89
C ASP A 46 13.11 -3.77 10.07
N GLU A 47 14.12 -2.93 9.76
CA GLU A 47 14.89 -2.18 10.74
C GLU A 47 15.40 -0.90 10.13
N LEU A 48 15.21 0.23 10.84
CA LEU A 48 15.71 1.53 10.40
C LEU A 48 16.68 2.06 11.45
N ALA A 49 17.89 2.41 11.00
CA ALA A 49 18.90 3.00 11.87
C ALA A 49 19.12 4.44 11.44
N LEU A 50 19.24 5.35 12.41
CA LEU A 50 19.50 6.77 12.15
C LEU A 50 20.83 7.15 12.81
N VAL A 51 21.69 7.90 12.11
CA VAL A 51 22.97 8.36 12.65
C VAL A 51 23.11 9.86 12.38
N ASP A 52 23.69 10.59 13.33
CA ASP A 52 24.01 12.01 13.23
C ASP A 52 25.04 12.35 14.31
N VAL A 53 25.63 13.56 14.27
CA VAL A 53 26.60 14.04 15.27
C VAL A 53 25.88 14.86 16.35
N ILE A 54 24.69 15.42 16.02
CA ILE A 54 23.85 16.19 16.96
C ILE A 54 23.01 15.16 17.70
N GLU A 55 23.46 14.76 18.89
CA GLU A 55 22.89 13.68 19.69
C GLU A 55 21.46 13.93 20.20
N ASP A 56 21.12 15.15 20.68
CA ASP A 56 19.77 15.43 21.18
CA ASP A 56 19.77 15.44 21.18
C ASP A 56 18.73 15.36 20.07
N LYS A 57 18.99 16.02 18.91
CA LYS A 57 18.10 16.03 17.75
C LYS A 57 17.89 14.59 17.25
N LEU A 58 18.96 13.80 17.19
CA LEU A 58 18.93 12.41 16.75
C LEU A 58 18.01 11.57 17.64
N LYS A 59 18.12 11.73 18.98
CA LYS A 59 17.28 10.99 19.93
C LYS A 59 15.81 11.39 19.78
N GLY A 60 15.55 12.70 19.66
CA GLY A 60 14.21 13.27 19.50
C GLY A 60 13.53 12.78 18.25
N GLU A 61 14.29 12.70 17.12
CA GLU A 61 13.77 12.23 15.84
C GLU A 61 13.43 10.75 15.92
N MET A 62 14.33 9.93 16.52
CA MET A 62 14.10 8.49 16.72
C MET A 62 12.82 8.25 17.55
N MET A 63 12.71 8.92 18.72
CA MET A 63 11.55 8.80 19.60
C MET A 63 10.25 9.19 18.90
N ASP A 64 10.27 10.31 18.14
CA ASP A 64 9.09 10.78 17.40
C ASP A 64 8.59 9.71 16.41
N LEU A 65 9.52 9.09 15.65
CA LEU A 65 9.20 7.99 14.73
C LEU A 65 8.68 6.78 15.49
N GLN A 66 9.33 6.40 16.60
CA GLN A 66 8.91 5.25 17.42
C GLN A 66 7.50 5.46 17.99
N HIS A 67 7.13 6.70 18.35
CA HIS A 67 5.80 6.99 18.87
C HIS A 67 4.68 6.75 17.84
N GLY A 68 5.03 6.66 16.55
CA GLY A 68 4.08 6.36 15.48
C GLY A 68 4.11 4.89 15.05
N SER A 69 4.82 4.02 15.82
CA SER A 69 4.98 2.57 15.56
C SER A 69 3.68 1.83 15.30
N LEU A 70 2.61 2.21 16.03
CA LEU A 70 1.28 1.62 15.89
C LEU A 70 0.77 1.71 14.43
N PHE A 71 1.18 2.76 13.72
CA PHE A 71 0.76 3.03 12.34
C PHE A 71 1.77 2.61 11.28
N LEU A 72 2.84 1.93 11.69
CA LEU A 72 3.88 1.47 10.77
C LEU A 72 4.08 -0.04 10.82
N ARG A 73 4.85 -0.58 9.86
CA ARG A 73 5.18 -1.99 9.79
C ARG A 73 6.72 -2.21 9.73
N THR A 74 7.47 -1.32 10.43
CA THR A 74 8.93 -1.41 10.61
C THR A 74 9.07 -1.55 12.11
N PRO A 75 9.31 -2.78 12.61
CA PRO A 75 9.23 -3.00 14.06
C PRO A 75 10.38 -2.49 14.91
N LYS A 76 11.52 -2.15 14.30
CA LYS A 76 12.68 -1.68 15.05
C LYS A 76 13.27 -0.43 14.45
N ILE A 77 13.24 0.65 15.22
CA ILE A 77 13.83 1.94 14.86
C ILE A 77 14.89 2.22 15.93
N VAL A 78 16.14 2.37 15.49
CA VAL A 78 17.29 2.61 16.37
C VAL A 78 18.07 3.83 15.91
N SER A 79 18.86 4.41 16.83
CA SER A 79 19.70 5.57 16.52
C SER A 79 20.90 5.64 17.44
N GLY A 80 21.91 6.40 17.02
CA GLY A 80 23.14 6.61 17.78
C GLY A 80 24.21 7.33 16.98
N LYS A 81 25.15 7.97 17.72
CA LYS A 81 26.31 8.67 17.15
C LYS A 81 27.31 7.60 16.71
N ASP A 82 27.33 6.45 17.43
CA ASP A 82 28.21 5.31 17.17
C ASP A 82 27.60 4.46 16.05
N TYR A 83 28.44 4.04 15.11
CA TYR A 83 28.03 3.30 13.93
C TYR A 83 27.73 1.82 14.19
N ASN A 84 27.81 1.36 15.46
CA ASN A 84 27.46 -0.03 15.79
C ASN A 84 25.95 -0.25 15.61
N VAL A 85 25.17 0.85 15.66
CA VAL A 85 23.70 0.80 15.46
C VAL A 85 23.34 0.49 14.00
N THR A 86 24.30 0.71 13.07
CA THR A 86 24.14 0.54 11.62
C THR A 86 24.57 -0.84 11.10
N ALA A 87 25.11 -1.70 11.99
CA ALA A 87 25.61 -3.02 11.61
C ALA A 87 24.63 -3.84 10.77
N ASN A 88 25.15 -4.48 9.71
CA ASN A 88 24.42 -5.36 8.79
C ASN A 88 23.28 -4.66 8.01
N SER A 89 23.50 -3.40 7.61
CA SER A 89 22.52 -2.69 6.80
C SER A 89 22.69 -3.16 5.37
N LYS A 90 21.60 -3.36 4.65
CA LYS A 90 21.64 -3.74 3.22
C LYS A 90 21.92 -2.48 2.40
N LEU A 91 21.37 -1.35 2.86
CA LEU A 91 21.46 -0.06 2.18
C LEU A 91 21.75 1.05 3.17
N VAL A 92 22.76 1.87 2.86
CA VAL A 92 23.12 2.99 3.71
C VAL A 92 22.94 4.28 2.89
N ILE A 93 22.04 5.17 3.35
CA ILE A 93 21.73 6.43 2.69
C ILE A 93 22.45 7.58 3.39
N ILE A 94 23.32 8.28 2.65
CA ILE A 94 24.09 9.41 3.19
C ILE A 94 23.47 10.73 2.78
N THR A 95 22.96 11.48 3.76
CA THR A 95 22.36 12.78 3.54
C THR A 95 23.14 13.85 4.35
N ALA A 96 24.11 13.41 5.15
CA ALA A 96 24.91 14.33 5.99
C ALA A 96 25.73 15.27 5.12
N GLY A 97 25.64 16.54 5.45
CA GLY A 97 26.31 17.62 4.73
C GLY A 97 26.72 18.79 5.59
N ALA A 98 27.58 19.66 5.02
CA ALA A 98 28.11 20.88 5.64
C ALA A 98 27.28 22.10 5.22
N GLU A 102 27.47 34.12 3.22
CA GLU A 102 28.28 32.93 3.47
C GLU A 102 28.77 32.31 2.16
N GLY A 103 29.54 33.10 1.41
CA GLY A 103 30.06 32.72 0.11
C GLY A 103 31.49 32.25 0.09
N GLU A 104 31.69 30.91 0.21
CA GLU A 104 33.02 30.29 0.17
C GLU A 104 33.35 29.76 -1.24
N SER A 105 34.61 29.35 -1.45
CA SER A 105 35.09 28.80 -2.72
C SER A 105 34.35 27.49 -3.09
N ARG A 106 34.28 27.19 -4.40
CA ARG A 106 33.64 25.98 -4.93
C ARG A 106 34.34 24.76 -4.34
N LEU A 107 35.69 24.72 -4.43
CA LEU A 107 36.55 23.66 -3.91
C LEU A 107 36.53 23.61 -2.37
N ASN A 108 36.23 24.75 -1.71
CA ASN A 108 36.18 24.87 -0.25
C ASN A 108 35.00 24.08 0.34
N LEU A 109 33.77 24.30 -0.16
CA LEU A 109 32.56 23.60 0.31
C LEU A 109 32.67 22.11 0.05
N VAL A 110 33.24 21.73 -1.11
CA VAL A 110 33.44 20.33 -1.48
C VAL A 110 34.37 19.68 -0.45
N GLN A 111 35.55 20.32 -0.20
CA GLN A 111 36.53 19.80 0.77
C GLN A 111 35.93 19.68 2.20
N ARG A 112 34.99 20.59 2.57
CA ARG A 112 34.30 20.51 3.87
C ARG A 112 33.46 19.22 3.93
N ASN A 113 32.76 18.90 2.83
CA ASN A 113 31.93 17.69 2.73
C ASN A 113 32.81 16.45 2.65
N VAL A 114 33.98 16.55 1.99
CA VAL A 114 34.96 15.48 1.87
C VAL A 114 35.48 15.11 3.26
N ASN A 115 35.71 16.13 4.12
CA ASN A 115 36.19 15.93 5.50
C ASN A 115 35.15 15.14 6.31
N ILE A 116 33.88 15.44 6.11
CA ILE A 116 32.77 14.73 6.77
C ILE A 116 32.74 13.24 6.30
N PHE A 117 32.87 13.00 4.98
CA PHE A 117 32.87 11.66 4.38
C PHE A 117 34.06 10.80 4.82
N LYS A 118 35.22 11.43 5.09
CA LYS A 118 36.43 10.75 5.60
C LYS A 118 36.16 10.10 6.96
N PHE A 119 35.22 10.67 7.74
CA PHE A 119 34.82 10.11 9.02
C PHE A 119 33.69 9.08 8.84
N ILE A 120 32.64 9.44 8.07
CA ILE A 120 31.45 8.59 7.83
C ILE A 120 31.74 7.27 7.14
N ILE A 121 32.27 7.33 5.91
CA ILE A 121 32.45 6.18 5.04
C ILE A 121 33.24 5.03 5.71
N PRO A 122 34.43 5.21 6.33
CA PRO A 122 35.11 4.05 6.95
C PRO A 122 34.27 3.41 8.06
N ASN A 123 33.53 4.24 8.83
CA ASN A 123 32.64 3.76 9.89
C ASN A 123 31.48 2.93 9.35
N VAL A 124 30.92 3.35 8.19
CA VAL A 124 29.83 2.64 7.51
C VAL A 124 30.35 1.27 7.03
N VAL A 125 31.51 1.27 6.34
CA VAL A 125 32.19 0.10 5.79
C VAL A 125 32.56 -0.90 6.90
N LYS A 126 33.01 -0.41 8.05
CA LYS A 126 33.38 -1.24 9.20
C LYS A 126 32.20 -2.12 9.68
N TYR A 127 30.98 -1.53 9.79
CA TYR A 127 29.81 -2.24 10.29
C TYR A 127 28.91 -2.88 9.23
N SER A 128 28.96 -2.40 7.98
CA SER A 128 28.18 -3.00 6.89
C SER A 128 29.10 -3.12 5.65
N PRO A 129 30.10 -4.04 5.68
CA PRO A 129 31.02 -4.16 4.53
C PRO A 129 30.39 -4.58 3.21
N ASN A 130 29.20 -5.20 3.24
CA ASN A 130 28.54 -5.66 2.02
C ASN A 130 27.35 -4.79 1.56
N CYS A 131 27.14 -3.62 2.20
CA CYS A 131 26.01 -2.74 1.87
C CYS A 131 26.15 -2.05 0.50
N LYS A 132 25.04 -1.45 0.05
CA LYS A 132 24.99 -0.58 -1.11
C LYS A 132 24.98 0.80 -0.48
N LEU A 133 25.75 1.73 -1.05
CA LEU A 133 25.79 3.11 -0.57
C LEU A 133 24.98 3.96 -1.51
N LEU A 134 24.06 4.76 -0.95
CA LEU A 134 23.24 5.69 -1.73
C LEU A 134 23.55 7.09 -1.24
N ILE A 135 24.23 7.89 -2.09
CA ILE A 135 24.66 9.25 -1.76
C ILE A 135 23.64 10.29 -2.21
N VAL A 136 23.19 11.12 -1.25
CA VAL A 136 22.23 12.20 -1.50
C VAL A 136 22.92 13.56 -1.29
N SER A 137 23.86 13.66 -0.32
CA SER A 137 24.59 14.89 0.01
C SER A 137 25.19 15.55 -1.23
N ASN A 138 25.13 16.89 -1.29
CA ASN A 138 25.65 17.66 -2.41
C ASN A 138 27.09 18.18 -2.23
N PRO A 139 27.90 18.36 -3.31
CA PRO A 139 27.62 18.06 -4.74
C PRO A 139 27.66 16.56 -4.96
N VAL A 140 26.46 15.99 -5.21
CA VAL A 140 26.19 14.55 -5.28
C VAL A 140 27.14 13.78 -6.22
N ASP A 141 27.40 14.29 -7.43
CA ASP A 141 28.28 13.58 -8.35
C ASP A 141 29.71 13.44 -7.79
N ILE A 142 30.24 14.52 -7.19
CA ILE A 142 31.58 14.48 -6.61
C ILE A 142 31.59 13.61 -5.35
N LEU A 143 30.58 13.77 -4.48
CA LEU A 143 30.52 13.02 -3.23
C LEU A 143 30.26 11.53 -3.41
N THR A 144 29.65 11.13 -4.54
CA THR A 144 29.48 9.70 -4.84
C THR A 144 30.88 9.14 -5.18
N TYR A 145 31.67 9.91 -5.98
CA TYR A 145 33.05 9.56 -6.32
C TYR A 145 33.90 9.40 -5.07
N VAL A 146 33.74 10.35 -4.12
CA VAL A 146 34.46 10.41 -2.85
C VAL A 146 34.13 9.16 -2.01
N ALA A 147 32.83 8.82 -1.91
CA ALA A 147 32.36 7.63 -1.20
C ALA A 147 32.92 6.38 -1.84
N TRP A 148 32.96 6.35 -3.18
CA TRP A 148 33.52 5.22 -3.93
C TRP A 148 35.01 5.05 -3.65
N LYS A 149 35.79 6.16 -3.71
CA LYS A 149 37.22 6.16 -3.45
C LYS A 149 37.54 5.73 -1.99
N ILE A 150 36.89 6.35 -0.98
CA ILE A 150 37.12 6.02 0.44
C ILE A 150 36.69 4.57 0.79
N SER A 151 35.48 4.15 0.38
CA SER A 151 34.96 2.82 0.69
C SER A 151 35.76 1.66 0.12
N GLY A 152 36.23 1.82 -1.12
CA GLY A 152 36.92 0.76 -1.85
C GLY A 152 35.90 -0.23 -2.41
N PHE A 153 34.62 0.13 -2.39
CA PHE A 153 33.55 -0.74 -2.89
C PHE A 153 33.57 -0.84 -4.41
N PRO A 154 33.06 -1.93 -5.03
CA PRO A 154 32.97 -1.96 -6.51
C PRO A 154 31.94 -0.92 -6.95
N LYS A 155 32.07 -0.38 -8.18
CA LYS A 155 31.20 0.67 -8.71
C LYS A 155 29.70 0.36 -8.63
N ASN A 156 29.29 -0.91 -8.78
CA ASN A 156 27.86 -1.28 -8.72
C ASN A 156 27.20 -0.97 -7.36
N ARG A 157 27.99 -0.93 -6.27
CA ARG A 157 27.51 -0.70 -4.88
C ARG A 157 27.59 0.75 -4.41
N VAL A 158 27.98 1.67 -5.29
CA VAL A 158 28.06 3.10 -4.94
C VAL A 158 27.15 3.85 -5.90
N ILE A 159 26.02 4.31 -5.39
CA ILE A 159 24.98 4.97 -6.20
C ILE A 159 24.75 6.39 -5.72
N GLY A 160 24.70 7.32 -6.65
CA GLY A 160 24.39 8.70 -6.32
C GLY A 160 22.96 9.00 -6.73
N SER A 161 22.22 9.73 -5.88
CA SER A 161 20.84 10.15 -6.14
C SER A 161 20.78 10.81 -7.54
N GLY A 162 21.83 11.51 -7.89
CA GLY A 162 22.02 12.13 -9.21
C GLY A 162 20.84 12.90 -9.77
N CYS A 163 20.42 12.53 -10.99
CA CYS A 163 19.32 13.21 -11.71
C CYS A 163 17.96 12.59 -11.49
N ASN A 164 17.79 11.81 -10.42
CA ASN A 164 16.52 11.18 -10.09
C ASN A 164 15.47 12.22 -9.80
N LEU A 165 15.79 13.19 -8.92
CA LEU A 165 14.87 14.28 -8.57
C LEU A 165 14.62 15.22 -9.76
N ASP A 166 15.70 15.57 -10.51
CA ASP A 166 15.63 16.45 -11.71
C ASP A 166 14.62 15.88 -12.70
N SER A 167 14.71 14.55 -12.96
CA SER A 167 13.79 13.85 -13.88
C SER A 167 12.36 13.82 -13.34
N ALA A 168 12.19 13.65 -12.01
CA ALA A 168 10.87 13.60 -11.39
C ALA A 168 10.19 14.96 -11.55
N ARG A 169 10.94 16.06 -11.32
CA ARG A 169 10.41 17.42 -11.47
C ARG A 169 10.06 17.70 -12.93
N PHE A 170 10.92 17.24 -13.85
CA PHE A 170 10.70 17.39 -15.29
C PHE A 170 9.39 16.74 -15.71
N ARG A 171 9.15 15.49 -15.23
CA ARG A 171 7.93 14.72 -15.53
C ARG A 171 6.70 15.36 -14.92
N TYR A 172 6.85 15.98 -13.73
CA TYR A 172 5.76 16.69 -13.09
C TYR A 172 5.35 17.89 -13.98
N LEU A 173 6.34 18.68 -14.44
CA LEU A 173 6.13 19.86 -15.28
C LEU A 173 5.56 19.50 -16.64
N MET A 174 6.05 18.37 -17.21
CA MET A 174 5.58 17.85 -18.49
C MET A 174 4.10 17.45 -18.35
N GLY A 175 3.78 16.77 -17.25
CA GLY A 175 2.43 16.34 -16.92
C GLY A 175 1.44 17.46 -16.80
N GLU A 176 1.86 18.54 -16.14
CA GLU A 176 1.08 19.77 -15.97
C GLU A 176 0.75 20.42 -17.32
N ARG A 177 1.74 20.50 -18.24
CA ARG A 177 1.53 21.07 -19.57
C ARG A 177 0.59 20.22 -20.42
N LEU A 178 0.70 18.87 -20.31
CA LEU A 178 -0.09 17.97 -21.15
C LEU A 178 -1.42 17.51 -20.55
N GLY A 179 -1.64 17.76 -19.26
CA GLY A 179 -2.86 17.31 -18.59
C GLY A 179 -2.90 15.79 -18.46
N VAL A 180 -1.72 15.20 -18.19
CA VAL A 180 -1.52 13.75 -18.05
C VAL A 180 -0.72 13.49 -16.77
N HIS A 181 -1.01 12.37 -16.06
CA HIS A 181 -0.27 12.04 -14.83
C HIS A 181 1.25 11.92 -15.13
N PRO A 182 2.16 12.41 -14.25
CA PRO A 182 3.61 12.24 -14.50
C PRO A 182 4.05 10.80 -14.80
N LEU A 183 3.32 9.78 -14.26
CA LEU A 183 3.63 8.36 -14.52
C LEU A 183 3.55 8.02 -16.00
N SER A 184 2.70 8.74 -16.77
CA SER A 184 2.51 8.49 -18.19
C SER A 184 3.25 9.48 -19.09
N CYS A 185 4.02 10.41 -18.47
CA CYS A 185 4.84 11.40 -19.17
C CYS A 185 6.28 10.98 -19.00
N HIS A 186 6.90 10.47 -20.08
CA HIS A 186 8.27 9.97 -20.01
C HIS A 186 9.27 10.98 -20.54
N GLY A 187 10.37 11.12 -19.82
CA GLY A 187 11.40 12.10 -20.15
C GLY A 187 12.56 11.97 -19.20
N TRP A 188 13.77 12.04 -19.74
CA TRP A 188 14.99 11.82 -18.98
C TRP A 188 15.89 13.05 -18.91
N VAL A 189 16.30 13.39 -17.69
CA VAL A 189 17.26 14.45 -17.40
C VAL A 189 18.51 13.74 -16.93
N LEU A 190 19.61 13.86 -17.69
CA LEU A 190 20.84 13.13 -17.41
C LEU A 190 22.07 14.03 -17.18
N GLY A 191 23.21 13.40 -16.95
CA GLY A 191 24.45 14.11 -16.73
C GLY A 191 24.68 14.56 -15.30
N GLU A 192 25.16 15.78 -15.15
CA GLU A 192 25.49 16.38 -13.86
C GLU A 192 24.25 16.87 -13.18
N HIS A 193 24.02 16.43 -11.94
CA HIS A 193 22.87 16.86 -11.17
C HIS A 193 22.91 18.38 -10.92
N GLY A 194 21.76 19.02 -11.05
CA GLY A 194 21.62 20.44 -10.79
C GLY A 194 21.56 21.32 -12.00
N ASP A 195 22.25 22.47 -11.90
CA ASP A 195 22.30 23.52 -12.92
C ASP A 195 22.70 23.05 -14.31
N SER A 196 23.67 22.12 -14.41
CA SER A 196 24.23 21.65 -15.66
C SER A 196 23.60 20.37 -16.23
N SER A 197 22.45 19.93 -15.69
CA SER A 197 21.78 18.71 -16.18
C SER A 197 21.34 18.82 -17.64
N VAL A 198 21.19 17.67 -18.32
CA VAL A 198 20.84 17.59 -19.74
C VAL A 198 19.46 16.96 -19.98
N PRO A 199 18.47 17.74 -20.49
CA PRO A 199 17.19 17.13 -20.84
C PRO A 199 17.35 16.38 -22.18
N VAL A 200 17.03 15.09 -22.21
CA VAL A 200 17.19 14.32 -23.46
C VAL A 200 15.89 14.44 -24.26
N TRP A 201 15.78 15.48 -25.09
CA TRP A 201 14.58 15.77 -25.88
C TRP A 201 14.10 14.62 -26.74
N SER A 202 15.02 13.82 -27.31
CA SER A 202 14.70 12.66 -28.17
C SER A 202 13.87 11.56 -27.48
N GLY A 203 13.97 11.44 -26.17
CA GLY A 203 13.25 10.42 -25.42
C GLY A 203 11.95 10.85 -24.78
N MET A 204 11.61 12.12 -24.90
CA MET A 204 10.40 12.71 -24.33
C MET A 204 9.20 12.18 -25.09
N ASN A 205 8.31 11.44 -24.40
CA ASN A 205 7.18 10.83 -25.09
C ASN A 205 5.99 10.54 -24.18
N VAL A 206 4.84 10.34 -24.81
CA VAL A 206 3.63 9.88 -24.15
C VAL A 206 3.21 8.71 -25.00
N ALA A 207 2.99 7.53 -24.38
CA ALA A 207 2.56 6.32 -25.04
C ALA A 207 3.46 5.89 -26.24
N GLY A 208 4.77 6.14 -26.11
CA GLY A 208 5.74 5.81 -27.16
C GLY A 208 5.73 6.77 -28.34
N VAL A 209 4.96 7.86 -28.25
CA VAL A 209 4.89 8.87 -29.30
C VAL A 209 5.89 9.97 -29.00
N SER A 210 6.98 10.04 -29.78
CA SER A 210 8.02 11.05 -29.60
C SER A 210 7.53 12.49 -29.83
N LEU A 211 7.72 13.34 -28.82
CA LEU A 211 7.35 14.76 -28.88
C LEU A 211 8.24 15.50 -29.87
N LYS A 212 9.54 15.12 -29.94
CA LYS A 212 10.54 15.70 -30.86
C LYS A 212 10.19 15.39 -32.32
N THR A 213 9.68 14.18 -32.59
CA THR A 213 9.30 13.78 -33.96
C THR A 213 8.09 14.63 -34.40
N LEU A 214 7.12 14.84 -33.48
CA LEU A 214 5.93 15.65 -33.74
C LEU A 214 6.26 17.13 -33.85
N HIS A 215 7.21 17.59 -33.03
CA HIS A 215 7.56 19.00 -32.92
C HIS A 215 9.09 19.14 -33.02
N PRO A 216 9.68 19.18 -34.25
CA PRO A 216 11.15 19.23 -34.37
C PRO A 216 11.86 20.38 -33.66
N ASP A 217 11.16 21.50 -33.38
CA ASP A 217 11.73 22.63 -32.65
C ASP A 217 11.86 22.38 -31.13
N LEU A 218 11.29 21.26 -30.63
CA LEU A 218 11.33 20.86 -29.22
C LEU A 218 12.73 20.96 -28.61
N GLY A 219 12.84 21.75 -27.55
CA GLY A 219 14.10 21.95 -26.85
C GLY A 219 15.09 22.91 -27.47
N THR A 220 14.68 23.65 -28.52
CA THR A 220 15.54 24.65 -29.16
C THR A 220 15.05 26.05 -28.79
N ASP A 221 15.89 27.08 -29.06
CA ASP A 221 15.52 28.46 -28.77
C ASP A 221 14.49 28.99 -29.75
N LYS A 222 14.40 28.43 -30.94
CA LYS A 222 13.41 28.92 -31.90
C LYS A 222 11.99 28.42 -31.59
N ASP A 223 11.83 27.33 -30.77
CA ASP A 223 10.56 26.74 -30.34
C ASP A 223 9.57 27.83 -29.88
N LYS A 224 8.45 27.98 -30.60
CA LYS A 224 7.39 28.95 -30.27
C LYS A 224 6.69 28.63 -28.95
N GLU A 225 6.64 27.34 -28.58
CA GLU A 225 6.02 26.89 -27.34
C GLU A 225 6.98 26.89 -26.15
N GLN A 226 8.28 27.14 -26.43
CA GLN A 226 9.39 27.21 -25.48
C GLN A 226 9.42 26.03 -24.49
N TRP A 227 9.49 24.78 -25.01
CA TRP A 227 9.57 23.60 -24.16
C TRP A 227 10.88 23.52 -23.36
N LYS A 228 11.91 24.31 -23.77
CA LYS A 228 13.17 24.44 -23.06
C LYS A 228 12.90 24.98 -21.65
N GLU A 229 11.81 25.77 -21.49
CA GLU A 229 11.39 26.34 -20.22
C GLU A 229 11.04 25.25 -19.22
N VAL A 230 10.57 24.07 -19.67
CA VAL A 230 10.25 22.94 -18.81
C VAL A 230 11.55 22.50 -18.06
N HIS A 231 12.69 22.38 -18.77
CA HIS A 231 13.96 22.05 -18.13
C HIS A 231 14.48 23.23 -17.32
N LYS A 232 14.31 24.46 -17.83
CA LYS A 232 14.75 25.66 -17.13
C LYS A 232 14.00 25.78 -15.79
N GLN A 233 12.70 25.42 -15.77
CA GLN A 233 11.86 25.43 -14.58
C GLN A 233 12.26 24.35 -13.59
N VAL A 234 12.88 23.23 -14.04
CA VAL A 234 13.38 22.19 -13.13
C VAL A 234 14.44 22.83 -12.23
N VAL A 235 15.39 23.56 -12.85
CA VAL A 235 16.47 24.25 -12.13
C VAL A 235 15.90 25.44 -11.32
N GLU A 236 15.04 26.26 -11.93
CA GLU A 236 14.42 27.43 -11.28
C GLU A 236 13.55 27.07 -10.09
N SER A 237 12.76 25.99 -10.21
CA SER A 237 11.87 25.41 -9.17
C SER A 237 12.65 25.12 -7.90
N ALA A 238 13.82 24.49 -8.02
CA ALA A 238 14.68 24.11 -6.90
C ALA A 238 15.12 25.31 -6.06
N TYR A 239 15.57 26.39 -6.73
CA TYR A 239 16.00 27.63 -6.08
C TYR A 239 14.79 28.33 -5.48
N GLU A 240 13.64 28.25 -6.18
CA GLU A 240 12.40 28.86 -5.72
C GLU A 240 11.92 28.22 -4.40
N VAL A 241 11.98 26.88 -4.27
CA VAL A 241 11.59 26.18 -3.04
C VAL A 241 12.51 26.62 -1.88
N ILE A 242 13.84 26.72 -2.13
CA ILE A 242 14.82 27.18 -1.14
C ILE A 242 14.49 28.60 -0.66
N LYS A 243 14.22 29.50 -1.61
CA LYS A 243 13.83 30.89 -1.34
C LYS A 243 12.56 30.95 -0.48
N LEU A 244 11.55 30.12 -0.81
CA LEU A 244 10.24 30.11 -0.15
C LEU A 244 10.19 29.42 1.22
N LYS A 245 10.84 28.25 1.41
CA LYS A 245 10.75 27.56 2.71
C LYS A 245 12.12 27.32 3.39
N GLY A 246 13.22 27.67 2.72
CA GLY A 246 14.56 27.58 3.28
C GLY A 246 15.36 26.32 2.98
N TYR A 247 14.68 25.29 2.47
CA TYR A 247 15.27 23.99 2.14
C TYR A 247 14.24 23.21 1.33
N THR A 248 14.62 22.02 0.83
CA THR A 248 13.68 21.12 0.14
C THR A 248 13.74 19.79 0.90
N SER A 249 12.62 19.07 0.98
CA SER A 249 12.64 17.81 1.71
C SER A 249 11.73 16.75 1.15
N TRP A 250 10.42 17.06 0.98
CA TRP A 250 9.41 16.08 0.58
C TRP A 250 9.71 15.39 -0.75
N ALA A 251 10.00 16.16 -1.82
CA ALA A 251 10.30 15.60 -3.14
C ALA A 251 11.54 14.70 -3.13
N ILE A 252 12.65 15.14 -2.50
CA ILE A 252 13.87 14.32 -2.42
C ILE A 252 13.63 13.02 -1.63
N GLY A 253 12.93 13.12 -0.50
CA GLY A 253 12.61 11.96 0.34
C GLY A 253 11.85 10.89 -0.43
N LEU A 254 10.82 11.32 -1.18
CA LEU A 254 10.00 10.44 -2.02
C LEU A 254 10.81 9.79 -3.14
N SER A 255 11.70 10.58 -3.80
CA SER A 255 12.55 10.08 -4.89
CA SER A 255 12.55 10.09 -4.89
C SER A 255 13.56 9.04 -4.38
N VAL A 256 14.14 9.29 -3.19
CA VAL A 256 15.12 8.39 -2.56
C VAL A 256 14.43 7.08 -2.18
N ALA A 257 13.21 7.16 -1.62
CA ALA A 257 12.45 5.97 -1.23
C ALA A 257 12.10 5.13 -2.47
N ASP A 258 11.89 5.78 -3.63
CA ASP A 258 11.64 5.07 -4.89
C ASP A 258 12.88 4.26 -5.31
N LEU A 259 14.09 4.85 -5.14
CA LEU A 259 15.36 4.15 -5.43
C LEU A 259 15.54 3.00 -4.43
N ALA A 260 15.27 3.30 -3.13
CA ALA A 260 15.39 2.30 -2.05
C ALA A 260 14.50 1.10 -2.33
N GLU A 261 13.29 1.33 -2.91
CA GLU A 261 12.34 0.27 -3.23
C GLU A 261 12.92 -0.69 -4.29
N SER A 262 13.49 -0.15 -5.37
CA SER A 262 14.07 -0.99 -6.43
C SER A 262 15.23 -1.83 -5.91
N ILE A 263 16.08 -1.24 -5.06
CA ILE A 263 17.21 -1.94 -4.46
C ILE A 263 16.75 -3.04 -3.47
N MET A 264 15.91 -2.66 -2.46
CA MET A 264 15.43 -3.59 -1.44
C MET A 264 14.57 -4.73 -2.01
N LYS A 265 13.77 -4.44 -3.04
CA LYS A 265 12.90 -5.44 -3.64
C LYS A 265 13.47 -6.10 -4.90
N ASN A 266 14.74 -5.78 -5.26
CA ASN A 266 15.45 -6.29 -6.45
C ASN A 266 14.57 -6.14 -7.71
N LEU A 267 13.96 -4.96 -7.90
CA LEU A 267 12.99 -4.78 -8.98
C LEU A 267 13.60 -4.73 -10.38
N ARG A 268 14.84 -4.23 -10.53
CA ARG A 268 15.48 -4.10 -11.84
C ARG A 268 14.70 -3.09 -12.71
N ARG A 269 14.20 -2.01 -12.05
CA ARG A 269 13.55 -0.90 -12.75
C ARG A 269 14.70 0.00 -13.15
N VAL A 270 14.46 0.87 -14.14
CA VAL A 270 15.46 1.78 -14.67
C VAL A 270 15.26 3.17 -14.07
N HIS A 271 16.33 3.71 -13.47
CA HIS A 271 16.30 5.02 -12.81
C HIS A 271 17.44 5.90 -13.27
N PRO A 272 17.26 7.25 -13.33
CA PRO A 272 18.40 8.12 -13.65
C PRO A 272 19.17 8.41 -12.37
N VAL A 273 20.26 7.68 -12.18
CA VAL A 273 21.11 7.82 -10.99
C VAL A 273 22.55 8.00 -11.43
N SER A 274 23.37 8.57 -10.56
CA SER A 274 24.78 8.81 -10.84
C SER A 274 25.64 7.54 -10.67
N THR A 275 26.35 7.18 -11.74
CA THR A 275 27.25 6.02 -11.78
C THR A 275 28.59 6.39 -12.41
N MET A 276 29.62 5.58 -12.19
CA MET A 276 30.96 5.82 -12.73
C MET A 276 30.89 5.60 -14.24
N ILE A 277 30.90 6.72 -15.03
CA ILE A 277 30.68 6.80 -16.48
C ILE A 277 31.94 6.67 -17.38
N LYS A 278 33.12 6.47 -16.79
CA LYS A 278 34.35 6.32 -17.58
C LYS A 278 34.15 5.26 -18.68
N GLY A 279 34.52 5.61 -19.91
CA GLY A 279 34.35 4.71 -21.04
C GLY A 279 33.18 5.05 -21.93
N LEU A 280 32.36 6.05 -21.54
CA LEU A 280 31.20 6.51 -22.31
C LEU A 280 31.32 7.97 -22.67
N TYR A 281 30.75 8.37 -23.83
CA TYR A 281 30.69 9.75 -24.34
C TYR A 281 32.05 10.47 -24.38
N GLY A 282 33.09 9.70 -24.67
CA GLY A 282 34.45 10.21 -24.75
C GLY A 282 35.03 10.58 -23.41
N ILE A 283 34.35 10.17 -22.31
CA ILE A 283 34.79 10.44 -20.94
C ILE A 283 35.83 9.40 -20.55
N LYS A 284 37.04 9.89 -20.18
CA LYS A 284 38.20 9.08 -19.80
C LYS A 284 38.55 9.18 -18.33
N ASP A 285 37.91 10.12 -17.60
CA ASP A 285 38.16 10.32 -16.16
C ASP A 285 37.22 9.56 -15.24
N ASP A 286 37.65 9.31 -13.99
CA ASP A 286 36.86 8.62 -12.96
C ASP A 286 35.80 9.59 -12.44
N VAL A 287 34.72 9.78 -13.20
CA VAL A 287 33.65 10.69 -12.78
C VAL A 287 32.30 9.96 -12.78
N PHE A 288 31.40 10.43 -11.93
CA PHE A 288 30.06 9.90 -11.80
C PHE A 288 29.08 10.90 -12.40
N LEU A 289 28.26 10.42 -13.34
CA LEU A 289 27.22 11.21 -13.99
C LEU A 289 25.99 10.35 -14.10
N SER A 290 24.82 10.97 -14.21
CA SER A 290 23.57 10.23 -14.30
C SER A 290 23.27 9.74 -15.68
N VAL A 291 22.95 8.45 -15.75
CA VAL A 291 22.47 7.74 -16.95
C VAL A 291 21.35 6.82 -16.45
N PRO A 292 20.47 6.28 -17.32
CA PRO A 292 19.46 5.35 -16.82
C PRO A 292 20.13 4.04 -16.43
N CYS A 293 19.97 3.64 -15.16
CA CYS A 293 20.59 2.46 -14.58
C CYS A 293 19.52 1.48 -14.12
N ILE A 294 19.83 0.18 -14.24
CA ILE A 294 18.96 -0.89 -13.76
C ILE A 294 19.35 -1.11 -12.30
N LEU A 295 18.39 -0.89 -11.36
CA LEU A 295 18.65 -1.00 -9.92
C LEU A 295 18.03 -2.24 -9.31
N GLY A 296 18.83 -2.93 -8.52
CA GLY A 296 18.38 -4.13 -7.84
C GLY A 296 19.19 -4.45 -6.60
N GLN A 297 19.16 -5.70 -6.18
CA GLN A 297 19.82 -6.15 -4.94
C GLN A 297 21.35 -5.97 -4.93
N ASN A 298 21.98 -5.84 -6.10
CA ASN A 298 23.43 -5.63 -6.18
C ASN A 298 23.76 -4.18 -6.55
N GLY A 299 22.76 -3.31 -6.43
CA GLY A 299 22.89 -1.90 -6.77
C GLY A 299 22.75 -1.74 -8.28
N ILE A 300 23.71 -1.06 -8.93
CA ILE A 300 23.69 -0.87 -10.39
C ILE A 300 24.30 -2.09 -11.08
N SER A 301 23.47 -2.96 -11.66
CA SER A 301 23.98 -4.13 -12.36
C SER A 301 24.22 -3.83 -13.83
N ASP A 302 23.45 -2.88 -14.39
CA ASP A 302 23.50 -2.53 -15.79
C ASP A 302 23.13 -1.08 -16.03
N LEU A 303 23.48 -0.55 -17.21
CA LEU A 303 23.07 0.79 -17.58
C LEU A 303 22.56 0.81 -19.01
N VAL A 304 21.65 1.75 -19.31
CA VAL A 304 21.09 1.94 -20.66
C VAL A 304 22.02 2.89 -21.39
N LYS A 305 22.41 2.51 -22.61
CA LYS A 305 23.28 3.34 -23.46
C LYS A 305 22.39 4.23 -24.32
N VAL A 306 22.15 5.44 -23.83
CA VAL A 306 21.31 6.43 -24.49
C VAL A 306 22.06 7.04 -25.67
N THR A 307 21.44 7.08 -26.85
CA THR A 307 22.03 7.73 -28.01
C THR A 307 21.84 9.24 -27.78
N LEU A 308 22.95 9.96 -27.64
CA LEU A 308 22.92 11.40 -27.41
C LEU A 308 23.35 12.14 -28.69
N THR A 309 22.82 13.34 -28.90
CA THR A 309 23.21 14.18 -30.03
C THR A 309 24.60 14.73 -29.70
N SER A 310 25.28 15.33 -30.69
CA SER A 310 26.60 15.93 -30.51
C SER A 310 26.64 16.97 -29.38
N GLU A 311 25.59 17.82 -29.30
CA GLU A 311 25.45 18.85 -28.28
C GLU A 311 25.30 18.25 -26.87
N GLU A 312 24.45 17.20 -26.73
CA GLU A 312 24.22 16.50 -25.47
C GLU A 312 25.50 15.85 -24.99
N GLU A 313 26.22 15.16 -25.92
CA GLU A 313 27.50 14.51 -25.65
CA GLU A 313 27.50 14.51 -25.66
C GLU A 313 28.52 15.53 -25.16
N ALA A 314 28.59 16.72 -25.81
CA ALA A 314 29.51 17.80 -25.45
C ALA A 314 29.23 18.33 -24.04
N ARG A 315 27.96 18.46 -23.65
CA ARG A 315 27.57 18.93 -22.31
C ARG A 315 27.99 17.95 -21.21
N LEU A 316 27.88 16.63 -21.46
CA LEU A 316 28.30 15.61 -20.49
C LEU A 316 29.81 15.60 -20.34
N LYS A 317 30.53 15.76 -21.48
CA LYS A 317 31.98 15.83 -21.51
C LYS A 317 32.48 17.06 -20.75
N LYS A 318 31.78 18.21 -20.91
CA LYS A 318 32.17 19.45 -20.20
C LYS A 318 31.95 19.31 -18.69
N SER A 319 30.85 18.63 -18.28
CA SER A 319 30.55 18.32 -16.88
C SER A 319 31.65 17.40 -16.31
N ALA A 320 32.00 16.34 -17.06
CA ALA A 320 33.04 15.40 -16.67
C ALA A 320 34.40 16.10 -16.44
N ASP A 321 34.77 17.07 -17.32
CA ASP A 321 36.00 17.86 -17.23
C ASP A 321 35.98 18.75 -15.99
N THR A 322 34.84 19.39 -15.71
CA THR A 322 34.67 20.25 -14.53
C THR A 322 34.74 19.42 -13.22
N LEU A 323 34.01 18.29 -13.16
CA LEU A 323 34.00 17.41 -11.99
C LEU A 323 35.39 16.82 -11.73
N TRP A 324 36.10 16.37 -12.80
CA TRP A 324 37.45 15.84 -12.63
C TRP A 324 38.44 16.90 -12.15
N GLY A 325 38.26 18.13 -12.62
CA GLY A 325 39.06 19.29 -12.23
C GLY A 325 39.03 19.54 -10.75
N ILE A 326 37.85 19.38 -10.14
CA ILE A 326 37.64 19.52 -8.69
C ILE A 326 38.23 18.30 -7.96
N GLN A 327 37.88 17.09 -8.43
CA GLN A 327 38.26 15.81 -7.82
C GLN A 327 39.76 15.56 -7.74
N LYS A 328 40.52 15.93 -8.80
CA LYS A 328 41.98 15.73 -8.83
C LYS A 328 42.72 16.56 -7.75
N GLU A 329 42.08 17.63 -7.25
CA GLU A 329 42.61 18.53 -6.23
C GLU A 329 42.18 18.19 -4.79
N LEU A 330 41.24 17.22 -4.62
CA LEU A 330 40.73 16.85 -3.31
C LEU A 330 41.75 16.13 -2.43
N GLN A 331 41.83 16.55 -1.17
CA GLN A 331 42.74 15.92 -0.22
C GLN A 331 42.00 14.86 0.57
N PHE A 332 42.47 13.61 0.47
CA PHE A 332 41.89 12.45 1.14
C PHE A 332 42.64 12.12 2.44
N ALA B 2 -2.16 25.18 -34.52
CA ALA B 2 -2.10 24.03 -33.60
C ALA B 2 -0.88 24.09 -32.66
N THR B 3 -0.99 23.34 -31.55
CA THR B 3 0.02 23.22 -30.51
C THR B 3 0.48 21.76 -30.44
N LEU B 4 1.64 21.51 -29.81
CA LEU B 4 2.18 20.16 -29.59
C LEU B 4 1.15 19.30 -28.81
N LYS B 5 0.52 19.88 -27.77
CA LYS B 5 -0.48 19.19 -26.97
C LYS B 5 -1.65 18.72 -27.87
N ASP B 6 -2.14 19.58 -28.77
CA ASP B 6 -3.23 19.24 -29.69
C ASP B 6 -2.82 18.22 -30.76
N GLN B 7 -1.54 18.22 -31.16
CA GLN B 7 -1.01 17.26 -32.12
C GLN B 7 -0.92 15.88 -31.46
N LEU B 8 -0.56 15.86 -30.17
CA LEU B 8 -0.38 14.62 -29.41
C LEU B 8 -1.69 14.04 -28.89
N ILE B 9 -2.57 14.92 -28.38
CA ILE B 9 -3.79 14.49 -27.71
C ILE B 9 -5.06 15.03 -28.35
N TYR B 10 -6.00 14.12 -28.64
CA TYR B 10 -7.32 14.49 -29.13
C TYR B 10 -8.25 14.51 -27.93
N ASN B 11 -8.91 15.66 -27.69
CA ASN B 11 -9.82 15.81 -26.57
C ASN B 11 -11.25 15.37 -26.91
N LEU B 12 -11.83 14.48 -26.08
CA LEU B 12 -13.21 14.00 -26.25
C LEU B 12 -14.20 14.96 -25.58
N LEU B 13 -13.86 15.47 -24.38
CA LEU B 13 -14.68 16.45 -23.65
C LEU B 13 -13.84 17.36 -22.76
N LYS B 14 -14.26 18.62 -22.65
CA LYS B 14 -13.57 19.62 -21.85
C LYS B 14 -14.36 19.91 -20.55
N GLU B 15 -15.06 18.87 -20.04
CA GLU B 15 -15.90 18.88 -18.83
C GLU B 15 -15.13 19.35 -17.60
N GLU B 16 -15.67 20.38 -16.91
CA GLU B 16 -15.07 20.88 -15.66
C GLU B 16 -15.45 19.86 -14.60
N GLN B 17 -14.45 19.34 -13.89
CA GLN B 17 -14.68 18.33 -12.88
C GLN B 17 -14.29 18.82 -11.50
N THR B 18 -14.87 18.22 -10.47
CA THR B 18 -14.60 18.57 -9.09
C THR B 18 -14.07 17.34 -8.36
N PRO B 19 -13.17 17.50 -7.38
CA PRO B 19 -12.66 16.31 -6.67
C PRO B 19 -13.74 15.58 -5.90
N GLN B 20 -13.59 14.26 -5.80
CA GLN B 20 -14.54 13.40 -5.10
C GLN B 20 -14.09 13.13 -3.68
N ASN B 21 -12.78 13.27 -3.41
CA ASN B 21 -12.19 12.93 -2.11
C ASN B 21 -11.18 13.96 -1.66
N LYS B 22 -11.59 15.22 -1.60
CA LYS B 22 -10.70 16.31 -1.24
C LYS B 22 -10.52 16.44 0.27
N ILE B 23 -9.26 16.70 0.69
CA ILE B 23 -8.85 16.95 2.07
C ILE B 23 -8.11 18.29 2.08
N THR B 24 -8.37 19.11 3.11
CA THR B 24 -7.70 20.37 3.34
C THR B 24 -6.93 20.29 4.65
N VAL B 25 -5.72 20.84 4.65
CA VAL B 25 -4.91 20.97 5.85
C VAL B 25 -4.73 22.47 6.06
N VAL B 26 -5.17 22.99 7.22
CA VAL B 26 -5.02 24.40 7.58
C VAL B 26 -3.87 24.49 8.57
N GLY B 27 -2.82 25.20 8.16
CA GLY B 27 -1.60 25.36 8.94
C GLY B 27 -0.55 24.44 8.39
N VAL B 28 0.52 25.01 7.82
CA VAL B 28 1.57 24.22 7.20
C VAL B 28 2.87 24.22 8.03
N GLY B 29 2.73 24.12 9.35
CA GLY B 29 3.88 23.98 10.25
C GLY B 29 4.36 22.53 10.23
N ALA B 30 5.23 22.15 11.17
CA ALA B 30 5.72 20.77 11.24
C ALA B 30 4.60 19.74 11.36
N VAL B 31 3.55 20.06 12.14
CA VAL B 31 2.40 19.17 12.37
C VAL B 31 1.56 19.03 11.09
N GLY B 32 1.19 20.17 10.51
CA GLY B 32 0.37 20.25 9.31
C GLY B 32 0.99 19.52 8.14
N MET B 33 2.31 19.70 7.94
CA MET B 33 3.06 19.07 6.85
C MET B 33 3.27 17.57 7.05
N ALA B 34 3.40 17.11 8.31
CA ALA B 34 3.52 15.67 8.63
C ALA B 34 2.18 14.99 8.37
N CYS B 35 1.07 15.70 8.64
CA CYS B 35 -0.30 15.24 8.34
C CYS B 35 -0.43 15.09 6.81
N ALA B 36 -0.05 16.11 6.03
CA ALA B 36 -0.12 16.11 4.56
C ALA B 36 0.71 14.97 3.90
N ILE B 37 2.00 14.81 4.28
CA ILE B 37 2.82 13.75 3.71
C ILE B 37 2.26 12.35 4.03
N SER B 38 1.74 12.17 5.25
CA SER B 38 1.17 10.89 5.67
C SER B 38 -0.13 10.59 4.91
N ILE B 39 -0.98 11.61 4.70
CA ILE B 39 -2.22 11.48 3.94
C ILE B 39 -1.89 11.17 2.47
N LEU B 40 -0.86 11.85 1.91
CA LEU B 40 -0.42 11.64 0.53
C LEU B 40 0.10 10.22 0.32
N MET B 41 0.94 9.72 1.26
CA MET B 41 1.51 8.38 1.12
C MET B 41 0.50 7.27 1.38
N LYS B 42 -0.68 7.62 1.92
CA LYS B 42 -1.74 6.64 2.18
C LYS B 42 -2.83 6.64 1.11
N ASP B 43 -2.68 7.48 0.05
CA ASP B 43 -3.64 7.59 -1.08
C ASP B 43 -5.07 7.84 -0.62
N LEU B 44 -5.28 8.76 0.34
CA LEU B 44 -6.61 9.01 0.89
C LEU B 44 -7.41 10.08 0.16
N ALA B 45 -6.72 10.94 -0.60
CA ALA B 45 -7.33 12.06 -1.29
C ALA B 45 -7.05 12.09 -2.78
N ASP B 46 -7.98 12.66 -3.58
CA ASP B 46 -7.77 12.88 -5.00
C ASP B 46 -7.33 14.34 -5.20
N GLU B 47 -7.45 15.13 -4.12
CA GLU B 47 -7.04 16.52 -4.11
C GLU B 47 -6.65 16.93 -2.70
N LEU B 48 -5.49 17.58 -2.56
CA LEU B 48 -5.04 18.09 -1.28
C LEU B 48 -4.91 19.61 -1.36
N ALA B 49 -5.57 20.31 -0.44
CA ALA B 49 -5.49 21.78 -0.35
C ALA B 49 -4.74 22.15 0.92
N LEU B 50 -3.84 23.14 0.82
CA LEU B 50 -3.08 23.64 1.97
C LEU B 50 -3.41 25.12 2.17
N VAL B 51 -3.63 25.54 3.43
CA VAL B 51 -3.93 26.94 3.74
C VAL B 51 -3.04 27.37 4.89
N ASP B 52 -2.56 28.61 4.85
CA ASP B 52 -1.76 29.25 5.89
C ASP B 52 -1.79 30.77 5.65
N VAL B 53 -1.29 31.55 6.61
CA VAL B 53 -1.20 33.01 6.51
C VAL B 53 0.20 33.43 6.04
N ILE B 54 1.21 32.54 6.22
CA ILE B 54 2.59 32.78 5.79
C ILE B 54 2.65 32.28 4.34
N GLU B 55 2.51 33.23 3.39
CA GLU B 55 2.40 32.98 1.97
C GLU B 55 3.64 32.32 1.30
N ASP B 56 4.87 32.75 1.64
CA ASP B 56 6.07 32.17 1.03
C ASP B 56 6.27 30.69 1.42
N LYS B 57 6.16 30.38 2.73
CA LYS B 57 6.28 29.03 3.26
C LYS B 57 5.19 28.12 2.66
N LEU B 58 3.95 28.63 2.56
CA LEU B 58 2.82 27.90 1.99
C LEU B 58 3.09 27.49 0.54
N LYS B 59 3.61 28.44 -0.29
CA LYS B 59 3.93 28.17 -1.69
C LYS B 59 5.05 27.15 -1.81
N GLY B 60 6.11 27.32 -1.02
CA GLY B 60 7.27 26.43 -0.98
C GLY B 60 6.91 25.01 -0.60
N GLU B 61 6.01 24.85 0.40
CA GLU B 61 5.54 23.54 0.85
C GLU B 61 4.71 22.85 -0.22
N MET B 62 3.80 23.61 -0.88
CA MET B 62 2.97 23.10 -1.97
C MET B 62 3.85 22.61 -3.12
N MET B 63 4.81 23.43 -3.57
CA MET B 63 5.72 23.10 -4.65
C MET B 63 6.55 21.85 -4.33
N ASP B 64 7.09 21.75 -3.09
CA ASP B 64 7.88 20.61 -2.66
C ASP B 64 7.08 19.29 -2.79
N LEU B 65 5.80 19.32 -2.35
CA LEU B 65 4.89 18.16 -2.46
C LEU B 65 4.61 17.83 -3.93
N GLN B 66 4.33 18.88 -4.75
CA GLN B 66 4.04 18.71 -6.17
C GLN B 66 5.22 18.09 -6.90
N HIS B 67 6.44 18.44 -6.52
CA HIS B 67 7.65 17.90 -7.15
C HIS B 67 7.81 16.38 -6.94
N GLY B 68 7.10 15.82 -5.96
CA GLY B 68 7.11 14.38 -5.71
C GLY B 68 5.93 13.64 -6.30
N SER B 69 5.10 14.33 -7.14
CA SER B 69 3.90 13.81 -7.81
C SER B 69 4.09 12.48 -8.52
N LEU B 70 5.25 12.30 -9.16
CA LEU B 70 5.59 11.06 -9.89
C LEU B 70 5.48 9.83 -8.96
N PHE B 71 5.75 10.02 -7.67
CA PHE B 71 5.77 8.96 -6.65
C PHE B 71 4.48 8.88 -5.85
N LEU B 72 3.47 9.69 -6.20
CA LEU B 72 2.19 9.73 -5.48
C LEU B 72 1.00 9.40 -6.38
N ARG B 73 -0.19 9.24 -5.77
CA ARG B 73 -1.43 8.94 -6.47
CA ARG B 73 -1.44 8.97 -6.49
C ARG B 73 -2.51 10.00 -6.13
N THR B 74 -2.07 11.25 -5.88
CA THR B 74 -2.95 12.40 -5.57
C THR B 74 -2.66 13.39 -6.68
N PRO B 75 -3.55 13.46 -7.71
CA PRO B 75 -3.21 14.22 -8.92
C PRO B 75 -3.23 15.74 -8.82
N LYS B 76 -3.81 16.32 -7.77
CA LYS B 76 -3.90 17.77 -7.64
C LYS B 76 -3.58 18.22 -6.22
N ILE B 77 -2.53 19.04 -6.09
CA ILE B 77 -2.13 19.65 -4.83
C ILE B 77 -2.22 21.16 -5.06
N VAL B 78 -3.05 21.85 -4.25
CA VAL B 78 -3.29 23.29 -4.34
C VAL B 78 -3.05 23.97 -2.99
N SER B 79 -2.81 25.29 -3.04
CA SER B 79 -2.61 26.08 -1.83
C SER B 79 -3.04 27.53 -2.04
N GLY B 80 -3.26 28.23 -0.94
CA GLY B 80 -3.65 29.63 -0.94
C GLY B 80 -4.06 30.14 0.42
N LYS B 81 -3.97 31.47 0.59
CA LYS B 81 -4.36 32.20 1.79
C LYS B 81 -5.88 32.29 1.78
N ASP B 82 -6.50 32.31 0.58
CA ASP B 82 -7.94 32.38 0.38
C ASP B 82 -8.53 30.96 0.46
N TYR B 83 -9.67 30.83 1.14
CA TYR B 83 -10.33 29.57 1.39
C TYR B 83 -11.12 29.02 0.20
N ASN B 84 -11.10 29.72 -0.95
CA ASN B 84 -11.76 29.20 -2.15
C ASN B 84 -11.02 27.96 -2.68
N VAL B 85 -9.73 27.80 -2.31
CA VAL B 85 -8.91 26.63 -2.69
C VAL B 85 -9.38 25.35 -1.94
N THR B 86 -10.14 25.53 -0.82
CA THR B 86 -10.63 24.45 0.06
C THR B 86 -12.04 23.98 -0.28
N ALA B 87 -12.71 24.61 -1.26
CA ALA B 87 -14.09 24.30 -1.63
C ALA B 87 -14.34 22.81 -1.86
N ASN B 88 -15.48 22.32 -1.34
CA ASN B 88 -15.99 20.94 -1.44
C ASN B 88 -15.04 19.89 -0.85
N SER B 89 -14.42 20.22 0.31
CA SER B 89 -13.55 19.29 1.05
C SER B 89 -14.45 18.34 1.83
N LYS B 90 -14.08 17.05 1.85
CA LYS B 90 -14.79 16.03 2.62
C LYS B 90 -14.30 16.12 4.08
N LEU B 91 -13.00 16.46 4.26
CA LEU B 91 -12.36 16.56 5.56
C LEU B 91 -11.44 17.76 5.65
N VAL B 92 -11.57 18.55 6.72
CA VAL B 92 -10.73 19.72 6.92
C VAL B 92 -9.97 19.55 8.23
N ILE B 93 -8.65 19.50 8.16
CA ILE B 93 -7.77 19.31 9.31
C ILE B 93 -7.17 20.64 9.75
N ILE B 94 -7.44 21.03 11.01
CA ILE B 94 -6.92 22.30 11.56
C ILE B 94 -5.73 22.04 12.47
N THR B 95 -4.54 22.50 12.05
CA THR B 95 -3.28 22.39 12.78
C THR B 95 -2.71 23.81 13.01
N ALA B 96 -3.51 24.86 12.78
CA ALA B 96 -3.09 26.25 12.92
C ALA B 96 -3.16 26.72 14.37
N GLY B 97 -2.22 27.58 14.75
CA GLY B 97 -2.19 28.15 16.10
C GLY B 97 -0.87 28.74 16.50
N ALA B 98 -0.77 29.11 17.81
CA ALA B 98 0.42 29.69 18.44
C ALA B 98 1.26 28.60 19.12
N SER B 105 0.58 34.03 29.53
CA SER B 105 -0.21 33.12 30.37
C SER B 105 -1.04 32.14 29.54
N ARG B 106 -1.37 30.95 30.12
CA ARG B 106 -2.13 29.87 29.49
C ARG B 106 -3.51 30.28 29.00
N LEU B 107 -4.19 31.18 29.74
CA LEU B 107 -5.55 31.66 29.40
C LEU B 107 -5.48 32.64 28.22
N ASN B 108 -4.46 33.52 28.23
CA ASN B 108 -4.18 34.50 27.17
C ASN B 108 -3.92 33.74 25.86
N LEU B 109 -3.20 32.59 25.94
CA LEU B 109 -2.88 31.68 24.84
C LEU B 109 -4.15 31.12 24.18
N VAL B 110 -5.08 30.56 25.00
CA VAL B 110 -6.35 29.97 24.55
C VAL B 110 -7.12 30.99 23.72
N GLN B 111 -7.28 32.22 24.25
CA GLN B 111 -8.01 33.31 23.60
C GLN B 111 -7.37 33.71 22.25
N ARG B 112 -6.03 33.61 22.13
CA ARG B 112 -5.33 33.90 20.87
C ARG B 112 -5.71 32.86 19.79
N ASN B 113 -5.81 31.58 20.18
CA ASN B 113 -6.22 30.46 19.32
C ASN B 113 -7.70 30.60 18.97
N VAL B 114 -8.53 31.06 19.93
CA VAL B 114 -9.97 31.35 19.72
C VAL B 114 -10.05 32.46 18.65
N ASN B 115 -9.16 33.47 18.73
CA ASN B 115 -9.16 34.55 17.76
C ASN B 115 -8.82 34.05 16.36
N ILE B 116 -7.86 33.13 16.27
CA ILE B 116 -7.46 32.49 15.00
C ILE B 116 -8.67 31.69 14.45
N PHE B 117 -9.33 30.89 15.31
CA PHE B 117 -10.47 30.06 14.94
C PHE B 117 -11.68 30.88 14.47
N LYS B 118 -11.89 32.08 15.05
CA LYS B 118 -12.96 33.02 14.65
C LYS B 118 -12.83 33.42 13.19
N PHE B 119 -11.59 33.41 12.66
CA PHE B 119 -11.33 33.73 11.25
CA PHE B 119 -11.35 33.73 11.25
C PHE B 119 -11.41 32.46 10.38
N ILE B 120 -10.72 31.38 10.81
CA ILE B 120 -10.65 30.10 10.09
C ILE B 120 -11.99 29.40 9.89
N ILE B 121 -12.67 29.06 11.00
CA ILE B 121 -13.88 28.25 10.97
C ILE B 121 -14.98 28.81 10.05
N PRO B 122 -15.42 30.11 10.10
CA PRO B 122 -16.47 30.55 9.17
C PRO B 122 -16.06 30.40 7.71
N ASN B 123 -14.76 30.64 7.41
CA ASN B 123 -14.21 30.50 6.06
C ASN B 123 -14.24 29.05 5.58
N VAL B 124 -13.96 28.09 6.49
CA VAL B 124 -14.00 26.66 6.17
C VAL B 124 -15.46 26.26 5.86
N VAL B 125 -16.39 26.65 6.74
CA VAL B 125 -17.83 26.38 6.65
C VAL B 125 -18.44 26.95 5.35
N LYS B 126 -18.01 28.17 4.99
CA LYS B 126 -18.45 28.84 3.77
C LYS B 126 -18.21 28.00 2.51
N TYR B 127 -17.00 27.43 2.37
CA TYR B 127 -16.59 26.68 1.19
C TYR B 127 -16.82 25.17 1.27
N SER B 128 -16.89 24.59 2.47
CA SER B 128 -17.18 23.16 2.63
C SER B 128 -18.23 22.99 3.74
N PRO B 129 -19.50 23.36 3.49
CA PRO B 129 -20.53 23.25 4.54
C PRO B 129 -20.84 21.83 5.03
N ASN B 130 -20.53 20.80 4.23
CA ASN B 130 -20.80 19.41 4.59
C ASN B 130 -19.55 18.62 5.02
N CYS B 131 -18.43 19.30 5.24
CA CYS B 131 -17.19 18.65 5.66
C CYS B 131 -17.23 18.16 7.09
N LYS B 132 -16.26 17.29 7.41
CA LYS B 132 -15.98 16.83 8.76
C LYS B 132 -14.80 17.72 9.17
N LEU B 133 -14.83 18.26 10.40
CA LEU B 133 -13.73 19.07 10.91
C LEU B 133 -12.91 18.23 11.86
N LEU B 134 -11.60 18.16 11.65
CA LEU B 134 -10.69 17.43 12.53
C LEU B 134 -9.73 18.43 13.14
N ILE B 135 -9.87 18.67 14.46
CA ILE B 135 -9.07 19.64 15.20
C ILE B 135 -7.85 19.00 15.85
N VAL B 136 -6.66 19.53 15.54
CA VAL B 136 -5.38 19.04 16.08
C VAL B 136 -4.77 20.11 17.00
N SER B 137 -4.96 21.41 16.67
CA SER B 137 -4.41 22.55 17.43
C SER B 137 -4.73 22.45 18.92
N ASN B 138 -3.75 22.82 19.76
CA ASN B 138 -3.89 22.79 21.21
C ASN B 138 -4.35 24.11 21.85
N PRO B 139 -5.07 24.10 23.01
CA PRO B 139 -5.60 22.94 23.77
C PRO B 139 -6.78 22.31 23.01
N VAL B 140 -6.53 21.11 22.47
CA VAL B 140 -7.41 20.40 21.54
C VAL B 140 -8.85 20.25 22.04
N ASP B 141 -9.08 19.89 23.32
CA ASP B 141 -10.44 19.72 23.82
C ASP B 141 -11.21 21.04 23.82
N ILE B 142 -10.55 22.15 24.23
CA ILE B 142 -11.17 23.48 24.21
C ILE B 142 -11.39 23.94 22.75
N LEU B 143 -10.39 23.76 21.89
CA LEU B 143 -10.48 24.22 20.49
C LEU B 143 -11.46 23.40 19.64
N THR B 144 -11.78 22.15 20.04
CA THR B 144 -12.80 21.34 19.34
C THR B 144 -14.17 21.91 19.71
N TYR B 145 -14.34 22.34 20.98
CA TYR B 145 -15.57 22.99 21.45
C TYR B 145 -15.78 24.30 20.68
N VAL B 146 -14.70 25.10 20.55
CA VAL B 146 -14.66 26.39 19.86
C VAL B 146 -15.06 26.22 18.39
N ALA B 147 -14.47 25.22 17.71
CA ALA B 147 -14.81 24.90 16.31
C ALA B 147 -16.26 24.50 16.19
N TRP B 148 -16.76 23.70 17.15
CA TRP B 148 -18.16 23.26 17.17
C TRP B 148 -19.11 24.47 17.35
N LYS B 149 -18.81 25.35 18.30
CA LYS B 149 -19.60 26.54 18.59
C LYS B 149 -19.64 27.51 17.39
N ILE B 150 -18.47 27.84 16.82
CA ILE B 150 -18.38 28.76 15.66
C ILE B 150 -19.02 28.17 14.39
N SER B 151 -18.70 26.91 14.04
CA SER B 151 -19.22 26.27 12.83
C SER B 151 -20.73 26.10 12.78
N GLY B 152 -21.32 25.76 13.92
CA GLY B 152 -22.75 25.45 13.99
C GLY B 152 -23.02 24.04 13.46
N PHE B 153 -21.95 23.24 13.28
CA PHE B 153 -22.06 21.88 12.76
C PHE B 153 -22.67 20.94 13.79
N PRO B 154 -23.36 19.84 13.37
CA PRO B 154 -23.81 18.86 14.37
C PRO B 154 -22.57 18.18 15.00
N LYS B 155 -22.68 17.72 16.25
CA LYS B 155 -21.54 17.14 16.99
C LYS B 155 -20.79 16.04 16.24
N ASN B 156 -21.47 15.24 15.40
CA ASN B 156 -20.82 14.15 14.65
C ASN B 156 -19.75 14.63 13.66
N ARG B 157 -19.84 15.87 13.18
CA ARG B 157 -18.91 16.41 12.19
C ARG B 157 -17.80 17.27 12.79
N VAL B 158 -17.68 17.30 14.13
CA VAL B 158 -16.60 18.05 14.79
C VAL B 158 -15.82 17.07 15.65
N ILE B 159 -14.61 16.73 15.21
CA ILE B 159 -13.79 15.71 15.87
C ILE B 159 -12.46 16.32 16.32
N GLY B 160 -12.09 16.09 17.57
CA GLY B 160 -10.80 16.54 18.07
C GLY B 160 -9.83 15.36 18.11
N SER B 161 -8.58 15.58 17.69
CA SER B 161 -7.52 14.55 17.70
C SER B 161 -7.48 13.90 19.09
N GLY B 162 -7.74 14.69 20.13
CA GLY B 162 -7.86 14.24 21.51
C GLY B 162 -6.78 13.31 22.02
N CYS B 163 -7.20 12.12 22.53
CA CYS B 163 -6.29 11.14 23.10
C CYS B 163 -5.81 10.10 22.11
N ASN B 164 -5.90 10.38 20.81
CA ASN B 164 -5.47 9.43 19.77
C ASN B 164 -3.98 9.19 19.87
N LEU B 165 -3.19 10.27 19.93
CA LEU B 165 -1.74 10.19 20.06
C LEU B 165 -1.32 9.63 21.43
N ASP B 166 -1.98 10.07 22.53
CA ASP B 166 -1.71 9.60 23.90
C ASP B 166 -1.83 8.07 23.94
N SER B 167 -2.92 7.52 23.34
CA SER B 167 -3.16 6.08 23.29
C SER B 167 -2.11 5.37 22.43
N ALA B 168 -1.70 5.99 21.29
CA ALA B 168 -0.70 5.40 20.41
C ALA B 168 0.65 5.29 21.14
N ARG B 169 1.04 6.33 21.91
CA ARG B 169 2.29 6.33 22.68
C ARG B 169 2.21 5.30 23.80
N PHE B 170 1.04 5.20 24.45
CA PHE B 170 0.81 4.23 25.53
C PHE B 170 1.02 2.81 25.00
N ARG B 171 0.43 2.52 23.82
CA ARG B 171 0.54 1.20 23.18
C ARG B 171 1.97 0.91 22.74
N TYR B 172 2.72 1.94 22.33
CA TYR B 172 4.13 1.80 21.97
C TYR B 172 4.92 1.36 23.22
N LEU B 173 4.71 2.06 24.35
CA LEU B 173 5.39 1.81 25.62
C LEU B 173 5.01 0.44 26.20
N MET B 174 3.73 0.06 26.06
CA MET B 174 3.21 -1.23 26.49
C MET B 174 3.89 -2.33 25.66
N GLY B 175 3.97 -2.11 24.35
CA GLY B 175 4.61 -3.02 23.41
C GLY B 175 6.08 -3.28 23.72
N GLU B 176 6.81 -2.21 24.08
CA GLU B 176 8.22 -2.27 24.47
C GLU B 176 8.43 -3.12 25.72
N ARG B 177 7.55 -2.95 26.73
CA ARG B 177 7.63 -3.72 27.97
C ARG B 177 7.31 -5.21 27.76
N LEU B 178 6.34 -5.51 26.87
CA LEU B 178 5.91 -6.88 26.64
C LEU B 178 6.61 -7.61 25.49
N GLY B 179 7.33 -6.89 24.64
CA GLY B 179 7.99 -7.48 23.47
C GLY B 179 6.98 -7.91 22.42
N VAL B 180 5.91 -7.13 22.28
CA VAL B 180 4.81 -7.38 21.34
C VAL B 180 4.58 -6.09 20.52
N HIS B 181 4.19 -6.23 19.23
CA HIS B 181 3.93 -5.07 18.37
C HIS B 181 2.81 -4.22 18.98
N PRO B 182 2.89 -2.86 18.95
CA PRO B 182 1.79 -2.04 19.48
C PRO B 182 0.40 -2.38 18.92
N LEU B 183 0.31 -2.91 17.68
CA LEU B 183 -0.96 -3.32 17.06
C LEU B 183 -1.66 -4.41 17.89
N SER B 184 -0.88 -5.24 18.62
CA SER B 184 -1.43 -6.34 19.42
C SER B 184 -1.49 -6.03 20.91
N CYS B 185 -1.11 -4.81 21.30
CA CYS B 185 -1.15 -4.32 22.68
C CYS B 185 -2.27 -3.32 22.78
N HIS B 186 -3.38 -3.71 23.45
CA HIS B 186 -4.57 -2.87 23.54
C HIS B 186 -4.65 -2.15 24.86
N GLY B 187 -4.94 -0.86 24.78
CA GLY B 187 -4.99 -0.01 25.96
C GLY B 187 -5.49 1.35 25.56
N TRP B 188 -6.39 1.92 26.39
CA TRP B 188 -7.05 3.16 26.09
C TRP B 188 -6.72 4.26 27.08
N VAL B 189 -6.30 5.41 26.55
CA VAL B 189 -6.03 6.62 27.34
C VAL B 189 -7.16 7.56 26.94
N LEU B 190 -8.01 7.94 27.92
CA LEU B 190 -9.20 8.75 27.65
C LEU B 190 -9.24 10.05 28.43
N GLY B 191 -10.32 10.81 28.23
CA GLY B 191 -10.54 12.06 28.91
C GLY B 191 -9.88 13.24 28.24
N GLU B 192 -9.28 14.09 29.06
CA GLU B 192 -8.62 15.32 28.63
C GLU B 192 -7.26 15.02 28.07
N HIS B 193 -7.00 15.46 26.83
CA HIS B 193 -5.71 15.25 26.17
C HIS B 193 -4.59 15.92 26.96
N GLY B 194 -3.46 15.24 27.09
CA GLY B 194 -2.30 15.80 27.76
C GLY B 194 -2.08 15.33 29.19
N ASP B 195 -1.67 16.28 30.06
CA ASP B 195 -1.31 16.03 31.46
C ASP B 195 -2.36 15.33 32.29
N SER B 196 -3.65 15.65 32.07
CA SER B 196 -4.77 15.13 32.85
C SER B 196 -5.49 13.88 32.25
N SER B 197 -4.91 13.23 31.23
CA SER B 197 -5.49 12.05 30.59
C SER B 197 -5.62 10.87 31.56
N VAL B 198 -6.56 9.95 31.26
CA VAL B 198 -6.87 8.81 32.12
C VAL B 198 -6.53 7.47 31.45
N PRO B 199 -5.54 6.71 31.99
CA PRO B 199 -5.27 5.36 31.45
C PRO B 199 -6.33 4.40 32.00
N VAL B 200 -7.07 3.72 31.11
CA VAL B 200 -8.12 2.82 31.58
C VAL B 200 -7.51 1.43 31.81
N TRP B 201 -6.98 1.20 33.02
CA TRP B 201 -6.29 -0.04 33.38
C TRP B 201 -7.11 -1.31 33.11
N SER B 202 -8.45 -1.28 33.30
CA SER B 202 -9.34 -2.43 33.08
C SER B 202 -9.38 -2.95 31.65
N GLY B 203 -9.11 -2.09 30.67
CA GLY B 203 -9.14 -2.48 29.26
C GLY B 203 -7.82 -2.90 28.66
N MET B 204 -6.73 -2.76 29.42
CA MET B 204 -5.37 -3.08 29.00
C MET B 204 -5.25 -4.60 28.81
N ASN B 205 -5.02 -5.04 27.58
CA ASN B 205 -4.96 -6.48 27.32
C ASN B 205 -4.13 -6.86 26.12
N VAL B 206 -3.75 -8.13 26.06
CA VAL B 206 -3.11 -8.72 24.90
C VAL B 206 -3.95 -9.96 24.65
N ALA B 207 -4.44 -10.14 23.40
CA ALA B 207 -5.26 -11.28 22.99
C ALA B 207 -6.49 -11.52 23.89
N GLY B 208 -7.09 -10.43 24.38
CA GLY B 208 -8.27 -10.50 25.25
C GLY B 208 -7.96 -10.90 26.68
N VAL B 209 -6.68 -11.01 27.03
CA VAL B 209 -6.27 -11.38 28.39
C VAL B 209 -6.05 -10.09 29.17
N SER B 210 -6.92 -9.81 30.15
CA SER B 210 -6.81 -8.61 30.99
C SER B 210 -5.56 -8.61 31.85
N LEU B 211 -4.74 -7.55 31.71
CA LEU B 211 -3.52 -7.36 32.48
C LEU B 211 -3.86 -7.09 33.95
N LYS B 212 -4.98 -6.37 34.22
CA LYS B 212 -5.46 -6.04 35.56
C LYS B 212 -5.91 -7.31 36.30
N THR B 213 -6.55 -8.26 35.59
CA THR B 213 -7.00 -9.51 36.20
C THR B 213 -5.77 -10.35 36.60
N LEU B 214 -4.76 -10.38 35.74
CA LEU B 214 -3.51 -11.12 35.96
CA LEU B 214 -3.52 -11.11 35.94
C LEU B 214 -2.64 -10.43 37.01
N HIS B 215 -2.66 -9.11 37.08
CA HIS B 215 -1.84 -8.33 37.99
C HIS B 215 -2.72 -7.27 38.69
N PRO B 216 -3.43 -7.64 39.78
CA PRO B 216 -4.36 -6.69 40.43
C PRO B 216 -3.77 -5.35 40.87
N ASP B 217 -2.45 -5.29 41.12
CA ASP B 217 -1.76 -4.06 41.50
C ASP B 217 -1.56 -3.08 40.32
N LEU B 218 -1.83 -3.52 39.07
CA LEU B 218 -1.70 -2.72 37.85
C LEU B 218 -2.31 -1.32 37.98
N GLY B 219 -1.50 -0.31 37.75
CA GLY B 219 -1.92 1.08 37.81
C GLY B 219 -2.04 1.68 39.19
N THR B 220 -1.54 0.96 40.23
CA THR B 220 -1.58 1.49 41.62
C THR B 220 -0.16 1.80 42.08
N ASP B 221 -0.03 2.51 43.22
CA ASP B 221 1.28 2.82 43.81
C ASP B 221 1.93 1.58 44.45
N LYS B 222 1.12 0.55 44.82
CA LYS B 222 1.55 -0.74 45.39
C LYS B 222 2.32 -1.60 44.38
N ASP B 223 2.11 -1.34 43.07
CA ASP B 223 2.66 -2.09 41.94
C ASP B 223 4.18 -2.10 41.94
N LYS B 224 4.78 -3.28 42.12
CA LYS B 224 6.25 -3.46 42.15
C LYS B 224 6.87 -3.22 40.78
N GLU B 225 6.09 -3.44 39.71
CA GLU B 225 6.55 -3.23 38.33
C GLU B 225 6.29 -1.80 37.86
N GLN B 226 5.52 -1.01 38.65
CA GLN B 226 5.23 0.43 38.40
C GLN B 226 4.65 0.71 37.01
N TRP B 227 3.59 0.00 36.65
CA TRP B 227 2.95 0.20 35.34
C TRP B 227 2.35 1.61 35.20
N LYS B 228 2.11 2.32 36.33
CA LYS B 228 1.64 3.71 36.34
C LYS B 228 2.64 4.59 35.58
N GLU B 229 3.94 4.19 35.59
CA GLU B 229 5.04 4.87 34.91
C GLU B 229 4.83 4.87 33.40
N VAL B 230 4.13 3.85 32.84
CA VAL B 230 3.83 3.76 31.41
C VAL B 230 2.97 4.98 31.02
N HIS B 231 1.93 5.31 31.82
CA HIS B 231 1.11 6.48 31.54
C HIS B 231 1.89 7.77 31.84
N LYS B 232 2.69 7.77 32.93
CA LYS B 232 3.52 8.92 33.28
C LYS B 232 4.50 9.24 32.13
N GLN B 233 5.07 8.19 31.50
CA GLN B 233 5.99 8.31 30.36
C GLN B 233 5.29 8.82 29.11
N VAL B 234 3.97 8.60 28.95
CA VAL B 234 3.22 9.13 27.80
C VAL B 234 3.29 10.66 27.87
N VAL B 235 3.02 11.24 29.07
CA VAL B 235 3.08 12.68 29.34
C VAL B 235 4.56 13.15 29.24
N GLU B 236 5.49 12.46 29.93
CA GLU B 236 6.93 12.79 29.96
C GLU B 236 7.59 12.74 28.58
N SER B 237 7.25 11.73 27.75
CA SER B 237 7.74 11.53 26.37
C SER B 237 7.48 12.75 25.51
N ALA B 238 6.27 13.30 25.59
CA ALA B 238 5.86 14.46 24.80
C ALA B 238 6.75 15.70 25.06
N TYR B 239 7.01 16.00 26.35
CA TYR B 239 7.88 17.11 26.75
C TYR B 239 9.34 16.78 26.40
N GLU B 240 9.73 15.49 26.48
CA GLU B 240 11.07 15.04 26.15
C GLU B 240 11.38 15.23 24.66
N VAL B 241 10.42 14.90 23.76
CA VAL B 241 10.60 15.11 22.31
C VAL B 241 10.78 16.61 22.02
N ILE B 242 9.98 17.49 22.68
CA ILE B 242 10.07 18.95 22.53
C ILE B 242 11.45 19.43 22.95
N LYS B 243 11.93 18.96 24.11
CA LYS B 243 13.25 19.31 24.63
C LYS B 243 14.36 18.88 23.66
N LEU B 244 14.26 17.66 23.09
CA LEU B 244 15.27 17.08 22.21
C LEU B 244 15.29 17.63 20.77
N LYS B 245 14.13 17.83 20.10
CA LYS B 245 14.15 18.30 18.71
C LYS B 245 13.40 19.64 18.47
N GLY B 246 12.77 20.18 19.53
CA GLY B 246 12.08 21.48 19.47
C GLY B 246 10.60 21.45 19.18
N TYR B 247 10.08 20.32 18.71
CA TYR B 247 8.68 20.14 18.33
C TYR B 247 8.43 18.65 18.14
N THR B 248 7.17 18.24 17.90
CA THR B 248 6.84 16.86 17.55
C THR B 248 6.10 16.94 16.21
N SER B 249 6.28 15.94 15.34
CA SER B 249 5.61 15.98 14.06
C SER B 249 5.21 14.61 13.52
N TRP B 250 6.17 13.68 13.42
CA TRP B 250 5.94 12.38 12.79
C TRP B 250 4.82 11.55 13.42
N ALA B 251 4.83 11.38 14.75
CA ALA B 251 3.79 10.58 15.42
C ALA B 251 2.39 11.16 15.27
N ILE B 252 2.24 12.49 15.44
CA ILE B 252 0.94 13.15 15.26
C ILE B 252 0.44 13.02 13.81
N GLY B 253 1.31 13.25 12.83
CA GLY B 253 0.97 13.16 11.42
C GLY B 253 0.42 11.79 11.05
N LEU B 254 1.12 10.73 11.51
CA LEU B 254 0.72 9.33 11.29
C LEU B 254 -0.62 9.01 11.96
N SER B 255 -0.83 9.50 13.19
CA SER B 255 -2.08 9.28 13.94
C SER B 255 -3.27 9.99 13.29
N VAL B 256 -3.05 11.22 12.79
CA VAL B 256 -4.08 12.01 12.10
C VAL B 256 -4.46 11.30 10.77
N ALA B 257 -3.46 10.78 10.02
CA ALA B 257 -3.72 10.07 8.77
C ALA B 257 -4.52 8.78 9.02
N ASP B 258 -4.31 8.14 10.19
CA ASP B 258 -5.08 6.96 10.57
C ASP B 258 -6.56 7.34 10.79
N LEU B 259 -6.83 8.51 11.43
CA LEU B 259 -8.20 9.01 11.60
C LEU B 259 -8.80 9.34 10.24
N ALA B 260 -8.02 10.04 9.38
CA ALA B 260 -8.44 10.44 8.03
C ALA B 260 -8.82 9.21 7.20
N GLU B 261 -8.10 8.10 7.38
CA GLU B 261 -8.41 6.86 6.65
C GLU B 261 -9.79 6.30 7.00
N SER B 262 -10.13 6.23 8.30
CA SER B 262 -11.43 5.73 8.75
C SER B 262 -12.56 6.61 8.24
N ILE B 263 -12.36 7.93 8.27
CA ILE B 263 -13.35 8.89 7.78
C ILE B 263 -13.53 8.78 6.24
N MET B 264 -12.43 8.91 5.46
CA MET B 264 -12.48 8.88 4.00
C MET B 264 -12.98 7.56 3.45
N LYS B 265 -12.60 6.44 4.10
CA LYS B 265 -12.98 5.11 3.61
C LYS B 265 -14.23 4.53 4.29
N ASN B 266 -14.88 5.32 5.18
CA ASN B 266 -16.08 4.93 5.93
C ASN B 266 -15.85 3.58 6.64
N LEU B 267 -14.69 3.42 7.29
CA LEU B 267 -14.32 2.14 7.89
C LEU B 267 -15.10 1.76 9.13
N ARG B 268 -15.56 2.73 9.93
CA ARG B 268 -16.29 2.44 11.18
C ARG B 268 -15.38 1.70 12.19
N ARG B 269 -14.08 2.10 12.21
CA ARG B 269 -13.12 1.60 13.18
C ARG B 269 -13.29 2.50 14.41
N VAL B 270 -12.86 2.01 15.57
CA VAL B 270 -13.01 2.73 16.84
C VAL B 270 -11.68 3.41 17.19
N HIS B 271 -11.73 4.72 17.45
CA HIS B 271 -10.56 5.54 17.79
C HIS B 271 -10.82 6.39 19.04
N PRO B 272 -9.78 6.68 19.87
CA PRO B 272 -9.99 7.59 21.02
C PRO B 272 -9.82 9.03 20.53
N VAL B 273 -10.95 9.68 20.28
CA VAL B 273 -10.97 11.06 19.79
C VAL B 273 -11.87 11.89 20.68
N SER B 274 -11.73 13.22 20.61
CA SER B 274 -12.49 14.15 21.42
C SER B 274 -13.86 14.43 20.81
N THR B 275 -14.91 14.16 21.61
CA THR B 275 -16.31 14.34 21.21
C THR B 275 -17.11 15.01 22.33
N MET B 276 -18.29 15.54 21.98
CA MET B 276 -19.18 16.21 22.93
C MET B 276 -19.56 15.15 23.97
N ILE B 277 -19.09 15.31 25.22
CA ILE B 277 -19.37 14.27 26.22
C ILE B 277 -20.55 14.60 27.14
N LYS B 278 -21.23 15.75 26.95
CA LYS B 278 -22.40 16.11 27.76
C LYS B 278 -23.39 14.94 27.80
N GLY B 279 -23.82 14.57 29.00
CA GLY B 279 -24.75 13.46 29.18
C GLY B 279 -24.11 12.18 29.65
N LEU B 280 -22.76 12.17 29.77
CA LEU B 280 -22.00 11.01 30.24
C LEU B 280 -21.18 11.36 31.46
N TYR B 281 -20.99 10.38 32.35
CA TYR B 281 -20.18 10.46 33.57
C TYR B 281 -20.57 11.65 34.47
N GLY B 282 -21.86 11.96 34.49
CA GLY B 282 -22.41 13.06 35.27
C GLY B 282 -22.04 14.44 34.74
N ILE B 283 -21.46 14.49 33.53
CA ILE B 283 -21.05 15.76 32.89
C ILE B 283 -22.26 16.42 32.26
N LYS B 284 -22.51 17.69 32.64
CA LYS B 284 -23.66 18.48 32.19
C LYS B 284 -23.27 19.67 31.32
N ASP B 285 -21.96 19.99 31.24
CA ASP B 285 -21.46 21.11 30.44
C ASP B 285 -21.11 20.73 29.00
N ASP B 286 -21.11 21.74 28.09
CA ASP B 286 -20.75 21.58 26.69
C ASP B 286 -19.24 21.44 26.58
N VAL B 287 -18.70 20.26 26.92
CA VAL B 287 -17.26 20.02 26.86
C VAL B 287 -16.95 18.81 26.00
N PHE B 288 -15.75 18.81 25.40
CA PHE B 288 -15.28 17.73 24.56
C PHE B 288 -14.18 16.99 25.30
N LEU B 289 -14.32 15.67 25.39
CA LEU B 289 -13.34 14.78 26.02
C LEU B 289 -13.24 13.54 25.15
N SER B 290 -12.11 12.84 25.26
CA SER B 290 -11.90 11.63 24.47
C SER B 290 -12.54 10.41 25.04
N VAL B 291 -13.26 9.71 24.19
CA VAL B 291 -13.88 8.41 24.45
C VAL B 291 -13.68 7.60 23.15
N PRO B 292 -13.80 6.26 23.14
CA PRO B 292 -13.67 5.53 21.88
C PRO B 292 -14.88 5.83 21.00
N CYS B 293 -14.63 6.34 19.78
CA CYS B 293 -15.66 6.71 18.81
C CYS B 293 -15.55 5.88 17.56
N ILE B 294 -16.70 5.58 16.95
CA ILE B 294 -16.77 4.88 15.67
C ILE B 294 -16.66 5.97 14.59
N LEU B 295 -15.62 5.90 13.74
CA LEU B 295 -15.36 6.93 12.71
C LEU B 295 -15.68 6.43 11.32
N GLY B 296 -16.39 7.25 10.56
CA GLY B 296 -16.77 6.91 9.20
C GLY B 296 -17.07 8.16 8.40
N GLN B 297 -17.81 7.98 7.30
CA GLN B 297 -18.12 9.04 6.33
C GLN B 297 -18.95 10.21 6.92
N ASN B 298 -19.63 10.00 8.05
CA ASN B 298 -20.40 11.05 8.71
C ASN B 298 -19.67 11.56 9.97
N GLY B 299 -18.39 11.22 10.09
CA GLY B 299 -17.57 11.58 11.25
C GLY B 299 -17.86 10.63 12.39
N ILE B 300 -18.16 11.14 13.59
CA ILE B 300 -18.51 10.30 14.75
C ILE B 300 -20.00 9.91 14.66
N SER B 301 -20.29 8.68 14.25
CA SER B 301 -21.68 8.24 14.18
C SER B 301 -22.15 7.64 15.51
N ASP B 302 -21.20 7.08 16.28
CA ASP B 302 -21.45 6.38 17.53
C ASP B 302 -20.27 6.46 18.47
N LEU B 303 -20.51 6.19 19.74
CA LEU B 303 -19.41 6.14 20.71
C LEU B 303 -19.56 4.92 21.61
N VAL B 304 -18.42 4.42 22.12
CA VAL B 304 -18.40 3.27 23.00
C VAL B 304 -18.56 3.80 24.41
N LYS B 305 -19.49 3.23 25.18
CA LYS B 305 -19.72 3.61 26.57
C LYS B 305 -18.82 2.75 27.44
N VAL B 306 -17.64 3.27 27.75
CA VAL B 306 -16.64 2.58 28.56
C VAL B 306 -17.08 2.57 30.02
N THR B 307 -17.03 1.39 30.65
CA THR B 307 -17.37 1.31 32.05
C THR B 307 -16.11 1.79 32.81
N LEU B 308 -16.24 2.90 33.50
CA LEU B 308 -15.16 3.50 34.26
C LEU B 308 -15.37 3.26 35.74
N THR B 309 -14.26 3.16 36.50
CA THR B 309 -14.37 3.02 37.97
C THR B 309 -14.79 4.39 38.52
N SER B 310 -15.21 4.46 39.79
CA SER B 310 -15.60 5.73 40.41
C SER B 310 -14.48 6.78 40.34
N GLU B 311 -13.23 6.34 40.49
CA GLU B 311 -12.03 7.16 40.43
C GLU B 311 -11.81 7.77 39.03
N GLU B 312 -11.94 6.93 37.98
CA GLU B 312 -11.80 7.33 36.58
C GLU B 312 -12.89 8.31 36.22
N GLU B 313 -14.13 8.01 36.62
CA GLU B 313 -15.31 8.86 36.39
C GLU B 313 -15.10 10.23 37.04
N ALA B 314 -14.57 10.26 38.29
CA ALA B 314 -14.29 11.51 39.01
C ALA B 314 -13.26 12.37 38.27
N ARG B 315 -12.20 11.76 37.69
CA ARG B 315 -11.16 12.45 36.93
C ARG B 315 -11.72 13.13 35.67
N LEU B 316 -12.64 12.45 34.96
CA LEU B 316 -13.24 13.00 33.76
C LEU B 316 -14.16 14.16 34.12
N LYS B 317 -14.91 14.01 35.23
CA LYS B 317 -15.79 15.06 35.75
C LYS B 317 -14.98 16.29 36.15
N LYS B 318 -13.82 16.09 36.78
CA LYS B 318 -12.95 17.21 37.18
C LYS B 318 -12.39 17.93 35.96
N SER B 319 -12.00 17.17 34.91
CA SER B 319 -11.53 17.72 33.63
C SER B 319 -12.65 18.56 32.97
N ALA B 320 -13.88 18.04 32.93
CA ALA B 320 -15.02 18.73 32.34
C ALA B 320 -15.34 20.04 33.09
N ASP B 321 -15.20 20.03 34.43
CA ASP B 321 -15.40 21.23 35.25
C ASP B 321 -14.32 22.29 34.94
N THR B 322 -13.06 21.85 34.83
CA THR B 322 -11.92 22.72 34.52
C THR B 322 -12.03 23.30 33.09
N LEU B 323 -12.38 22.46 32.10
CA LEU B 323 -12.53 22.92 30.71
C LEU B 323 -13.64 23.92 30.60
N TRP B 324 -14.80 23.63 31.25
CA TRP B 324 -15.93 24.56 31.22
C TRP B 324 -15.61 25.90 31.90
N GLY B 325 -14.81 25.86 32.96
CA GLY B 325 -14.34 27.04 33.68
C GLY B 325 -13.58 28.00 32.78
N ILE B 326 -12.76 27.44 31.87
CA ILE B 326 -11.99 28.22 30.89
C ILE B 326 -12.94 28.69 29.76
N GLN B 327 -13.80 27.76 29.28
CA GLN B 327 -14.73 27.98 28.17
C GLN B 327 -15.73 29.07 28.39
N LYS B 328 -16.32 29.12 29.59
CA LYS B 328 -17.35 30.11 29.91
C LYS B 328 -16.85 31.55 29.91
N GLU B 329 -15.51 31.73 30.01
CA GLU B 329 -14.85 33.03 30.02
C GLU B 329 -14.33 33.47 28.63
N LEU B 330 -14.46 32.61 27.60
CA LEU B 330 -13.96 32.90 26.26
C LEU B 330 -14.86 33.87 25.54
N GLN B 331 -14.25 34.76 24.74
CA GLN B 331 -14.99 35.73 23.93
C GLN B 331 -15.04 35.24 22.49
N PHE B 332 -16.26 35.05 21.97
CA PHE B 332 -16.51 34.58 20.60
C PHE B 332 -16.80 35.70 19.60
N ALA C 2 -32.01 -2.61 27.87
CA ALA C 2 -31.52 -2.51 26.49
C ALA C 2 -30.69 -3.72 26.06
N THR C 3 -30.51 -3.87 24.75
CA THR C 3 -29.69 -4.90 24.11
C THR C 3 -28.20 -4.67 24.46
N LEU C 4 -27.34 -5.69 24.27
CA LEU C 4 -25.91 -5.57 24.52
C LEU C 4 -25.32 -4.47 23.63
N LYS C 5 -25.75 -4.40 22.34
CA LYS C 5 -25.32 -3.37 21.39
C LYS C 5 -25.61 -1.97 21.94
N ASP C 6 -26.83 -1.75 22.49
CA ASP C 6 -27.22 -0.45 23.06
C ASP C 6 -26.50 -0.12 24.36
N GLN C 7 -26.14 -1.13 25.14
CA GLN C 7 -25.39 -0.98 26.38
C GLN C 7 -23.96 -0.57 26.06
N LEU C 8 -23.39 -1.14 24.98
CA LEU C 8 -22.02 -0.89 24.55
C LEU C 8 -21.87 0.41 23.74
N ILE C 9 -22.81 0.67 22.83
CA ILE C 9 -22.71 1.78 21.88
C ILE C 9 -23.86 2.77 21.97
N TYR C 10 -23.50 4.07 22.04
CA TYR C 10 -24.48 5.16 22.01
C TYR C 10 -24.46 5.71 20.57
N ASN C 11 -25.62 5.73 19.92
CA ASN C 11 -25.74 6.24 18.56
C ASN C 11 -26.01 7.75 18.52
N LEU C 12 -25.20 8.48 17.71
CA LEU C 12 -25.33 9.93 17.50
C LEU C 12 -26.30 10.20 16.35
N LEU C 13 -26.25 9.40 15.26
CA LEU C 13 -27.17 9.52 14.11
C LEU C 13 -27.39 8.20 13.36
N LYS C 14 -28.61 8.02 12.83
CA LYS C 14 -29.03 6.85 12.06
C LYS C 14 -28.79 7.09 10.57
N GLU C 15 -28.62 8.38 10.18
CA GLU C 15 -28.42 8.85 8.80
C GLU C 15 -27.38 8.05 8.02
N GLU C 16 -27.87 7.15 7.13
CA GLU C 16 -27.00 6.33 6.28
C GLU C 16 -27.05 6.88 4.85
N GLN C 17 -25.94 7.52 4.44
CA GLN C 17 -25.79 8.14 3.12
C GLN C 17 -25.55 7.13 1.99
N THR C 18 -25.44 7.64 0.76
CA THR C 18 -25.17 6.89 -0.47
C THR C 18 -23.70 6.39 -0.44
N PRO C 19 -23.36 5.15 -0.92
CA PRO C 19 -21.93 4.76 -1.00
C PRO C 19 -21.24 5.70 -2.00
N GLN C 20 -20.08 6.24 -1.62
CA GLN C 20 -19.38 7.29 -2.35
C GLN C 20 -18.41 6.80 -3.42
N ASN C 21 -17.90 5.56 -3.30
CA ASN C 21 -16.93 4.99 -4.24
C ASN C 21 -17.26 3.53 -4.53
N LYS C 22 -18.50 3.29 -4.98
CA LYS C 22 -19.05 1.97 -5.26
C LYS C 22 -18.64 1.42 -6.62
N ILE C 23 -18.28 0.12 -6.63
CA ILE C 23 -17.94 -0.63 -7.84
C ILE C 23 -18.83 -1.86 -7.89
N THR C 24 -19.33 -2.18 -9.08
CA THR C 24 -20.12 -3.39 -9.33
C THR C 24 -19.36 -4.25 -10.32
N VAL C 25 -19.36 -5.55 -10.06
CA VAL C 25 -18.81 -6.54 -10.97
C VAL C 25 -20.00 -7.43 -11.40
N VAL C 26 -20.27 -7.50 -12.71
CA VAL C 26 -21.34 -8.33 -13.25
C VAL C 26 -20.66 -9.56 -13.85
N GLY C 27 -21.02 -10.73 -13.31
CA GLY C 27 -20.49 -12.03 -13.69
C GLY C 27 -19.44 -12.42 -12.67
N VAL C 28 -19.69 -13.52 -11.96
CA VAL C 28 -18.79 -13.98 -10.90
C VAL C 28 -18.05 -15.26 -11.29
N GLY C 29 -17.69 -15.36 -12.57
CA GLY C 29 -16.86 -16.45 -13.05
C GLY C 29 -15.43 -16.14 -12.63
N ALA C 30 -14.46 -16.89 -13.19
CA ALA C 30 -13.05 -16.72 -12.84
C ALA C 30 -12.53 -15.30 -13.09
N VAL C 31 -12.99 -14.67 -14.19
CA VAL C 31 -12.58 -13.33 -14.56
C VAL C 31 -13.14 -12.29 -13.58
N GLY C 32 -14.44 -12.32 -13.31
CA GLY C 32 -15.09 -11.36 -12.43
C GLY C 32 -14.59 -11.44 -11.00
N MET C 33 -14.35 -12.66 -10.51
CA MET C 33 -13.85 -12.86 -9.16
C MET C 33 -12.40 -12.39 -9.00
N ALA C 34 -11.57 -12.52 -10.06
CA ALA C 34 -10.18 -12.05 -10.07
C ALA C 34 -10.17 -10.52 -10.11
N CYS C 35 -11.16 -9.92 -10.82
CA CYS C 35 -11.34 -8.47 -10.87
C CYS C 35 -11.71 -8.02 -9.43
N ALA C 36 -12.69 -8.70 -8.83
CA ALA C 36 -13.17 -8.43 -7.47
C ALA C 36 -12.05 -8.45 -6.41
N ILE C 37 -11.29 -9.56 -6.29
CA ILE C 37 -10.21 -9.66 -5.30
C ILE C 37 -9.09 -8.60 -5.52
N SER C 38 -8.78 -8.30 -6.78
CA SER C 38 -7.75 -7.33 -7.11
C SER C 38 -8.21 -5.91 -6.73
N ILE C 39 -9.49 -5.59 -6.96
CA ILE C 39 -10.07 -4.31 -6.59
C ILE C 39 -10.09 -4.18 -5.07
N LEU C 40 -10.46 -5.27 -4.36
CA LEU C 40 -10.51 -5.28 -2.89
C LEU C 40 -9.12 -5.07 -2.29
N MET C 41 -8.10 -5.74 -2.81
CA MET C 41 -6.75 -5.61 -2.26
C MET C 41 -6.07 -4.30 -2.59
N LYS C 42 -6.64 -3.53 -3.52
CA LYS C 42 -6.12 -2.23 -3.91
C LYS C 42 -6.86 -1.07 -3.24
N ASP C 43 -7.87 -1.36 -2.39
CA ASP C 43 -8.67 -0.37 -1.64
C ASP C 43 -9.27 0.71 -2.56
N LEU C 44 -9.88 0.28 -3.66
CA LEU C 44 -10.45 1.22 -4.64
C LEU C 44 -11.90 1.58 -4.39
N ALA C 45 -12.63 0.74 -3.65
CA ALA C 45 -14.04 0.90 -3.38
C ALA C 45 -14.39 0.95 -1.90
N ASP C 46 -15.46 1.67 -1.55
CA ASP C 46 -15.98 1.68 -0.19
C ASP C 46 -17.16 0.70 -0.13
N GLU C 47 -17.61 0.21 -1.30
CA GLU C 47 -18.65 -0.79 -1.43
C GLU C 47 -18.45 -1.58 -2.71
N LEU C 48 -18.55 -2.91 -2.61
CA LEU C 48 -18.44 -3.78 -3.78
C LEU C 48 -19.75 -4.55 -3.95
N ALA C 49 -20.33 -4.50 -5.15
CA ALA C 49 -21.54 -5.24 -5.47
C ALA C 49 -21.21 -6.30 -6.52
N LEU C 50 -21.75 -7.51 -6.34
CA LEU C 50 -21.55 -8.61 -7.29
C LEU C 50 -22.92 -9.03 -7.84
N VAL C 51 -23.01 -9.28 -9.16
CA VAL C 51 -24.27 -9.71 -9.80
C VAL C 51 -23.96 -10.89 -10.70
N ASP C 52 -24.87 -11.87 -10.74
CA ASP C 52 -24.81 -13.04 -11.63
C ASP C 52 -26.22 -13.64 -11.69
N VAL C 53 -26.45 -14.60 -12.60
CA VAL C 53 -27.71 -15.33 -12.75
C VAL C 53 -27.68 -16.64 -11.96
N ILE C 54 -26.47 -17.16 -11.66
CA ILE C 54 -26.27 -18.39 -10.88
C ILE C 54 -26.25 -17.96 -9.41
N GLU C 55 -27.42 -18.07 -8.75
CA GLU C 55 -27.66 -17.59 -7.39
C GLU C 55 -26.82 -18.24 -6.28
N ASP C 56 -26.63 -19.58 -6.29
CA ASP C 56 -25.85 -20.26 -5.25
CA ASP C 56 -25.85 -20.25 -5.25
C ASP C 56 -24.38 -19.84 -5.27
N LYS C 57 -23.75 -19.88 -6.47
CA LYS C 57 -22.36 -19.50 -6.68
C LYS C 57 -22.15 -18.04 -6.28
N LEU C 58 -23.10 -17.16 -6.65
CA LEU C 58 -23.05 -15.72 -6.32
C LEU C 58 -23.03 -15.49 -4.81
N LYS C 59 -23.89 -16.20 -4.06
CA LYS C 59 -23.97 -16.09 -2.61
C LYS C 59 -22.68 -16.59 -1.95
N GLY C 60 -22.18 -17.74 -2.41
CA GLY C 60 -20.96 -18.36 -1.93
C GLY C 60 -19.74 -17.48 -2.12
N GLU C 61 -19.64 -16.85 -3.31
CA GLU C 61 -18.54 -15.92 -3.62
C GLU C 61 -18.58 -14.68 -2.73
N MET C 62 -19.79 -14.08 -2.55
CA MET C 62 -19.99 -12.92 -1.68
C MET C 62 -19.56 -13.23 -0.24
N MET C 63 -20.07 -14.34 0.31
CA MET C 63 -19.76 -14.77 1.69
C MET C 63 -18.26 -15.02 1.87
N ASP C 64 -17.60 -15.67 0.89
CA ASP C 64 -16.16 -15.96 0.95
C ASP C 64 -15.37 -14.65 1.05
N LEU C 65 -15.72 -13.63 0.25
CA LEU C 65 -15.08 -12.32 0.30
C LEU C 65 -15.35 -11.62 1.64
N GLN C 66 -16.60 -11.68 2.13
CA GLN C 66 -16.98 -11.08 3.41
C GLN C 66 -16.20 -11.69 4.56
N HIS C 67 -15.94 -13.00 4.49
CA HIS C 67 -15.18 -13.68 5.55
C HIS C 67 -13.73 -13.19 5.68
N GLY C 68 -13.21 -12.50 4.66
CA GLY C 68 -11.86 -11.92 4.67
C GLY C 68 -11.86 -10.44 5.03
N SER C 69 -13.03 -9.88 5.46
CA SER C 69 -13.24 -8.45 5.81
C SER C 69 -12.21 -7.88 6.79
N LEU C 70 -11.80 -8.70 7.78
CA LEU C 70 -10.79 -8.32 8.77
C LEU C 70 -9.49 -7.85 8.11
N PHE C 71 -9.17 -8.40 6.94
CA PHE C 71 -7.93 -8.13 6.21
C PHE C 71 -8.11 -7.12 5.07
N LEU C 72 -9.31 -6.55 4.93
CA LEU C 72 -9.61 -5.58 3.87
C LEU C 72 -10.04 -4.22 4.42
N ARG C 73 -10.14 -3.22 3.53
CA ARG C 73 -10.60 -1.88 3.88
C ARG C 73 -11.79 -1.45 2.99
N THR C 74 -12.65 -2.42 2.64
CA THR C 74 -13.89 -2.22 1.87
C THR C 74 -14.98 -2.72 2.83
N PRO C 75 -15.68 -1.81 3.53
CA PRO C 75 -16.57 -2.23 4.62
C PRO C 75 -17.88 -2.90 4.25
N LYS C 76 -18.30 -2.82 2.98
CA LYS C 76 -19.57 -3.41 2.55
C LYS C 76 -19.45 -4.16 1.24
N ILE C 77 -19.77 -5.45 1.28
CA ILE C 77 -19.75 -6.33 0.12
C ILE C 77 -21.17 -6.89 0.03
N VAL C 78 -21.82 -6.66 -1.12
CA VAL C 78 -23.21 -7.06 -1.37
C VAL C 78 -23.30 -7.83 -2.68
N SER C 79 -24.36 -8.64 -2.82
CA SER C 79 -24.62 -9.40 -4.04
C SER C 79 -26.10 -9.66 -4.21
N GLY C 80 -26.49 -10.00 -5.43
CA GLY C 80 -27.86 -10.32 -5.79
C GLY C 80 -28.06 -10.46 -7.28
N LYS C 81 -29.13 -11.18 -7.65
CA LYS C 81 -29.56 -11.39 -9.04
C LYS C 81 -30.24 -10.09 -9.50
N ASP C 82 -30.86 -9.36 -8.54
CA ASP C 82 -31.55 -8.08 -8.77
C ASP C 82 -30.52 -6.95 -8.76
N TYR C 83 -30.66 -6.02 -9.71
CA TYR C 83 -29.75 -4.90 -9.90
C TYR C 83 -29.93 -3.76 -8.90
N ASN C 84 -30.85 -3.88 -7.93
CA ASN C 84 -31.02 -2.86 -6.90
C ASN C 84 -29.78 -2.83 -5.97
N VAL C 85 -29.03 -3.95 -5.92
CA VAL C 85 -27.80 -4.07 -5.12
C VAL C 85 -26.66 -3.21 -5.74
N THR C 86 -26.78 -2.86 -7.03
CA THR C 86 -25.79 -2.10 -7.80
C THR C 86 -26.01 -0.60 -7.81
N ALA C 87 -27.09 -0.12 -7.19
CA ALA C 87 -27.45 1.30 -7.17
C ALA C 87 -26.31 2.23 -6.78
N ASN C 88 -26.14 3.33 -7.53
CA ASN C 88 -25.13 4.39 -7.31
C ASN C 88 -23.68 3.91 -7.44
N SER C 89 -23.42 3.01 -8.39
CA SER C 89 -22.06 2.55 -8.65
C SER C 89 -21.36 3.61 -9.49
N LYS C 90 -20.10 3.95 -9.15
CA LYS C 90 -19.32 4.88 -9.94
C LYS C 90 -18.83 4.14 -11.20
N LEU C 91 -18.52 2.85 -11.03
CA LEU C 91 -17.98 2.01 -12.09
C LEU C 91 -18.65 0.66 -12.10
N VAL C 92 -19.08 0.21 -13.28
CA VAL C 92 -19.70 -1.09 -13.44
C VAL C 92 -18.86 -1.91 -14.44
N ILE C 93 -18.31 -3.05 -13.96
CA ILE C 93 -17.46 -3.93 -14.76
C ILE C 93 -18.26 -5.13 -15.23
N ILE C 94 -18.33 -5.32 -16.57
CA ILE C 94 -19.07 -6.42 -17.16
C ILE C 94 -18.16 -7.52 -17.65
N THR C 95 -18.30 -8.71 -17.05
CA THR C 95 -17.54 -9.91 -17.44
C THR C 95 -18.51 -11.04 -17.83
N ALA C 96 -19.83 -10.76 -17.82
CA ALA C 96 -20.88 -11.72 -18.15
C ALA C 96 -20.92 -12.00 -19.64
N GLY C 97 -21.17 -13.25 -20.02
CA GLY C 97 -21.23 -13.64 -21.42
C GLY C 97 -21.32 -15.13 -21.65
N ALA C 98 -21.44 -15.52 -22.93
CA ALA C 98 -21.57 -16.90 -23.39
C ALA C 98 -20.41 -17.23 -24.30
N SER C 105 -21.03 -21.35 -34.67
CA SER C 105 -21.04 -20.10 -35.44
C SER C 105 -20.53 -18.92 -34.63
N ARG C 106 -19.96 -17.92 -35.31
CA ARG C 106 -19.44 -16.71 -34.66
C ARG C 106 -20.46 -15.60 -34.56
N LEU C 107 -21.14 -15.23 -35.68
CA LEU C 107 -22.20 -14.21 -35.64
C LEU C 107 -23.28 -14.62 -34.60
N ASN C 108 -23.52 -15.95 -34.45
CA ASN C 108 -24.46 -16.53 -33.50
C ASN C 108 -23.97 -16.31 -32.05
N LEU C 109 -22.68 -16.58 -31.78
CA LEU C 109 -22.06 -16.39 -30.45
C LEU C 109 -22.13 -14.92 -30.00
N VAL C 110 -21.84 -13.98 -30.93
CA VAL C 110 -21.89 -12.53 -30.70
C VAL C 110 -23.34 -12.13 -30.38
N GLN C 111 -24.32 -12.63 -31.21
CA GLN C 111 -25.75 -12.39 -31.04
C GLN C 111 -26.22 -12.87 -29.66
N ARG C 112 -25.69 -14.01 -29.18
CA ARG C 112 -25.99 -14.57 -27.85
C ARG C 112 -25.49 -13.61 -26.75
N ASN C 113 -24.34 -12.94 -26.98
CA ASN C 113 -23.81 -11.97 -26.03
C ASN C 113 -24.58 -10.67 -26.09
N VAL C 114 -25.11 -10.30 -27.29
CA VAL C 114 -25.94 -9.11 -27.49
C VAL C 114 -27.24 -9.31 -26.67
N ASN C 115 -27.82 -10.53 -26.71
CA ASN C 115 -29.07 -10.84 -25.98
C ASN C 115 -28.88 -10.82 -24.47
N ILE C 116 -27.66 -11.18 -23.99
CA ILE C 116 -27.28 -11.15 -22.59
C ILE C 116 -27.17 -9.67 -22.18
N PHE C 117 -26.45 -8.87 -22.99
CA PHE C 117 -26.25 -7.43 -22.77
C PHE C 117 -27.58 -6.66 -22.84
N LYS C 118 -28.55 -7.15 -23.65
CA LYS C 118 -29.90 -6.55 -23.77
C LYS C 118 -30.63 -6.60 -22.43
N PHE C 119 -30.30 -7.59 -21.58
CA PHE C 119 -30.87 -7.72 -20.24
C PHE C 119 -30.05 -6.92 -19.21
N ILE C 120 -28.71 -7.09 -19.23
CA ILE C 120 -27.79 -6.45 -18.28
C ILE C 120 -27.77 -4.92 -18.34
N ILE C 121 -27.40 -4.36 -19.51
CA ILE C 121 -27.18 -2.93 -19.69
C ILE C 121 -28.38 -2.06 -19.25
N PRO C 122 -29.65 -2.29 -19.66
CA PRO C 122 -30.74 -1.42 -19.16
C PRO C 122 -30.89 -1.45 -17.65
N ASN C 123 -30.68 -2.63 -17.03
CA ASN C 123 -30.73 -2.81 -15.59
C ASN C 123 -29.62 -2.03 -14.87
N VAL C 124 -28.39 -2.02 -15.46
CA VAL C 124 -27.25 -1.28 -14.92
C VAL C 124 -27.56 0.23 -14.96
N VAL C 125 -28.01 0.72 -16.14
CA VAL C 125 -28.37 2.12 -16.42
C VAL C 125 -29.49 2.60 -15.48
N LYS C 126 -30.49 1.75 -15.22
CA LYS C 126 -31.61 2.06 -14.34
C LYS C 126 -31.13 2.45 -12.92
N TYR C 127 -30.20 1.67 -12.35
CA TYR C 127 -29.72 1.88 -10.97
C TYR C 127 -28.47 2.74 -10.84
N SER C 128 -27.65 2.85 -11.91
CA SER C 128 -26.48 3.73 -11.87
C SER C 128 -26.43 4.52 -13.18
N PRO C 129 -27.34 5.51 -13.38
CA PRO C 129 -27.36 6.26 -14.65
C PRO C 129 -26.11 7.07 -14.95
N ASN C 130 -25.31 7.43 -13.93
CA ASN C 130 -24.10 8.23 -14.12
C ASN C 130 -22.79 7.42 -14.05
N CYS C 131 -22.87 6.09 -14.04
CA CYS C 131 -21.68 5.23 -13.97
C CYS C 131 -20.84 5.22 -15.24
N LYS C 132 -19.61 4.71 -15.11
CA LYS C 132 -18.72 4.43 -16.22
C LYS C 132 -18.89 2.94 -16.40
N LEU C 133 -18.97 2.50 -17.66
CA LEU C 133 -19.09 1.09 -17.97
C LEU C 133 -17.75 0.59 -18.45
N LEU C 134 -17.26 -0.49 -17.85
CA LEU C 134 -16.01 -1.12 -18.26
C LEU C 134 -16.32 -2.53 -18.74
N ILE C 135 -16.19 -2.76 -20.07
CA ILE C 135 -16.51 -4.03 -20.71
C ILE C 135 -15.28 -4.94 -20.83
N VAL C 136 -15.39 -6.16 -20.31
CA VAL C 136 -14.33 -7.16 -20.33
C VAL C 136 -14.75 -8.35 -21.20
N SER C 137 -16.04 -8.69 -21.20
CA SER C 137 -16.64 -9.79 -21.98
C SER C 137 -16.20 -9.79 -23.45
N ASN C 138 -15.91 -10.96 -23.99
CA ASN C 138 -15.50 -11.09 -25.39
C ASN C 138 -16.64 -11.39 -26.37
N PRO C 139 -16.56 -10.96 -27.67
CA PRO C 139 -15.50 -10.14 -28.31
C PRO C 139 -15.64 -8.69 -27.83
N VAL C 140 -14.65 -8.27 -27.01
CA VAL C 140 -14.64 -7.01 -26.28
C VAL C 140 -14.91 -5.78 -27.16
N ASP C 141 -14.29 -5.66 -28.35
CA ASP C 141 -14.50 -4.50 -29.21
C ASP C 141 -15.96 -4.38 -29.66
N ILE C 142 -16.57 -5.51 -30.06
CA ILE C 142 -17.98 -5.57 -30.46
C ILE C 142 -18.89 -5.31 -29.25
N LEU C 143 -18.61 -5.95 -28.11
CA LEU C 143 -19.46 -5.82 -26.92
C LEU C 143 -19.38 -4.44 -26.26
N THR C 144 -18.30 -3.67 -26.48
CA THR C 144 -18.19 -2.32 -25.98
C THR C 144 -19.12 -1.44 -26.85
N TYR C 145 -19.18 -1.71 -28.16
CA TYR C 145 -20.07 -1.00 -29.10
C TYR C 145 -21.52 -1.28 -28.69
N VAL C 146 -21.83 -2.55 -28.39
CA VAL C 146 -23.14 -3.04 -27.98
C VAL C 146 -23.60 -2.35 -26.69
N ALA C 147 -22.71 -2.28 -25.67
CA ALA C 147 -22.99 -1.60 -24.40
C ALA C 147 -23.24 -0.13 -24.62
N TRP C 148 -22.45 0.50 -25.52
CA TRP C 148 -22.59 1.91 -25.87
C TRP C 148 -23.95 2.17 -26.54
N LYS C 149 -24.32 1.31 -27.52
CA LYS C 149 -25.58 1.41 -28.25
C LYS C 149 -26.80 1.24 -27.32
N ILE C 150 -26.82 0.16 -26.49
CA ILE C 150 -27.92 -0.11 -25.56
C ILE C 150 -28.05 0.96 -24.45
N SER C 151 -26.93 1.33 -23.78
CA SER C 151 -26.95 2.29 -22.68
C SER C 151 -27.40 3.69 -23.06
N GLY C 152 -26.98 4.15 -24.23
CA GLY C 152 -27.22 5.51 -24.69
C GLY C 152 -26.26 6.47 -24.02
N PHE C 153 -25.20 5.94 -23.37
CA PHE C 153 -24.21 6.76 -22.67
C PHE C 153 -23.30 7.50 -23.64
N PRO C 154 -22.71 8.66 -23.26
CA PRO C 154 -21.73 9.29 -24.16
C PRO C 154 -20.48 8.39 -24.25
N LYS C 155 -19.74 8.48 -25.38
CA LYS C 155 -18.59 7.62 -25.65
CA LYS C 155 -18.51 7.73 -25.71
C LYS C 155 -17.53 7.60 -24.53
N ASN C 156 -17.32 8.73 -23.81
CA ASN C 156 -16.35 8.79 -22.72
C ASN C 156 -16.63 7.83 -21.55
N ARG C 157 -17.92 7.45 -21.35
CA ARG C 157 -18.33 6.60 -20.24
C ARG C 157 -18.44 5.12 -20.59
N VAL C 158 -18.11 4.74 -21.83
CA VAL C 158 -18.14 3.33 -22.26
C VAL C 158 -16.73 2.92 -22.65
N ILE C 159 -16.10 2.12 -21.80
CA ILE C 159 -14.70 1.72 -21.98
C ILE C 159 -14.58 0.22 -22.14
N GLY C 160 -13.84 -0.18 -23.16
CA GLY C 160 -13.55 -1.60 -23.40
C GLY C 160 -12.17 -1.92 -22.87
N SER C 161 -12.02 -3.08 -22.18
CA SER C 161 -10.73 -3.57 -21.65
C SER C 161 -9.71 -3.57 -22.79
N GLY C 162 -10.18 -3.90 -23.99
CA GLY C 162 -9.41 -3.86 -25.23
C GLY C 162 -8.03 -4.49 -25.20
N CYS C 163 -7.01 -3.70 -25.56
CA CYS C 163 -5.62 -4.17 -25.64
C CYS C 163 -4.80 -3.92 -24.37
N ASN C 164 -5.48 -3.73 -23.24
CA ASN C 164 -4.81 -3.50 -21.97
C ASN C 164 -4.01 -4.74 -21.55
N LEU C 165 -4.64 -5.91 -21.62
CA LEU C 165 -3.97 -7.17 -21.28
C LEU C 165 -2.89 -7.55 -22.32
N ASP C 166 -3.19 -7.37 -23.61
CA ASP C 166 -2.26 -7.64 -24.73
C ASP C 166 -0.94 -6.86 -24.51
N SER C 167 -1.07 -5.56 -24.17
CA SER C 167 0.07 -4.69 -23.90
C SER C 167 0.83 -5.13 -22.65
N ALA C 168 0.11 -5.56 -21.60
CA ALA C 168 0.73 -5.98 -20.34
C ALA C 168 1.58 -7.22 -20.59
N ARG C 169 1.06 -8.19 -21.39
CA ARG C 169 1.77 -9.43 -21.74
C ARG C 169 2.98 -9.09 -22.59
N PHE C 170 2.83 -8.17 -23.54
CA PHE C 170 3.90 -7.72 -24.42
C PHE C 170 5.07 -7.17 -23.59
N ARG C 171 4.76 -6.29 -22.62
CA ARG C 171 5.75 -5.68 -21.74
C ARG C 171 6.42 -6.70 -20.83
N TYR C 172 5.67 -7.73 -20.40
CA TYR C 172 6.23 -8.84 -19.61
C TYR C 172 7.28 -9.58 -20.46
N LEU C 173 6.91 -9.93 -21.71
CA LEU C 173 7.79 -10.66 -22.65
C LEU C 173 9.01 -9.83 -23.04
N MET C 174 8.81 -8.52 -23.23
CA MET C 174 9.88 -7.58 -23.56
C MET C 174 10.86 -7.52 -22.39
N GLY C 175 10.32 -7.44 -21.18
CA GLY C 175 11.09 -7.41 -19.94
C GLY C 175 11.94 -8.64 -19.73
N GLU C 176 11.39 -9.82 -20.04
CA GLU C 176 12.08 -11.11 -19.96
C GLU C 176 13.25 -11.16 -20.94
N ARG C 177 13.07 -10.67 -22.19
CA ARG C 177 14.14 -10.64 -23.20
C ARG C 177 15.27 -9.68 -22.80
N LEU C 178 14.93 -8.51 -22.21
CA LEU C 178 15.92 -7.50 -21.86
C LEU C 178 16.49 -7.57 -20.46
N GLY C 179 15.90 -8.39 -19.58
CA GLY C 179 16.34 -8.49 -18.19
C GLY C 179 16.04 -7.23 -17.40
N VAL C 180 14.89 -6.59 -17.71
CA VAL C 180 14.43 -5.33 -17.09
C VAL C 180 12.98 -5.52 -16.63
N HIS C 181 12.58 -4.88 -15.50
CA HIS C 181 11.21 -4.96 -15.01
C HIS C 181 10.21 -4.47 -16.08
N PRO C 182 9.04 -5.13 -16.29
CA PRO C 182 8.05 -4.64 -17.27
C PRO C 182 7.67 -3.17 -17.11
N LEU C 183 7.71 -2.61 -15.87
CA LEU C 183 7.42 -1.19 -15.60
C LEU C 183 8.34 -0.26 -16.39
N SER C 184 9.59 -0.70 -16.67
CA SER C 184 10.58 0.10 -17.38
C SER C 184 10.70 -0.27 -18.87
N CYS C 185 9.89 -1.22 -19.33
CA CYS C 185 9.84 -1.68 -20.73
C CYS C 185 8.57 -1.16 -21.34
N HIS C 186 8.67 -0.15 -22.22
CA HIS C 186 7.50 0.50 -22.82
C HIS C 186 7.22 -0.02 -24.22
N GLY C 187 5.95 -0.30 -24.48
CA GLY C 187 5.53 -0.85 -25.76
C GLY C 187 4.03 -0.95 -25.81
N TRP C 188 3.45 -0.59 -26.96
CA TRP C 188 1.99 -0.53 -27.12
C TRP C 188 1.45 -1.50 -28.16
N VAL C 189 0.44 -2.26 -27.78
CA VAL C 189 -0.29 -3.19 -28.64
C VAL C 189 -1.67 -2.56 -28.79
N LEU C 190 -2.02 -2.16 -30.04
CA LEU C 190 -3.27 -1.44 -30.30
C LEU C 190 -4.19 -2.14 -31.30
N GLY C 191 -5.33 -1.49 -31.58
CA GLY C 191 -6.29 -2.00 -32.53
C GLY C 191 -7.28 -2.97 -31.92
N GLU C 192 -7.54 -4.06 -32.65
CA GLU C 192 -8.50 -5.09 -32.27
C GLU C 192 -7.87 -6.03 -31.27
N HIS C 193 -8.54 -6.20 -30.12
CA HIS C 193 -8.07 -7.10 -29.09
C HIS C 193 -7.99 -8.54 -29.61
N GLY C 194 -6.92 -9.25 -29.24
CA GLY C 194 -6.75 -10.65 -29.59
C GLY C 194 -5.82 -10.92 -30.74
N ASP C 195 -6.21 -11.88 -31.59
CA ASP C 195 -5.42 -12.36 -32.73
C ASP C 195 -4.95 -11.29 -33.70
N SER C 196 -5.81 -10.28 -33.97
CA SER C 196 -5.57 -9.21 -34.94
C SER C 196 -4.93 -7.91 -34.38
N SER C 197 -4.44 -7.94 -33.13
CA SER C 197 -3.82 -6.76 -32.50
C SER C 197 -2.55 -6.30 -33.22
N VAL C 198 -2.20 -5.01 -33.07
CA VAL C 198 -1.08 -4.38 -33.74
C VAL C 198 0.03 -3.95 -32.77
N PRO C 199 1.22 -4.57 -32.83
CA PRO C 199 2.33 -4.08 -31.99
C PRO C 199 2.91 -2.82 -32.63
N VAL C 200 2.96 -1.70 -31.90
CA VAL C 200 3.48 -0.46 -32.49
C VAL C 200 4.99 -0.40 -32.25
N TRP C 201 5.76 -0.99 -33.17
CA TRP C 201 7.23 -1.09 -33.06
C TRP C 201 7.93 0.23 -32.82
N SER C 202 7.43 1.35 -33.42
CA SER C 202 8.03 2.68 -33.28
C SER C 202 8.07 3.22 -31.84
N GLY C 203 7.16 2.78 -31.00
CA GLY C 203 7.10 3.25 -29.62
C GLY C 203 7.76 2.36 -28.58
N MET C 204 8.30 1.21 -29.01
CA MET C 204 8.97 0.25 -28.14
C MET C 204 10.29 0.87 -27.66
N ASN C 205 10.42 1.09 -26.33
CA ASN C 205 11.62 1.74 -25.82
C ASN C 205 11.92 1.42 -24.38
N VAL C 206 13.16 1.71 -23.97
CA VAL C 206 13.61 1.62 -22.60
C VAL C 206 14.27 2.96 -22.38
N ALA C 207 13.84 3.69 -21.33
CA ALA C 207 14.39 5.01 -20.97
C ALA C 207 14.39 6.04 -22.13
N GLY C 208 13.36 5.96 -22.98
CA GLY C 208 13.20 6.85 -24.13
C GLY C 208 14.11 6.50 -25.30
N VAL C 209 14.80 5.34 -25.23
CA VAL C 209 15.70 4.91 -26.30
C VAL C 209 14.92 3.98 -27.19
N SER C 210 14.58 4.44 -28.41
CA SER C 210 13.80 3.66 -29.39
C SER C 210 14.55 2.43 -29.86
N LEU C 211 13.93 1.25 -29.68
CA LEU C 211 14.47 -0.04 -30.11
C LEU C 211 14.52 -0.10 -31.64
N LYS C 212 13.51 0.48 -32.31
CA LYS C 212 13.40 0.54 -33.79
C LYS C 212 14.51 1.41 -34.38
N THR C 213 14.87 2.52 -33.72
CA THR C 213 15.96 3.39 -34.19
C THR C 213 17.29 2.64 -34.09
N LEU C 214 17.50 1.88 -33.00
CA LEU C 214 18.72 1.08 -32.80
C LEU C 214 18.76 -0.13 -33.73
N HIS C 215 17.60 -0.72 -33.98
CA HIS C 215 17.48 -1.95 -34.77
C HIS C 215 16.40 -1.76 -35.84
N PRO C 216 16.72 -1.15 -37.01
CA PRO C 216 15.67 -0.87 -38.02
C PRO C 216 14.86 -2.07 -38.51
N ASP C 217 15.41 -3.29 -38.42
CA ASP C 217 14.70 -4.51 -38.81
C ASP C 217 13.62 -4.94 -37.79
N LEU C 218 13.58 -4.30 -36.60
CA LEU C 218 12.60 -4.59 -35.52
C LEU C 218 11.18 -4.73 -36.03
N GLY C 219 10.57 -5.88 -35.76
CA GLY C 219 9.20 -6.18 -36.15
C GLY C 219 8.97 -6.57 -37.60
N THR C 220 10.05 -6.80 -38.36
CA THR C 220 9.92 -7.22 -39.77
C THR C 220 10.34 -8.68 -39.90
N ASP C 221 10.05 -9.29 -41.06
CA ASP C 221 10.43 -10.69 -41.32
C ASP C 221 11.93 -10.86 -41.54
N LYS C 222 12.62 -9.76 -41.96
CA LYS C 222 14.07 -9.74 -42.19
C LYS C 222 14.89 -9.52 -40.89
N ASP C 223 14.23 -9.45 -39.72
CA ASP C 223 14.84 -9.32 -38.40
C ASP C 223 15.47 -10.65 -37.99
N LYS C 224 16.80 -10.65 -37.82
CA LYS C 224 17.59 -11.83 -37.41
C LYS C 224 17.23 -12.30 -36.01
N GLU C 225 16.82 -11.36 -35.13
CA GLU C 225 16.44 -11.63 -33.73
C GLU C 225 14.97 -11.99 -33.56
N GLN C 226 14.20 -11.83 -34.65
CA GLN C 226 12.76 -12.13 -34.73
C GLN C 226 11.94 -11.55 -33.55
N TRP C 227 12.00 -10.22 -33.37
CA TRP C 227 11.23 -9.55 -32.31
C TRP C 227 9.72 -9.64 -32.56
N LYS C 228 9.30 -9.97 -33.80
CA LYS C 228 7.91 -10.20 -34.19
C LYS C 228 7.34 -11.33 -33.32
N GLU C 229 8.22 -12.26 -32.89
CA GLU C 229 7.87 -13.41 -32.04
C GLU C 229 7.35 -12.95 -30.68
N VAL C 230 7.80 -11.79 -30.18
CA VAL C 230 7.33 -11.22 -28.91
C VAL C 230 5.81 -10.95 -29.01
N HIS C 231 5.33 -10.36 -30.13
CA HIS C 231 3.90 -10.14 -30.34
C HIS C 231 3.19 -11.46 -30.62
N LYS C 232 3.84 -12.37 -31.37
CA LYS C 232 3.29 -13.70 -31.63
C LYS C 232 3.09 -14.42 -30.28
N GLN C 233 4.05 -14.29 -29.35
CA GLN C 233 3.97 -14.93 -28.04
C GLN C 233 2.85 -14.36 -27.18
N VAL C 234 2.43 -13.10 -27.44
CA VAL C 234 1.31 -12.49 -26.71
C VAL C 234 0.05 -13.29 -27.07
N VAL C 235 -0.15 -13.56 -28.37
CA VAL C 235 -1.30 -14.33 -28.83
C VAL C 235 -1.12 -15.84 -28.45
N GLU C 236 0.08 -16.44 -28.68
CA GLU C 236 0.41 -17.84 -28.33
C GLU C 236 0.20 -18.18 -26.84
N SER C 237 0.69 -17.29 -25.93
CA SER C 237 0.56 -17.38 -24.46
C SER C 237 -0.88 -17.53 -24.03
N ALA C 238 -1.78 -16.67 -24.55
CA ALA C 238 -3.20 -16.68 -24.20
C ALA C 238 -3.86 -18.04 -24.42
N TYR C 239 -3.61 -18.66 -25.60
CA TYR C 239 -4.13 -19.98 -25.95
C TYR C 239 -3.47 -21.05 -25.09
N GLU C 240 -2.16 -20.84 -24.78
CA GLU C 240 -1.40 -21.77 -23.94
C GLU C 240 -1.95 -21.83 -22.52
N VAL C 241 -2.30 -20.65 -21.92
CA VAL C 241 -2.88 -20.62 -20.57
C VAL C 241 -4.23 -21.36 -20.56
N ILE C 242 -5.08 -21.15 -21.60
CA ILE C 242 -6.38 -21.84 -21.74
C ILE C 242 -6.16 -23.35 -21.81
N LYS C 243 -5.22 -23.80 -22.65
CA LYS C 243 -4.88 -25.21 -22.80
C LYS C 243 -4.42 -25.83 -21.46
N LEU C 244 -3.58 -25.10 -20.71
CA LEU C 244 -2.99 -25.57 -19.45
C LEU C 244 -3.92 -25.53 -18.23
N LYS C 245 -4.72 -24.46 -18.02
CA LYS C 245 -5.57 -24.42 -16.82
C LYS C 245 -7.09 -24.28 -17.12
N GLY C 246 -7.46 -24.17 -18.40
CA GLY C 246 -8.85 -24.11 -18.84
C GLY C 246 -9.47 -22.73 -19.02
N TYR C 247 -8.80 -21.70 -18.48
CA TYR C 247 -9.27 -20.32 -18.50
C TYR C 247 -8.10 -19.43 -18.08
N THR C 248 -8.27 -18.10 -18.15
CA THR C 248 -7.29 -17.15 -17.65
C THR C 248 -8.04 -16.27 -16.64
N SER C 249 -7.36 -15.83 -15.57
CA SER C 249 -8.05 -15.02 -14.57
C SER C 249 -7.17 -13.96 -13.93
N TRP C 250 -6.04 -14.36 -13.35
CA TRP C 250 -5.16 -13.47 -12.59
C TRP C 250 -4.67 -12.25 -13.37
N ALA C 251 -4.11 -12.44 -14.58
CA ALA C 251 -3.61 -11.30 -15.37
C ALA C 251 -4.72 -10.31 -15.75
N ILE C 252 -5.89 -10.81 -16.23
CA ILE C 252 -6.99 -9.93 -16.59
C ILE C 252 -7.51 -9.15 -15.34
N GLY C 253 -7.68 -9.84 -14.21
CA GLY C 253 -8.14 -9.23 -12.97
C GLY C 253 -7.25 -8.07 -12.52
N LEU C 254 -5.92 -8.29 -12.56
CA LEU C 254 -4.91 -7.27 -12.21
C LEU C 254 -4.95 -6.09 -13.17
N SER C 255 -5.08 -6.37 -14.48
CA SER C 255 -5.13 -5.32 -15.51
C SER C 255 -6.42 -4.46 -15.39
N VAL C 256 -7.56 -5.11 -15.08
CA VAL C 256 -8.84 -4.42 -14.88
C VAL C 256 -8.76 -3.54 -13.64
N ALA C 257 -8.16 -4.05 -12.55
CA ALA C 257 -8.02 -3.25 -11.31
C ALA C 257 -7.12 -2.04 -11.55
N ASP C 258 -6.13 -2.15 -12.45
CA ASP C 258 -5.25 -1.03 -12.82
C ASP C 258 -6.07 0.06 -13.56
N LEU C 259 -7.02 -0.35 -14.43
CA LEU C 259 -7.92 0.60 -15.12
C LEU C 259 -8.85 1.25 -14.10
N ALA C 260 -9.46 0.43 -13.21
CA ALA C 260 -10.35 0.90 -12.14
C ALA C 260 -9.66 1.92 -11.26
N GLU C 261 -8.35 1.72 -10.96
CA GLU C 261 -7.59 2.65 -10.14
C GLU C 261 -7.52 4.05 -10.76
N SER C 262 -7.21 4.12 -12.07
CA SER C 262 -7.12 5.40 -12.77
C SER C 262 -8.45 6.12 -12.78
N ILE C 263 -9.55 5.36 -13.01
CA ILE C 263 -10.93 5.89 -13.03
C ILE C 263 -11.36 6.38 -11.63
N MET C 264 -11.27 5.50 -10.60
CA MET C 264 -11.72 5.82 -9.24
C MET C 264 -10.90 6.93 -8.60
N LYS C 265 -9.59 6.98 -8.90
CA LYS C 265 -8.71 7.99 -8.30
C LYS C 265 -8.47 9.20 -9.20
N ASN C 266 -9.18 9.28 -10.35
CA ASN C 266 -9.05 10.36 -11.35
C ASN C 266 -7.57 10.64 -11.69
N LEU C 267 -6.78 9.57 -11.93
CA LEU C 267 -5.34 9.71 -12.12
C LEU C 267 -4.92 10.33 -13.45
N ARG C 268 -5.71 10.13 -14.53
CA ARG C 268 -5.36 10.66 -15.85
C ARG C 268 -4.07 10.00 -16.37
N ARG C 269 -3.93 8.69 -16.08
CA ARG C 269 -2.84 7.89 -16.62
C ARG C 269 -3.31 7.43 -17.99
N VAL C 270 -2.36 7.05 -18.86
CA VAL C 270 -2.67 6.63 -20.24
C VAL C 270 -2.66 5.10 -20.31
N HIS C 271 -3.76 4.52 -20.82
CA HIS C 271 -3.92 3.08 -20.94
C HIS C 271 -4.39 2.67 -22.34
N PRO C 272 -3.99 1.49 -22.86
CA PRO C 272 -4.52 1.04 -24.15
C PRO C 272 -5.87 0.35 -23.92
N VAL C 273 -6.96 1.10 -24.14
CA VAL C 273 -8.32 0.60 -23.95
C VAL C 273 -9.12 0.84 -25.21
N SER C 274 -10.25 0.12 -25.36
CA SER C 274 -11.11 0.23 -26.53
C SER C 274 -12.05 1.44 -26.45
N THR C 275 -11.96 2.33 -27.44
CA THR C 275 -12.77 3.54 -27.53
C THR C 275 -13.33 3.74 -28.96
N MET C 276 -14.34 4.62 -29.10
CA MET C 276 -14.94 4.96 -30.41
C MET C 276 -13.84 5.54 -31.27
N ILE C 277 -13.42 4.83 -32.32
CA ILE C 277 -12.33 5.33 -33.15
C ILE C 277 -12.79 6.04 -34.44
N LYS C 278 -14.12 6.17 -34.69
CA LYS C 278 -14.64 6.86 -35.87
C LYS C 278 -13.97 8.25 -36.02
N GLY C 279 -13.46 8.53 -37.21
CA GLY C 279 -12.77 9.78 -37.51
C GLY C 279 -11.26 9.68 -37.51
N LEU C 280 -10.72 8.49 -37.17
CA LEU C 280 -9.28 8.24 -37.16
C LEU C 280 -8.92 7.11 -38.08
N TYR C 281 -7.71 7.17 -38.66
CA TYR C 281 -7.12 6.15 -39.55
C TYR C 281 -8.03 5.77 -40.73
N GLY C 282 -8.78 6.76 -41.24
CA GLY C 282 -9.71 6.59 -42.34
C GLY C 282 -10.94 5.79 -41.99
N ILE C 283 -11.16 5.53 -40.67
CA ILE C 283 -12.30 4.77 -40.18
C ILE C 283 -13.53 5.68 -40.10
N LYS C 284 -14.61 5.29 -40.78
CA LYS C 284 -15.86 6.05 -40.86
C LYS C 284 -17.04 5.38 -40.15
N ASP C 285 -16.86 4.12 -39.72
CA ASP C 285 -17.91 3.36 -39.02
C ASP C 285 -17.84 3.48 -37.49
N ASP C 286 -19.00 3.22 -36.82
CA ASP C 286 -19.12 3.24 -35.35
C ASP C 286 -18.46 1.97 -34.79
N VAL C 287 -17.13 1.97 -34.73
CA VAL C 287 -16.40 0.81 -34.19
C VAL C 287 -15.47 1.23 -33.06
N PHE C 288 -15.24 0.30 -32.13
CA PHE C 288 -14.37 0.52 -30.98
C PHE C 288 -13.08 -0.28 -31.17
N LEU C 289 -11.94 0.42 -31.09
CA LEU C 289 -10.60 -0.17 -31.20
C LEU C 289 -9.73 0.46 -30.13
N SER C 290 -8.67 -0.25 -29.73
CA SER C 290 -7.77 0.25 -28.72
C SER C 290 -6.77 1.23 -29.21
N VAL C 291 -6.68 2.36 -28.51
CA VAL C 291 -5.69 3.42 -28.69
C VAL C 291 -5.29 3.85 -27.27
N PRO C 292 -4.16 4.54 -27.06
CA PRO C 292 -3.84 5.00 -25.69
C PRO C 292 -4.82 6.11 -25.29
N CYS C 293 -5.54 5.88 -24.18
CA CYS C 293 -6.55 6.80 -23.66
C CYS C 293 -6.16 7.31 -22.29
N ILE C 294 -6.51 8.57 -22.01
CA ILE C 294 -6.31 9.17 -20.69
C ILE C 294 -7.57 8.80 -19.86
N LEU C 295 -7.38 8.07 -18.74
CA LEU C 295 -8.47 7.59 -17.89
C LEU C 295 -8.59 8.34 -16.58
N GLY C 296 -9.83 8.68 -16.22
CA GLY C 296 -10.12 9.39 -14.99
C GLY C 296 -11.58 9.31 -14.59
N GLN C 297 -11.99 10.23 -13.70
CA GLN C 297 -13.33 10.30 -13.10
C GLN C 297 -14.48 10.32 -14.14
N ASN C 298 -14.25 10.88 -15.33
CA ASN C 298 -15.32 10.85 -16.33
C ASN C 298 -15.03 9.83 -17.45
N GLY C 299 -14.21 8.82 -17.14
CA GLY C 299 -13.83 7.75 -18.07
C GLY C 299 -12.76 8.19 -19.02
N ILE C 300 -12.98 8.03 -20.34
CA ILE C 300 -12.03 8.46 -21.40
C ILE C 300 -12.27 9.93 -21.70
N SER C 301 -11.41 10.81 -21.21
CA SER C 301 -11.56 12.24 -21.49
C SER C 301 -10.80 12.63 -22.76
N ASP C 302 -9.71 11.91 -23.04
CA ASP C 302 -8.82 12.20 -24.15
C ASP C 302 -8.17 10.95 -24.71
N LEU C 303 -7.64 11.03 -25.93
CA LEU C 303 -6.88 9.93 -26.49
C LEU C 303 -5.61 10.44 -27.15
N VAL C 304 -4.58 9.60 -27.17
CA VAL C 304 -3.29 9.92 -27.77
C VAL C 304 -3.38 9.55 -29.24
N LYS C 305 -2.97 10.48 -30.12
CA LYS C 305 -2.97 10.24 -31.56
C LYS C 305 -1.61 9.67 -31.95
N VAL C 306 -1.54 8.35 -31.98
CA VAL C 306 -0.33 7.61 -32.31
C VAL C 306 -0.04 7.73 -33.81
N THR C 307 1.22 8.08 -34.15
CA THR C 307 1.65 8.12 -35.56
C THR C 307 1.84 6.65 -35.96
N LEU C 308 1.00 6.18 -36.89
CA LEU C 308 1.10 4.79 -37.37
C LEU C 308 1.68 4.77 -38.77
N THR C 309 2.38 3.69 -39.13
CA THR C 309 2.90 3.53 -40.50
C THR C 309 1.71 3.16 -41.38
N SER C 310 1.87 3.20 -42.72
CA SER C 310 0.82 2.82 -43.67
C SER C 310 0.27 1.42 -43.40
N GLU C 311 1.17 0.44 -43.10
CA GLU C 311 0.81 -0.94 -42.81
C GLU C 311 -0.03 -1.05 -41.53
N GLU C 312 0.39 -0.33 -40.46
CA GLU C 312 -0.31 -0.33 -39.17
C GLU C 312 -1.70 0.25 -39.34
N GLU C 313 -1.79 1.38 -40.06
CA GLU C 313 -3.04 2.07 -40.36
C GLU C 313 -3.98 1.14 -41.16
N ALA C 314 -3.45 0.40 -42.15
CA ALA C 314 -4.22 -0.56 -42.96
C ALA C 314 -4.79 -1.71 -42.11
N ARG C 315 -4.01 -2.22 -41.12
CA ARG C 315 -4.45 -3.29 -40.21
C ARG C 315 -5.62 -2.84 -39.33
N LEU C 316 -5.59 -1.60 -38.84
CA LEU C 316 -6.68 -1.05 -38.02
C LEU C 316 -7.94 -0.85 -38.86
N LYS C 317 -7.76 -0.38 -40.11
CA LYS C 317 -8.86 -0.19 -41.06
C LYS C 317 -9.51 -1.53 -41.40
N LYS C 318 -8.69 -2.59 -41.59
CA LYS C 318 -9.23 -3.93 -41.89
C LYS C 318 -10.01 -4.48 -40.71
N SER C 319 -9.52 -4.24 -39.47
CA SER C 319 -10.22 -4.65 -38.23
C SER C 319 -11.56 -3.91 -38.13
N ALA C 320 -11.57 -2.58 -38.38
CA ALA C 320 -12.77 -1.75 -38.35
C ALA C 320 -13.82 -2.26 -39.35
N ASP C 321 -13.38 -2.65 -40.56
CA ASP C 321 -14.26 -3.17 -41.61
C ASP C 321 -14.88 -4.49 -41.19
N THR C 322 -14.07 -5.39 -40.60
CA THR C 322 -14.52 -6.69 -40.13
C THR C 322 -15.51 -6.52 -38.96
N LEU C 323 -15.17 -5.62 -38.00
CA LEU C 323 -16.02 -5.34 -36.84
C LEU C 323 -17.37 -4.79 -37.28
N TRP C 324 -17.35 -3.79 -38.19
CA TRP C 324 -18.58 -3.18 -38.69
C TRP C 324 -19.46 -4.18 -39.46
N GLY C 325 -18.82 -5.09 -40.20
CA GLY C 325 -19.48 -6.15 -40.95
C GLY C 325 -20.32 -7.04 -40.05
N ILE C 326 -19.80 -7.37 -38.84
CA ILE C 326 -20.50 -8.17 -37.86
C ILE C 326 -21.60 -7.33 -37.20
N GLN C 327 -21.25 -6.11 -36.78
CA GLN C 327 -22.12 -5.16 -36.09
C GLN C 327 -23.39 -4.79 -36.83
N LYS C 328 -23.28 -4.49 -38.13
CA LYS C 328 -24.43 -4.07 -38.95
C LYS C 328 -25.51 -5.17 -39.08
N GLU C 329 -25.14 -6.44 -38.81
CA GLU C 329 -26.01 -7.62 -38.88
C GLU C 329 -26.62 -8.03 -37.54
N LEU C 330 -26.15 -7.42 -36.43
CA LEU C 330 -26.65 -7.73 -35.07
C LEU C 330 -28.04 -7.19 -34.82
N GLN C 331 -28.86 -7.98 -34.10
CA GLN C 331 -30.23 -7.61 -33.76
C GLN C 331 -30.32 -7.07 -32.34
N PHE C 332 -30.70 -5.78 -32.21
CA PHE C 332 -30.87 -5.06 -30.95
C PHE C 332 -32.34 -5.04 -30.51
N ALA D 2 26.39 -6.91 -33.01
CA ALA D 2 25.91 -7.03 -31.62
C ALA D 2 24.39 -7.18 -31.57
N THR D 3 23.87 -7.89 -30.53
CA THR D 3 22.42 -8.07 -30.36
C THR D 3 21.79 -6.73 -29.96
N LEU D 4 20.46 -6.59 -30.14
CA LEU D 4 19.74 -5.38 -29.75
C LEU D 4 19.90 -5.13 -28.24
N LYS D 5 19.82 -6.20 -27.42
CA LYS D 5 20.00 -6.12 -25.97
C LYS D 5 21.36 -5.52 -25.63
N ASP D 6 22.45 -5.99 -26.31
CA ASP D 6 23.80 -5.49 -26.09
C ASP D 6 24.01 -4.05 -26.58
N GLN D 7 23.28 -3.66 -27.64
CA GLN D 7 23.33 -2.29 -28.17
C GLN D 7 22.65 -1.34 -27.18
N LEU D 8 21.56 -1.80 -26.56
CA LEU D 8 20.77 -1.02 -25.62
C LEU D 8 21.35 -0.96 -24.22
N ILE D 9 21.83 -2.10 -23.72
CA ILE D 9 22.30 -2.24 -22.34
C ILE D 9 23.75 -2.67 -22.21
N TYR D 10 24.50 -1.93 -21.37
CA TYR D 10 25.85 -2.26 -20.98
C TYR D 10 25.78 -2.94 -19.61
N ASN D 11 26.32 -4.16 -19.51
CA ASN D 11 26.33 -4.92 -18.26
C ASN D 11 27.57 -4.61 -17.41
N LEU D 12 27.36 -4.27 -16.12
CA LEU D 12 28.43 -3.98 -15.15
C LEU D 12 28.98 -5.28 -14.54
N LEU D 13 28.09 -6.22 -14.20
CA LEU D 13 28.44 -7.55 -13.69
C LEU D 13 27.31 -8.53 -13.87
N LYS D 14 27.65 -9.83 -13.97
CA LYS D 14 26.64 -10.88 -14.13
C LYS D 14 26.57 -11.76 -12.86
N GLU D 15 27.31 -11.38 -11.79
CA GLU D 15 27.45 -12.11 -10.52
C GLU D 15 26.17 -12.82 -10.04
N GLU D 16 26.35 -14.06 -9.57
CA GLU D 16 25.26 -14.92 -9.11
C GLU D 16 24.63 -14.40 -7.84
N GLN D 17 23.29 -14.34 -7.85
CA GLN D 17 22.54 -13.85 -6.71
C GLN D 17 21.46 -14.80 -6.21
N THR D 18 21.06 -14.59 -4.96
CA THR D 18 20.08 -15.42 -4.27
C THR D 18 18.88 -14.57 -3.76
N PRO D 19 17.62 -15.09 -3.85
CA PRO D 19 16.47 -14.31 -3.36
C PRO D 19 16.56 -14.05 -1.86
N GLN D 20 16.19 -12.84 -1.47
CA GLN D 20 16.29 -12.38 -0.09
C GLN D 20 15.01 -12.54 0.69
N ASN D 21 13.84 -12.61 0.02
CA ASN D 21 12.53 -12.70 0.66
C ASN D 21 11.61 -13.64 -0.14
N LYS D 22 12.08 -14.87 -0.34
CA LYS D 22 11.39 -15.86 -1.15
C LYS D 22 10.30 -16.61 -0.39
N ILE D 23 9.16 -16.80 -1.05
CA ILE D 23 8.04 -17.55 -0.50
C ILE D 23 7.69 -18.64 -1.50
N THR D 24 7.42 -19.85 -1.00
CA THR D 24 6.97 -20.97 -1.80
C THR D 24 5.56 -21.33 -1.38
N VAL D 25 4.72 -21.66 -2.36
CA VAL D 25 3.38 -22.16 -2.12
C VAL D 25 3.32 -23.57 -2.73
N VAL D 26 3.07 -24.58 -1.90
CA VAL D 26 2.95 -25.97 -2.37
C VAL D 26 1.46 -26.31 -2.46
N GLY D 27 1.02 -26.69 -3.65
CA GLY D 27 -0.37 -27.04 -3.98
C GLY D 27 -1.06 -25.83 -4.60
N VAL D 28 -1.32 -25.86 -5.93
CA VAL D 28 -1.90 -24.73 -6.68
C VAL D 28 -3.40 -24.89 -6.94
N GLY D 29 -4.13 -25.39 -5.94
CA GLY D 29 -5.57 -25.47 -6.00
C GLY D 29 -6.15 -24.10 -5.70
N ALA D 30 -7.46 -24.01 -5.43
CA ALA D 30 -8.07 -22.72 -5.14
C ALA D 30 -7.47 -22.02 -3.91
N VAL D 31 -7.11 -22.80 -2.87
CA VAL D 31 -6.50 -22.28 -1.64
C VAL D 31 -5.10 -21.73 -1.89
N GLY D 32 -4.25 -22.55 -2.50
CA GLY D 32 -2.88 -22.15 -2.83
C GLY D 32 -2.79 -20.95 -3.73
N MET D 33 -3.66 -20.88 -4.76
CA MET D 33 -3.65 -19.75 -5.68
C MET D 33 -4.17 -18.45 -5.04
N ALA D 34 -5.13 -18.55 -4.10
CA ALA D 34 -5.65 -17.39 -3.38
C ALA D 34 -4.58 -16.87 -2.41
N CYS D 35 -3.78 -17.80 -1.82
CA CYS D 35 -2.65 -17.45 -0.97
C CYS D 35 -1.65 -16.69 -1.84
N ALA D 36 -1.34 -17.22 -3.03
CA ALA D 36 -0.39 -16.65 -3.97
C ALA D 36 -0.76 -15.22 -4.41
N ILE D 37 -1.99 -15.00 -4.90
CA ILE D 37 -2.43 -13.67 -5.34
C ILE D 37 -2.43 -12.65 -4.17
N SER D 38 -2.81 -13.08 -2.98
CA SER D 38 -2.85 -12.20 -1.81
C SER D 38 -1.44 -11.82 -1.38
N ILE D 39 -0.50 -12.77 -1.42
CA ILE D 39 0.91 -12.52 -1.09
C ILE D 39 1.52 -11.58 -2.12
N LEU D 40 1.20 -11.81 -3.41
CA LEU D 40 1.69 -10.96 -4.51
C LEU D 40 1.18 -9.52 -4.38
N MET D 41 -0.11 -9.33 -4.08
CA MET D 41 -0.68 -7.98 -3.98
C MET D 41 -0.29 -7.24 -2.70
N LYS D 42 0.32 -7.96 -1.74
CA LYS D 42 0.80 -7.37 -0.51
C LYS D 42 2.30 -7.09 -0.52
N ASP D 43 2.99 -7.37 -1.67
CA ASP D 43 4.43 -7.12 -1.88
C ASP D 43 5.29 -7.76 -0.77
N LEU D 44 5.01 -9.01 -0.42
CA LEU D 44 5.74 -9.65 0.69
C LEU D 44 6.98 -10.41 0.26
N ALA D 45 7.06 -10.77 -1.02
CA ALA D 45 8.14 -11.57 -1.57
C ALA D 45 8.88 -10.91 -2.73
N ASP D 46 10.18 -11.22 -2.89
CA ASP D 46 10.96 -10.78 -4.05
C ASP D 46 10.98 -11.92 -5.08
N GLU D 47 10.53 -13.10 -4.66
CA GLU D 47 10.42 -14.29 -5.51
C GLU D 47 9.32 -15.19 -4.99
N LEU D 48 8.45 -15.67 -5.89
CA LEU D 48 7.40 -16.60 -5.55
C LEU D 48 7.62 -17.90 -6.34
N ALA D 49 7.68 -19.03 -5.62
CA ALA D 49 7.79 -20.35 -6.25
C ALA D 49 6.49 -21.10 -6.02
N LEU D 50 5.99 -21.80 -7.05
CA LEU D 50 4.79 -22.63 -6.94
C LEU D 50 5.16 -24.09 -7.23
N VAL D 51 4.65 -25.03 -6.44
CA VAL D 51 4.91 -26.45 -6.64
C VAL D 51 3.58 -27.19 -6.62
N ASP D 52 3.45 -28.22 -7.46
CA ASP D 52 2.30 -29.13 -7.51
C ASP D 52 2.73 -30.40 -8.28
N VAL D 53 1.89 -31.43 -8.27
CA VAL D 53 2.12 -32.68 -9.00
C VAL D 53 1.43 -32.65 -10.37
N ILE D 54 0.39 -31.79 -10.52
CA ILE D 54 -0.35 -31.61 -11.79
C ILE D 54 0.40 -30.55 -12.57
N GLU D 55 1.26 -31.01 -13.49
CA GLU D 55 2.18 -30.19 -14.26
C GLU D 55 1.55 -29.15 -15.20
N ASP D 56 0.48 -29.49 -15.95
CA ASP D 56 -0.14 -28.54 -16.87
C ASP D 56 -0.82 -27.37 -16.12
N LYS D 57 -1.61 -27.67 -15.09
CA LYS D 57 -2.28 -26.68 -14.24
C LYS D 57 -1.24 -25.75 -13.58
N LEU D 58 -0.14 -26.34 -13.08
CA LEU D 58 0.94 -25.60 -12.45
C LEU D 58 1.57 -24.59 -13.40
N LYS D 59 1.84 -25.00 -14.65
CA LYS D 59 2.44 -24.12 -15.66
C LYS D 59 1.50 -22.99 -16.02
N GLY D 60 0.22 -23.33 -16.23
CA GLY D 60 -0.83 -22.37 -16.57
C GLY D 60 -1.01 -21.30 -15.51
N GLU D 61 -1.00 -21.73 -14.24
CA GLU D 61 -1.14 -20.82 -13.08
C GLU D 61 0.06 -19.86 -12.99
N MET D 62 1.29 -20.40 -13.14
CA MET D 62 2.51 -19.61 -13.13
C MET D 62 2.48 -18.54 -14.23
N MET D 63 2.18 -18.95 -15.48
CA MET D 63 2.10 -18.06 -16.62
C MET D 63 1.07 -16.95 -16.42
N ASP D 64 -0.12 -17.31 -15.90
CA ASP D 64 -1.20 -16.36 -15.66
C ASP D 64 -0.74 -15.26 -14.68
N LEU D 65 -0.07 -15.64 -13.58
CA LEU D 65 0.50 -14.70 -12.61
C LEU D 65 1.59 -13.84 -13.25
N GLN D 66 2.49 -14.47 -14.05
CA GLN D 66 3.58 -13.74 -14.72
C GLN D 66 3.01 -12.70 -15.69
N HIS D 67 1.89 -13.00 -16.36
CA HIS D 67 1.29 -12.05 -17.30
C HIS D 67 0.78 -10.76 -16.62
N GLY D 68 0.61 -10.79 -15.30
CA GLY D 68 0.19 -9.63 -14.51
C GLY D 68 1.35 -8.91 -13.82
N SER D 69 2.62 -9.28 -14.17
CA SER D 69 3.89 -8.73 -13.62
C SER D 69 3.94 -7.21 -13.63
N LEU D 70 3.43 -6.58 -14.70
CA LEU D 70 3.41 -5.13 -14.86
C LEU D 70 2.71 -4.46 -13.65
N PHE D 71 1.72 -5.14 -13.06
CA PHE D 71 0.90 -4.63 -11.95
C PHE D 71 1.36 -5.09 -10.58
N LEU D 72 2.48 -5.82 -10.53
CA LEU D 72 3.03 -6.33 -9.28
C LEU D 72 4.47 -5.81 -9.00
N ARG D 73 4.98 -6.08 -7.81
CA ARG D 73 6.34 -5.71 -7.39
C ARG D 73 7.10 -6.95 -6.88
N THR D 74 6.83 -8.11 -7.49
CA THR D 74 7.50 -9.40 -7.23
C THR D 74 8.12 -9.74 -8.59
N PRO D 75 9.44 -9.52 -8.76
CA PRO D 75 10.04 -9.61 -10.09
C PRO D 75 10.26 -11.00 -10.66
N LYS D 76 10.16 -12.05 -9.84
CA LYS D 76 10.39 -13.41 -10.31
C LYS D 76 9.34 -14.37 -9.77
N ILE D 77 8.62 -15.02 -10.69
CA ILE D 77 7.63 -16.04 -10.38
C ILE D 77 8.09 -17.29 -11.10
N VAL D 78 8.30 -18.38 -10.34
CA VAL D 78 8.78 -19.66 -10.87
C VAL D 78 7.87 -20.80 -10.40
N SER D 79 7.93 -21.92 -11.12
CA SER D 79 7.16 -23.12 -10.78
C SER D 79 7.85 -24.37 -11.29
N GLY D 80 7.46 -25.51 -10.72
CA GLY D 80 7.97 -26.81 -11.09
C GLY D 80 7.53 -27.89 -10.14
N LYS D 81 7.58 -29.14 -10.65
CA LYS D 81 7.27 -30.36 -9.89
C LYS D 81 8.49 -30.63 -8.97
N ASP D 82 9.70 -30.26 -9.43
CA ASP D 82 10.97 -30.41 -8.71
C ASP D 82 11.13 -29.27 -7.70
N TYR D 83 11.58 -29.64 -6.48
CA TYR D 83 11.74 -28.70 -5.38
C TYR D 83 12.98 -27.80 -5.48
N ASN D 84 13.78 -27.92 -6.56
CA ASN D 84 14.93 -27.03 -6.75
C ASN D 84 14.47 -25.59 -7.01
N VAL D 85 13.21 -25.43 -7.49
CA VAL D 85 12.62 -24.11 -7.74
C VAL D 85 12.33 -23.37 -6.40
N THR D 86 12.25 -24.12 -5.27
CA THR D 86 11.91 -23.61 -3.94
C THR D 86 13.12 -23.23 -3.09
N ALA D 87 14.33 -23.44 -3.61
CA ALA D 87 15.57 -23.19 -2.87
C ALA D 87 15.65 -21.81 -2.24
N ASN D 88 16.11 -21.76 -0.96
CA ASN D 88 16.33 -20.53 -0.17
C ASN D 88 15.06 -19.76 0.14
N SER D 89 13.92 -20.46 0.32
CA SER D 89 12.66 -19.80 0.68
C SER D 89 12.72 -19.45 2.16
N LYS D 90 12.23 -18.26 2.54
CA LYS D 90 12.14 -17.81 3.93
C LYS D 90 10.90 -18.47 4.55
N LEU D 91 9.83 -18.62 3.75
CA LEU D 91 8.55 -19.17 4.20
C LEU D 91 8.00 -20.14 3.16
N VAL D 92 7.59 -21.32 3.61
CA VAL D 92 7.01 -22.32 2.73
C VAL D 92 5.60 -22.63 3.21
N ILE D 93 4.60 -22.37 2.33
CA ILE D 93 3.18 -22.55 2.63
C ILE D 93 2.68 -23.82 2.00
N ILE D 94 2.17 -24.75 2.83
CA ILE D 94 1.67 -26.03 2.35
C ILE D 94 0.15 -26.03 2.32
N THR D 95 -0.39 -26.07 1.08
CA THR D 95 -1.84 -26.10 0.80
C THR D 95 -2.19 -27.35 -0.01
N ALA D 96 -1.26 -28.29 -0.10
CA ALA D 96 -1.41 -29.51 -0.87
C ALA D 96 -2.31 -30.52 -0.14
N GLY D 97 -3.13 -31.23 -0.89
CA GLY D 97 -4.06 -32.21 -0.33
C GLY D 97 -4.61 -33.17 -1.35
N ALA D 98 -4.86 -34.41 -0.90
CA ALA D 98 -5.37 -35.54 -1.68
C ALA D 98 -6.72 -35.25 -2.33
N ASN D 108 -8.34 -42.15 7.16
CA ASN D 108 -8.88 -42.02 5.80
C ASN D 108 -8.22 -40.82 5.07
N LEU D 109 -8.83 -39.60 5.18
CA LEU D 109 -8.28 -38.37 4.58
C LEU D 109 -6.97 -38.03 5.30
N VAL D 110 -6.91 -38.28 6.63
CA VAL D 110 -5.72 -38.09 7.47
C VAL D 110 -4.53 -38.83 6.86
N GLN D 111 -4.69 -40.15 6.64
CA GLN D 111 -3.67 -41.05 6.11
C GLN D 111 -3.14 -40.64 4.75
N ARG D 112 -4.01 -40.29 3.80
CA ARG D 112 -3.54 -39.87 2.48
C ARG D 112 -2.86 -38.50 2.52
N ASN D 113 -3.25 -37.61 3.44
CA ASN D 113 -2.57 -36.31 3.54
C ASN D 113 -1.23 -36.44 4.26
N VAL D 114 -1.12 -37.39 5.21
CA VAL D 114 0.14 -37.72 5.90
C VAL D 114 1.12 -38.28 4.84
N ASN D 115 0.64 -39.14 3.91
CA ASN D 115 1.47 -39.71 2.84
C ASN D 115 1.99 -38.69 1.86
N ILE D 116 1.19 -37.65 1.59
CA ILE D 116 1.59 -36.53 0.73
C ILE D 116 2.73 -35.75 1.43
N PHE D 117 2.61 -35.55 2.75
CA PHE D 117 3.61 -34.84 3.55
C PHE D 117 4.93 -35.57 3.65
N LYS D 118 4.87 -36.91 3.68
CA LYS D 118 6.05 -37.78 3.70
C LYS D 118 6.98 -37.49 2.52
N PHE D 119 6.41 -37.11 1.37
N PHE D 119 6.41 -37.08 1.38
CA PHE D 119 7.15 -36.76 0.16
CA PHE D 119 7.15 -36.76 0.15
C PHE D 119 7.55 -35.28 0.14
C PHE D 119 7.48 -35.28 0.00
N ILE D 120 6.58 -34.39 0.44
CA ILE D 120 6.76 -32.93 0.42
C ILE D 120 7.81 -32.41 1.40
N ILE D 121 7.60 -32.65 2.69
CA ILE D 121 8.41 -32.09 3.76
C ILE D 121 9.92 -32.36 3.59
N PRO D 122 10.44 -33.60 3.37
CA PRO D 122 11.90 -33.76 3.20
C PRO D 122 12.47 -32.95 2.03
N ASN D 123 11.70 -32.84 0.93
CA ASN D 123 12.06 -32.07 -0.25
C ASN D 123 12.12 -30.57 0.04
N VAL D 124 11.19 -30.06 0.87
CA VAL D 124 11.16 -28.65 1.29
C VAL D 124 12.41 -28.36 2.13
N VAL D 125 12.67 -29.22 3.14
CA VAL D 125 13.79 -29.14 4.09
C VAL D 125 15.14 -29.18 3.38
N LYS D 126 15.24 -30.04 2.33
CA LYS D 126 16.46 -30.17 1.52
C LYS D 126 16.88 -28.84 0.89
N TYR D 127 15.93 -28.11 0.29
CA TYR D 127 16.20 -26.89 -0.44
C TYR D 127 16.07 -25.60 0.38
N SER D 128 15.30 -25.62 1.48
CA SER D 128 15.19 -24.45 2.36
C SER D 128 15.30 -24.92 3.82
N PRO D 129 16.52 -25.32 4.28
CA PRO D 129 16.66 -25.85 5.64
C PRO D 129 16.35 -24.86 6.76
N ASN D 130 16.43 -23.55 6.49
CA ASN D 130 16.20 -22.51 7.48
C ASN D 130 14.82 -21.80 7.35
N CYS D 131 13.92 -22.34 6.51
CA CYS D 131 12.60 -21.76 6.33
C CYS D 131 11.65 -21.94 7.53
N LYS D 132 10.57 -21.16 7.51
CA LYS D 132 9.45 -21.31 8.43
C LYS D 132 8.44 -22.09 7.60
N LEU D 133 7.78 -23.09 8.21
CA LEU D 133 6.76 -23.88 7.52
C LEU D 133 5.40 -23.40 7.99
N LEU D 134 4.53 -23.06 7.06
CA LEU D 134 3.15 -22.65 7.38
C LEU D 134 2.19 -23.67 6.76
N ILE D 135 1.54 -24.46 7.61
CA ILE D 135 0.63 -25.53 7.19
C ILE D 135 -0.82 -25.05 7.13
N VAL D 136 -1.46 -25.22 5.97
CA VAL D 136 -2.84 -24.85 5.72
C VAL D 136 -3.70 -26.10 5.51
N SER D 137 -3.14 -27.12 4.84
CA SER D 137 -3.80 -28.39 4.53
C SER D 137 -4.54 -28.96 5.75
N ASN D 138 -5.72 -29.55 5.54
CA ASN D 138 -6.52 -30.16 6.62
C ASN D 138 -6.33 -31.66 6.78
N PRO D 139 -6.48 -32.26 8.00
CA PRO D 139 -6.75 -31.63 9.31
C PRO D 139 -5.49 -30.91 9.81
N VAL D 140 -5.56 -29.57 9.80
CA VAL D 140 -4.43 -28.67 10.04
C VAL D 140 -3.67 -28.96 11.35
N ASP D 141 -4.35 -29.28 12.45
CA ASP D 141 -3.65 -29.53 13.71
C ASP D 141 -2.80 -30.83 13.65
N ILE D 142 -3.35 -31.91 13.05
CA ILE D 142 -2.61 -33.16 12.85
C ILE D 142 -1.46 -32.95 11.85
N LEU D 143 -1.75 -32.26 10.73
CA LEU D 143 -0.75 -32.05 9.68
C LEU D 143 0.40 -31.09 10.09
N THR D 144 0.18 -30.19 11.06
CA THR D 144 1.24 -29.31 11.57
C THR D 144 2.19 -30.19 12.42
N TYR D 145 1.61 -31.14 13.20
CA TYR D 145 2.39 -32.10 13.99
C TYR D 145 3.24 -32.98 13.04
N VAL D 146 2.60 -33.47 11.96
CA VAL D 146 3.19 -34.33 10.94
C VAL D 146 4.37 -33.60 10.27
N ALA D 147 4.19 -32.31 9.93
CA ALA D 147 5.26 -31.51 9.33
C ALA D 147 6.40 -31.31 10.34
N TRP D 148 6.05 -31.09 11.62
CA TRP D 148 7.05 -30.90 12.68
C TRP D 148 7.87 -32.18 12.89
N LYS D 149 7.18 -33.35 12.97
CA LYS D 149 7.81 -34.66 13.15
C LYS D 149 8.75 -35.00 11.97
N ILE D 150 8.26 -34.90 10.71
CA ILE D 150 9.05 -35.19 9.50
C ILE D 150 10.23 -34.20 9.32
N SER D 151 10.00 -32.89 9.43
CA SER D 151 11.04 -31.88 9.20
C SER D 151 12.20 -31.92 10.19
N GLY D 152 11.88 -32.17 11.46
CA GLY D 152 12.86 -32.14 12.53
C GLY D 152 13.14 -30.71 12.94
N PHE D 153 12.34 -29.75 12.45
CA PHE D 153 12.52 -28.32 12.73
C PHE D 153 12.20 -28.00 14.19
N PRO D 154 12.79 -26.92 14.78
CA PRO D 154 12.38 -26.54 16.14
C PRO D 154 10.91 -26.07 16.09
N LYS D 155 10.18 -26.21 17.20
CA LYS D 155 8.74 -25.87 17.29
C LYS D 155 8.39 -24.48 16.76
N ASN D 156 9.29 -23.49 16.97
CA ASN D 156 9.05 -22.11 16.53
C ASN D 156 8.93 -21.95 15.01
N ARG D 157 9.53 -22.87 14.24
CA ARG D 157 9.50 -22.74 12.78
C ARG D 157 8.44 -23.62 12.10
N VAL D 158 7.51 -24.21 12.87
CA VAL D 158 6.42 -25.02 12.31
C VAL D 158 5.12 -24.41 12.79
N ILE D 159 4.40 -23.73 11.87
CA ILE D 159 3.19 -23.00 12.21
C ILE D 159 1.99 -23.54 11.45
N GLY D 160 0.91 -23.77 12.16
CA GLY D 160 -0.35 -24.21 11.55
C GLY D 160 -1.29 -23.02 11.42
N SER D 161 -1.95 -22.89 10.26
CA SER D 161 -2.95 -21.84 10.01
C SER D 161 -3.98 -21.82 11.17
N GLY D 162 -4.29 -23.01 11.68
CA GLY D 162 -5.14 -23.22 12.85
C GLY D 162 -6.43 -22.44 12.89
N CYS D 163 -6.64 -21.67 13.98
CA CYS D 163 -7.87 -20.90 14.20
C CYS D 163 -7.80 -19.46 13.71
N ASN D 164 -6.88 -19.18 12.79
CA ASN D 164 -6.72 -17.84 12.24
C ASN D 164 -7.96 -17.45 11.44
N LEU D 165 -8.42 -18.33 10.54
CA LEU D 165 -9.62 -18.08 9.74
C LEU D 165 -10.90 -18.08 10.61
N ASP D 166 -11.01 -19.04 11.56
CA ASP D 166 -12.14 -19.16 12.50
C ASP D 166 -12.34 -17.83 13.24
N SER D 167 -11.22 -17.27 13.76
CA SER D 167 -11.23 -15.98 14.46
C SER D 167 -11.60 -14.82 13.54
N ALA D 168 -11.12 -14.82 12.28
CA ALA D 168 -11.41 -13.77 11.31
C ALA D 168 -12.91 -13.77 11.00
N ARG D 169 -13.52 -14.96 10.82
CA ARG D 169 -14.97 -15.10 10.55
C ARG D 169 -15.77 -14.65 11.77
N PHE D 170 -15.30 -15.02 12.97
CA PHE D 170 -15.94 -14.63 14.22
C PHE D 170 -16.00 -13.11 14.35
N ARG D 171 -14.88 -12.44 14.07
CA ARG D 171 -14.75 -10.98 14.14
C ARG D 171 -15.61 -10.30 13.08
N TYR D 172 -15.75 -10.93 11.90
CA TYR D 172 -16.62 -10.42 10.84
C TYR D 172 -18.08 -10.44 11.34
N LEU D 173 -18.52 -11.58 11.92
CA LEU D 173 -19.88 -11.77 12.44
C LEU D 173 -20.16 -10.85 13.62
N MET D 174 -19.16 -10.68 14.49
CA MET D 174 -19.25 -9.78 15.65
C MET D 174 -19.43 -8.34 15.16
N GLY D 175 -18.64 -7.97 14.15
CA GLY D 175 -18.68 -6.65 13.52
C GLY D 175 -20.01 -6.31 12.91
N GLU D 176 -20.62 -7.30 12.24
CA GLU D 176 -21.95 -7.19 11.62
C GLU D 176 -23.03 -6.94 12.67
N ARG D 177 -22.97 -7.66 13.81
CA ARG D 177 -23.94 -7.49 14.90
C ARG D 177 -23.81 -6.13 15.58
N LEU D 178 -22.57 -5.63 15.75
CA LEU D 178 -22.32 -4.36 16.45
C LEU D 178 -22.27 -3.12 15.56
N GLY D 179 -22.17 -3.29 14.24
CA GLY D 179 -22.05 -2.17 13.32
C GLY D 179 -20.69 -1.49 13.45
N VAL D 180 -19.65 -2.29 13.69
CA VAL D 180 -18.26 -1.85 13.87
C VAL D 180 -17.35 -2.68 12.94
N HIS D 181 -16.26 -2.05 12.39
CA HIS D 181 -15.33 -2.76 11.53
C HIS D 181 -14.72 -3.96 12.29
N PRO D 182 -14.53 -5.14 11.63
CA PRO D 182 -13.92 -6.30 12.34
C PRO D 182 -12.56 -5.98 13.01
N LEU D 183 -11.79 -5.01 12.48
CA LEU D 183 -10.51 -4.58 13.07
C LEU D 183 -10.68 -4.06 14.50
N SER D 184 -11.85 -3.50 14.82
CA SER D 184 -12.13 -2.93 16.15
C SER D 184 -12.95 -3.88 17.03
N CYS D 185 -13.30 -5.08 16.52
CA CYS D 185 -14.06 -6.09 17.23
C CYS D 185 -13.08 -7.20 17.59
N HIS D 186 -12.71 -7.30 18.87
CA HIS D 186 -11.73 -8.28 19.33
C HIS D 186 -12.38 -9.50 19.93
N GLY D 187 -11.90 -10.67 19.56
CA GLY D 187 -12.45 -11.94 20.00
C GLY D 187 -11.62 -13.06 19.47
N TRP D 188 -11.37 -14.06 20.32
CA TRP D 188 -10.48 -15.16 20.02
C TRP D 188 -11.17 -16.51 19.98
N VAL D 189 -10.96 -17.24 18.89
CA VAL D 189 -11.44 -18.60 18.69
C VAL D 189 -10.18 -19.45 18.75
N LEU D 190 -10.07 -20.34 19.74
CA LEU D 190 -8.87 -21.13 19.98
C LEU D 190 -9.11 -22.64 19.98
N GLY D 191 -8.04 -23.40 20.21
CA GLY D 191 -8.11 -24.85 20.28
C GLY D 191 -7.97 -25.52 18.93
N GLU D 192 -8.82 -26.52 18.69
CA GLU D 192 -8.81 -27.32 17.47
C GLU D 192 -9.56 -26.60 16.37
N HIS D 193 -8.89 -26.44 15.22
CA HIS D 193 -9.51 -25.78 14.08
C HIS D 193 -10.75 -26.54 13.59
N GLY D 194 -11.80 -25.79 13.24
CA GLY D 194 -13.02 -26.36 12.69
C GLY D 194 -14.17 -26.49 13.65
N ASP D 195 -14.88 -27.62 13.55
CA ASP D 195 -16.06 -27.95 14.35
C ASP D 195 -15.89 -27.84 15.85
N SER D 196 -14.71 -28.25 16.37
CA SER D 196 -14.42 -28.30 17.81
C SER D 196 -13.72 -27.05 18.40
N SER D 197 -13.65 -25.94 17.64
CA SER D 197 -13.00 -24.71 18.11
C SER D 197 -13.72 -24.08 19.31
N VAL D 198 -12.98 -23.31 20.11
CA VAL D 198 -13.48 -22.71 21.34
C VAL D 198 -13.54 -21.17 21.28
N PRO D 199 -14.75 -20.56 21.33
CA PRO D 199 -14.83 -19.09 21.40
C PRO D 199 -14.53 -18.64 22.84
N VAL D 200 -13.52 -17.79 23.03
CA VAL D 200 -13.15 -17.33 24.37
C VAL D 200 -13.98 -16.09 24.74
N TRP D 201 -15.18 -16.31 25.30
CA TRP D 201 -16.13 -15.25 25.64
C TRP D 201 -15.55 -14.12 26.50
N SER D 202 -14.65 -14.45 27.45
CA SER D 202 -14.03 -13.49 28.36
C SER D 202 -13.19 -12.39 27.68
N GLY D 203 -12.65 -12.70 26.50
CA GLY D 203 -11.79 -11.77 25.77
C GLY D 203 -12.48 -10.94 24.72
N MET D 204 -13.78 -11.20 24.48
CA MET D 204 -14.57 -10.50 23.47
CA MET D 204 -14.53 -10.47 23.47
C MET D 204 -14.79 -9.07 23.93
N ASN D 205 -14.28 -8.09 23.15
CA ASN D 205 -14.41 -6.70 23.56
C ASN D 205 -14.34 -5.72 22.42
N VAL D 206 -14.77 -4.49 22.69
CA VAL D 206 -14.64 -3.35 21.79
C VAL D 206 -14.01 -2.28 22.67
N ALA D 207 -12.87 -1.72 22.25
CA ALA D 207 -12.15 -0.68 22.98
C ALA D 207 -11.81 -1.05 24.46
N GLY D 208 -11.52 -2.32 24.69
CA GLY D 208 -11.20 -2.86 26.02
C GLY D 208 -12.41 -3.01 26.93
N VAL D 209 -13.63 -2.86 26.38
CA VAL D 209 -14.86 -2.99 27.15
C VAL D 209 -15.35 -4.41 26.97
N SER D 210 -15.23 -5.23 28.02
CA SER D 210 -15.62 -6.64 27.97
C SER D 210 -17.14 -6.81 27.77
N LEU D 211 -17.51 -7.55 26.73
CA LEU D 211 -18.91 -7.85 26.39
C LEU D 211 -19.51 -8.77 27.48
N LYS D 212 -18.72 -9.70 28.02
CA LYS D 212 -19.09 -10.62 29.10
C LYS D 212 -19.37 -9.88 30.40
N THR D 213 -18.58 -8.84 30.71
CA THR D 213 -18.80 -8.04 31.92
C THR D 213 -20.13 -7.26 31.81
N LEU D 214 -20.43 -6.71 30.62
CA LEU D 214 -21.66 -5.97 30.34
C LEU D 214 -22.87 -6.91 30.28
N HIS D 215 -22.66 -8.12 29.74
CA HIS D 215 -23.73 -9.08 29.53
C HIS D 215 -23.28 -10.45 30.08
N PRO D 216 -23.44 -10.70 31.42
CA PRO D 216 -22.93 -11.97 32.00
C PRO D 216 -23.43 -13.26 31.36
N ASP D 217 -24.60 -13.23 30.71
CA ASP D 217 -25.17 -14.39 30.03
C ASP D 217 -24.46 -14.71 28.69
N LEU D 218 -23.57 -13.81 28.20
CA LEU D 218 -22.81 -13.99 26.95
C LEU D 218 -22.19 -15.39 26.79
N GLY D 219 -22.53 -16.07 25.71
CA GLY D 219 -22.02 -17.40 25.40
C GLY D 219 -22.66 -18.55 26.15
N THR D 220 -23.77 -18.29 26.89
CA THR D 220 -24.49 -19.34 27.62
C THR D 220 -25.82 -19.61 26.93
N ASP D 221 -26.50 -20.70 27.32
CA ASP D 221 -27.82 -21.06 26.79
C ASP D 221 -28.93 -20.12 27.30
N LYS D 222 -28.69 -19.45 28.46
CA LYS D 222 -29.56 -18.46 29.14
C LYS D 222 -29.55 -17.08 28.47
N ASP D 223 -28.67 -16.89 27.49
CA ASP D 223 -28.52 -15.64 26.77
C ASP D 223 -29.71 -15.41 25.83
N LYS D 224 -30.48 -14.35 26.11
CA LYS D 224 -31.66 -13.98 25.31
C LYS D 224 -31.28 -13.51 23.90
N GLU D 225 -30.06 -12.98 23.73
CA GLU D 225 -29.55 -12.51 22.45
C GLU D 225 -28.83 -13.61 21.67
N GLN D 226 -28.62 -14.77 22.31
CA GLN D 226 -27.98 -15.98 21.77
C GLN D 226 -26.66 -15.69 21.01
N TRP D 227 -25.69 -15.08 21.71
CA TRP D 227 -24.37 -14.79 21.13
C TRP D 227 -23.58 -16.07 20.81
N LYS D 228 -23.99 -17.22 21.39
CA LYS D 228 -23.42 -18.56 21.10
C LYS D 228 -23.57 -18.86 19.59
N GLU D 229 -24.64 -18.28 18.97
CA GLU D 229 -24.94 -18.42 17.53
C GLU D 229 -23.85 -17.82 16.68
N VAL D 230 -23.13 -16.79 17.17
CA VAL D 230 -22.02 -16.16 16.46
C VAL D 230 -20.93 -17.23 16.19
N HIS D 231 -20.58 -18.03 17.22
CA HIS D 231 -19.60 -19.09 17.03
C HIS D 231 -20.18 -20.24 16.20
N LYS D 232 -21.48 -20.56 16.41
CA LYS D 232 -22.16 -21.60 15.66
C LYS D 232 -22.15 -21.25 14.15
N GLN D 233 -22.34 -19.96 13.84
CA GLN D 233 -22.33 -19.43 12.47
C GLN D 233 -20.95 -19.47 11.85
N VAL D 234 -19.86 -19.42 12.65
CA VAL D 234 -18.48 -19.53 12.13
C VAL D 234 -18.38 -20.91 11.46
N VAL D 235 -18.80 -21.97 12.18
CA VAL D 235 -18.79 -23.37 11.72
C VAL D 235 -19.79 -23.53 10.54
N GLU D 236 -21.04 -23.06 10.72
CA GLU D 236 -22.10 -23.14 9.71
C GLU D 236 -21.77 -22.44 8.38
N SER D 237 -21.17 -21.24 8.45
CA SER D 237 -20.75 -20.44 7.30
C SER D 237 -19.76 -21.19 6.41
N ALA D 238 -18.79 -21.90 7.01
CA ALA D 238 -17.78 -22.67 6.28
C ALA D 238 -18.41 -23.76 5.40
N TYR D 239 -19.38 -24.52 5.96
CA TYR D 239 -20.10 -25.56 5.23
C TYR D 239 -21.01 -24.94 4.20
N GLU D 240 -21.59 -23.76 4.51
CA GLU D 240 -22.46 -23.03 3.60
C GLU D 240 -21.71 -22.58 2.34
N VAL D 241 -20.47 -22.06 2.51
CA VAL D 241 -19.64 -21.63 1.36
C VAL D 241 -19.33 -22.84 0.47
N ILE D 242 -18.98 -24.00 1.08
CA ILE D 242 -18.70 -25.26 0.34
C ILE D 242 -19.93 -25.67 -0.46
N LYS D 243 -21.11 -25.66 0.19
CA LYS D 243 -22.37 -26.02 -0.45
C LYS D 243 -22.68 -25.08 -1.64
N LEU D 244 -22.43 -23.77 -1.49
CA LEU D 244 -22.74 -22.75 -2.48
C LEU D 244 -21.76 -22.65 -3.65
N LYS D 245 -20.43 -22.73 -3.42
CA LYS D 245 -19.48 -22.58 -4.54
C LYS D 245 -18.53 -23.80 -4.72
N GLY D 246 -18.62 -24.80 -3.85
CA GLY D 246 -17.85 -26.04 -3.94
C GLY D 246 -16.54 -26.11 -3.18
N TYR D 247 -16.05 -24.95 -2.71
CA TYR D 247 -14.78 -24.81 -2.00
C TYR D 247 -14.74 -23.42 -1.40
N THR D 248 -13.70 -23.11 -0.60
CA THR D 248 -13.49 -21.75 -0.06
C THR D 248 -12.07 -21.36 -0.51
N SER D 249 -11.85 -20.09 -0.78
CA SER D 249 -10.53 -19.66 -1.23
C SER D 249 -10.12 -18.28 -0.77
N TRP D 250 -10.95 -17.25 -1.06
CA TRP D 250 -10.61 -15.85 -0.79
C TRP D 250 -10.30 -15.55 0.67
N ALA D 251 -11.17 -15.97 1.60
CA ALA D 251 -10.95 -15.69 3.03
C ALA D 251 -9.68 -16.37 3.56
N ILE D 252 -9.46 -17.65 3.23
CA ILE D 252 -8.23 -18.35 3.68
C ILE D 252 -6.95 -17.70 3.09
N GLY D 253 -6.98 -17.35 1.80
CA GLY D 253 -5.85 -16.70 1.13
C GLY D 253 -5.44 -15.40 1.81
N LEU D 254 -6.44 -14.56 2.13
CA LEU D 254 -6.24 -13.28 2.83
C LEU D 254 -5.69 -13.49 4.24
N SER D 255 -6.23 -14.49 4.99
CA SER D 255 -5.78 -14.80 6.35
CA SER D 255 -5.78 -14.81 6.35
C SER D 255 -4.34 -15.31 6.37
N VAL D 256 -3.97 -16.15 5.36
CA VAL D 256 -2.62 -16.70 5.23
C VAL D 256 -1.62 -15.58 4.90
N ALA D 257 -2.01 -14.65 3.99
CA ALA D 257 -1.15 -13.51 3.63
C ALA D 257 -0.93 -12.59 4.85
N ASP D 258 -1.92 -12.50 5.75
CA ASP D 258 -1.78 -11.73 7.00
C ASP D 258 -0.72 -12.38 7.91
N LEU D 259 -0.69 -13.72 8.00
CA LEU D 259 0.32 -14.45 8.78
C LEU D 259 1.69 -14.26 8.10
N ALA D 260 1.73 -14.39 6.75
CA ALA D 260 2.96 -14.22 5.96
C ALA D 260 3.56 -12.83 6.18
N GLU D 261 2.71 -11.80 6.32
CA GLU D 261 3.17 -10.43 6.55
C GLU D 261 3.89 -10.29 7.90
N SER D 262 3.31 -10.85 8.96
CA SER D 262 3.91 -10.84 10.30
C SER D 262 5.25 -11.49 10.32
N ILE D 263 5.37 -12.66 9.65
CA ILE D 263 6.61 -13.44 9.54
C ILE D 263 7.68 -12.71 8.69
N MET D 264 7.33 -12.29 7.44
CA MET D 264 8.26 -11.63 6.52
C MET D 264 8.75 -10.30 7.03
N LYS D 265 7.87 -9.55 7.72
CA LYS D 265 8.22 -8.22 8.21
C LYS D 265 8.66 -8.20 9.67
N ASN D 266 8.76 -9.40 10.31
CA ASN D 266 9.15 -9.57 11.73
C ASN D 266 8.32 -8.64 12.64
N LEU D 267 7.00 -8.61 12.42
CA LEU D 267 6.15 -7.65 13.12
C LEU D 267 5.93 -7.95 14.61
N ARG D 268 5.95 -9.22 15.01
CA ARG D 268 5.68 -9.62 16.41
C ARG D 268 4.24 -9.25 16.80
N ARG D 269 3.30 -9.42 15.83
CA ARG D 269 1.87 -9.25 16.05
C ARG D 269 1.39 -10.59 16.61
N VAL D 270 0.25 -10.61 17.29
CA VAL D 270 -0.30 -11.81 17.92
C VAL D 270 -1.41 -12.37 17.03
N HIS D 271 -1.29 -13.65 16.68
CA HIS D 271 -2.26 -14.33 15.82
C HIS D 271 -2.69 -15.67 16.44
N PRO D 272 -3.96 -16.11 16.21
CA PRO D 272 -4.36 -17.44 16.70
C PRO D 272 -3.94 -18.49 15.67
N VAL D 273 -2.81 -19.15 15.92
CA VAL D 273 -2.25 -20.14 15.02
C VAL D 273 -1.95 -21.41 15.82
N SER D 274 -1.77 -22.53 15.13
CA SER D 274 -1.53 -23.81 15.76
C SER D 274 -0.06 -24.02 16.08
N THR D 275 0.21 -24.27 17.36
CA THR D 275 1.54 -24.48 17.91
C THR D 275 1.54 -25.67 18.89
N MET D 276 2.72 -26.21 19.19
CA MET D 276 2.90 -27.35 20.10
C MET D 276 2.56 -26.87 21.50
N ILE D 277 1.39 -27.30 22.03
CA ILE D 277 0.78 -26.86 23.30
C ILE D 277 1.16 -27.72 24.56
N LYS D 278 2.01 -28.75 24.41
CA LYS D 278 2.42 -29.58 25.55
C LYS D 278 2.94 -28.68 26.69
N GLY D 279 2.42 -28.92 27.90
CA GLY D 279 2.79 -28.12 29.05
C GLY D 279 1.73 -27.12 29.47
N LEU D 280 0.64 -26.99 28.68
CA LEU D 280 -0.48 -26.08 28.99
C LEU D 280 -1.79 -26.82 29.10
N TYR D 281 -2.73 -26.30 29.94
CA TYR D 281 -4.09 -26.81 30.15
C TYR D 281 -4.16 -28.30 30.49
N GLY D 282 -3.14 -28.75 31.23
CA GLY D 282 -3.02 -30.15 31.64
C GLY D 282 -2.69 -31.08 30.50
N ILE D 283 -2.30 -30.52 29.33
CA ILE D 283 -1.93 -31.30 28.14
C ILE D 283 -0.47 -31.75 28.28
N LYS D 284 -0.27 -33.06 28.24
CA LYS D 284 1.03 -33.71 28.39
C LYS D 284 1.52 -34.38 27.09
N ASP D 285 0.67 -34.43 26.06
CA ASP D 285 1.00 -35.02 24.77
C ASP D 285 1.53 -34.03 23.74
N ASP D 286 2.28 -34.52 22.73
CA ASP D 286 2.85 -33.73 21.63
C ASP D 286 1.71 -33.38 20.65
N VAL D 287 0.87 -32.40 21.02
CA VAL D 287 -0.22 -31.99 20.14
C VAL D 287 -0.13 -30.50 19.84
N PHE D 288 -0.64 -30.13 18.68
CA PHE D 288 -0.67 -28.76 18.21
C PHE D 288 -2.10 -28.27 18.25
N LEU D 289 -2.35 -27.15 18.94
CA LEU D 289 -3.66 -26.49 19.06
C LEU D 289 -3.42 -25.00 18.92
N SER D 290 -4.47 -24.24 18.55
CA SER D 290 -4.34 -22.81 18.40
C SER D 290 -4.44 -22.06 19.72
N VAL D 291 -3.46 -21.19 19.93
CA VAL D 291 -3.38 -20.25 21.04
C VAL D 291 -2.86 -18.95 20.40
N PRO D 292 -2.99 -17.78 21.07
CA PRO D 292 -2.42 -16.56 20.47
C PRO D 292 -0.89 -16.63 20.53
N CYS D 293 -0.26 -16.51 19.35
CA CYS D 293 1.18 -16.59 19.19
C CYS D 293 1.74 -15.30 18.64
N ILE D 294 2.95 -14.95 19.09
CA ILE D 294 3.67 -13.77 18.60
CA ILE D 294 3.68 -13.78 18.61
C ILE D 294 4.45 -14.26 17.37
N LEU D 295 4.14 -13.70 16.17
CA LEU D 295 4.78 -14.11 14.91
C LEU D 295 5.78 -13.11 14.40
N GLY D 296 6.95 -13.61 14.03
CA GLY D 296 8.04 -12.80 13.51
C GLY D 296 8.94 -13.61 12.61
N GLN D 297 10.17 -13.10 12.38
CA GLN D 297 11.19 -13.67 11.50
C GLN D 297 11.67 -15.06 11.91
N ASN D 298 11.44 -15.45 13.17
CA ASN D 298 11.80 -16.79 13.66
C ASN D 298 10.57 -17.68 13.79
N GLY D 299 9.44 -17.23 13.22
CA GLY D 299 8.16 -17.92 13.33
C GLY D 299 7.51 -17.61 14.67
N ILE D 300 7.11 -18.64 15.43
CA ILE D 300 6.49 -18.45 16.76
C ILE D 300 7.60 -18.27 17.81
N SER D 301 7.86 -17.05 18.25
CA SER D 301 8.89 -16.85 19.26
C SER D 301 8.34 -16.96 20.68
N ASP D 302 7.03 -16.69 20.82
CA ASP D 302 6.34 -16.64 22.11
C ASP D 302 4.87 -16.95 21.95
N LEU D 303 4.22 -17.34 23.04
CA LEU D 303 2.78 -17.55 23.03
C LEU D 303 2.14 -16.90 24.24
N VAL D 304 0.87 -16.49 24.09
CA VAL D 304 0.10 -15.84 25.16
C VAL D 304 -0.58 -16.95 25.95
N LYS D 305 -0.48 -16.88 27.27
CA LYS D 305 -1.12 -17.82 28.18
C LYS D 305 -2.49 -17.27 28.57
N VAL D 306 -3.50 -17.68 27.83
CA VAL D 306 -4.88 -17.23 28.02
C VAL D 306 -5.49 -17.90 29.25
N THR D 307 -6.12 -17.13 30.14
CA THR D 307 -6.84 -17.71 31.27
C THR D 307 -8.17 -18.25 30.72
N LEU D 308 -8.37 -19.56 30.80
CA LEU D 308 -9.58 -20.20 30.30
C LEU D 308 -10.47 -20.63 31.45
N THR D 309 -11.80 -20.70 31.22
CA THR D 309 -12.73 -21.20 32.25
C THR D 309 -12.57 -22.73 32.28
N SER D 310 -13.16 -23.39 33.29
CA SER D 310 -13.09 -24.86 33.43
C SER D 310 -13.60 -25.57 32.17
N GLU D 311 -14.71 -25.08 31.60
CA GLU D 311 -15.36 -25.61 30.41
C GLU D 311 -14.46 -25.50 29.17
N GLU D 312 -13.83 -24.31 28.99
CA GLU D 312 -12.94 -24.02 27.87
C GLU D 312 -11.71 -24.93 27.95
N GLU D 313 -11.12 -25.03 29.15
CA GLU D 313 -9.95 -25.87 29.43
C GLU D 313 -10.28 -27.33 29.11
N ALA D 314 -11.48 -27.82 29.51
CA ALA D 314 -11.94 -29.19 29.26
C ALA D 314 -12.05 -29.48 27.77
N ARG D 315 -12.57 -28.52 26.97
CA ARG D 315 -12.71 -28.66 25.51
C ARG D 315 -11.35 -28.77 24.79
N LEU D 316 -10.33 -28.01 25.25
CA LEU D 316 -8.99 -28.09 24.68
C LEU D 316 -8.33 -29.42 25.02
N LYS D 317 -8.52 -29.87 26.27
CA LYS D 317 -7.99 -31.14 26.75
C LYS D 317 -8.64 -32.30 25.99
N LYS D 318 -9.96 -32.23 25.70
CA LYS D 318 -10.66 -33.27 24.94
C LYS D 318 -10.15 -33.32 23.49
N SER D 319 -9.89 -32.15 22.88
CA SER D 319 -9.31 -32.04 21.53
C SER D 319 -7.92 -32.64 21.51
N ALA D 320 -7.07 -32.29 22.53
CA ALA D 320 -5.71 -32.82 22.67
C ALA D 320 -5.71 -34.36 22.79
N ASP D 321 -6.66 -34.94 23.57
CA ASP D 321 -6.80 -36.39 23.77
C ASP D 321 -7.18 -37.05 22.44
N THR D 322 -8.12 -36.46 21.69
CA THR D 322 -8.57 -36.97 20.39
C THR D 322 -7.43 -36.92 19.36
N LEU D 323 -6.72 -35.76 19.27
CA LEU D 323 -5.61 -35.61 18.35
C LEU D 323 -4.51 -36.60 18.67
N TRP D 324 -4.12 -36.73 19.97
CA TRP D 324 -3.06 -37.67 20.35
C TRP D 324 -3.44 -39.13 20.06
N GLY D 325 -4.73 -39.46 20.22
CA GLY D 325 -5.27 -40.78 19.92
C GLY D 325 -5.03 -41.19 18.47
N ILE D 326 -5.19 -40.22 17.54
CA ILE D 326 -4.94 -40.42 16.11
C ILE D 326 -3.43 -40.43 15.85
N GLN D 327 -2.71 -39.44 16.40
CA GLN D 327 -1.27 -39.25 16.22
C GLN D 327 -0.36 -40.39 16.72
N LYS D 328 -0.75 -41.11 17.80
CA LYS D 328 0.04 -42.22 18.34
C LYS D 328 0.00 -43.46 17.46
N GLU D 329 -1.01 -43.53 16.57
CA GLU D 329 -1.21 -44.65 15.63
C GLU D 329 -0.59 -44.36 14.25
N LEU D 330 -0.05 -43.13 14.06
CA LEU D 330 0.57 -42.70 12.80
C LEU D 330 1.93 -43.35 12.56
N GLN D 331 2.09 -43.92 11.36
CA GLN D 331 3.30 -44.61 10.92
C GLN D 331 4.01 -43.74 9.89
N PHE D 332 5.24 -43.31 10.21
CA PHE D 332 6.04 -42.45 9.34
C PHE D 332 6.96 -43.22 8.40
PA NAI E . 20.96 19.72 7.04
O1A NAI E . 22.17 20.57 7.35
O2A NAI E . 19.69 20.32 7.57
O5B NAI E . 21.19 18.28 7.64
C5B NAI E . 22.42 17.65 7.62
C4B NAI E . 22.69 16.80 8.75
O4B NAI E . 23.93 16.15 8.59
C3B NAI E . 22.76 17.59 10.00
O3B NAI E . 21.80 17.10 10.88
C2B NAI E . 24.06 17.39 10.47
O2B NAI E . 24.21 17.33 11.85
C1B NAI E . 24.46 16.08 9.85
N9A NAI E . 25.88 15.82 9.85
C8A NAI E . 26.88 16.72 9.66
N7A NAI E . 28.07 16.11 9.81
C5A NAI E . 27.84 14.81 10.11
C6A NAI E . 28.62 13.69 10.36
N6A NAI E . 30.08 13.79 10.33
N1A NAI E . 28.05 12.49 10.62
C2A NAI E . 26.69 12.36 10.65
N3A NAI E . 25.89 13.41 10.41
C4A NAI E . 26.44 14.63 10.16
O3 NAI E . 20.93 19.59 5.44
PN NAI E . 19.67 19.03 4.62
O1N NAI E . 19.05 17.84 5.38
O2N NAI E . 18.65 20.11 4.33
O5D NAI E . 20.25 18.50 3.27
C5D NAI E . 21.30 17.60 3.25
C4D NAI E . 21.97 17.38 1.99
O4D NAI E . 21.02 16.83 1.00
C3D NAI E . 22.53 18.63 1.42
O3D NAI E . 23.82 18.37 1.04
C2D NAI E . 21.64 18.95 0.28
O2D NAI E . 22.24 19.65 -0.70
C1D NAI E . 21.21 17.59 -0.17
N1N NAI E . 20.11 17.54 -1.15
C2N NAI E . 20.33 16.78 -2.25
C3N NAI E . 19.35 16.60 -3.25
C7N NAI E . 19.69 15.78 -4.46
O7N NAI E . 18.86 15.63 -5.38
N7N NAI E . 20.98 15.17 -4.55
C4N NAI E . 18.08 17.19 -3.06
C5N NAI E . 17.85 17.95 -1.90
C6N NAI E . 18.87 18.09 -0.93
N1 EPE F . 37.55 -1.21 -6.38
C2 EPE F . 38.91 -1.20 -6.93
C3 EPE F . 39.93 -1.35 -5.82
N4 EPE F . 39.56 -2.45 -4.91
C5 EPE F . 38.54 -3.32 -5.52
C6 EPE F . 37.24 -2.54 -5.81
C7 EPE F . 39.20 -1.97 -3.56
C8 EPE F . 40.36 -1.96 -2.58
O8 EPE F . 40.02 -1.23 -1.42
C9 EPE F . 36.53 -0.78 -7.35
C10 EPE F . 36.57 -1.38 -8.75
S EPE F . 35.45 -0.69 -9.84
O1S EPE F . 34.58 -1.77 -10.28
O2S EPE F . 34.71 0.33 -9.11
O3S EPE F . 36.22 -0.12 -10.93
S SO4 G . 9.37 5.18 -16.36
O1 SO4 G . 10.25 5.42 -15.22
O2 SO4 G . 9.65 3.85 -16.93
O3 SO4 G . 7.97 5.20 -15.91
O4 SO4 G . 9.58 6.21 -17.38
C4 D4S H . 18.95 22.53 -9.78
C14 D4S H . 18.82 21.87 -2.81
C5 D4S H . 19.42 22.68 -8.48
C6 D4S H . 19.08 21.74 -7.51
C7 D4S H . 18.26 20.64 -7.83
C9 D4S H . 18.22 20.16 -5.02
C10 D4S H . 19.48 20.16 -4.53
C13 D4S H . 19.82 20.77 -3.18
C3 D4S H . 18.14 21.44 -10.12
CL1 D4S H . 16.75 19.16 -9.61
C2 D4S H . 17.80 20.50 -9.15
S8 D4S H . 17.80 19.47 -6.58
O11 D4S H . 20.47 19.61 -5.22
C15 D4S H . 19.07 23.06 -3.74
C16 D4S H . 18.05 23.73 -4.30
S17 D4S H . 18.67 24.98 -5.35
C18 D4S H . 20.33 24.51 -5.03
C19 D4S H . 20.32 23.48 -4.18
C20 D4S H . 18.99 22.14 -1.32
C21 D4S H . 18.26 21.36 -0.43
C22 D4S H . 18.36 21.52 0.96
N23 D4S H . 17.60 20.70 1.81
C24 D4S H . 19.22 22.51 1.46
C25 D4S H . 19.94 23.32 0.59
C26 D4S H . 19.85 23.13 -0.79
O27 D4S H . 17.48 21.34 -3.02
C28 D4S H . 17.15 20.77 -4.22
O29 D4S H . 16.01 20.76 -4.62
H12 D4S H . 20.37 18.65 -5.34
PA NAI I . 3.57 25.77 14.06
O1A NAI I . 3.56 27.13 14.73
O2A NAI I . 4.97 25.41 13.63
O5B NAI I . 2.59 25.81 12.83
C5B NAI I . 1.39 26.50 12.87
C4B NAI I . 0.97 27.11 11.63
O4B NAI I . -0.29 27.69 11.76
C3B NAI I . 1.91 28.19 11.24
O3B NAI I . 2.46 27.89 9.99
C2B NAI I . 1.13 29.35 11.22
O2B NAI I . 1.49 30.27 10.25
C1B NAI I . -0.25 28.82 10.97
N9A NAI I . -1.31 29.76 11.27
C8A NAI I . -1.35 30.64 12.29
N7A NAI I . -2.47 31.39 12.18
C5A NAI I . -3.15 30.99 11.10
C6A NAI I . -4.36 31.35 10.48
N6A NAI I . -5.19 32.42 11.05
N1A NAI I . -4.78 30.70 9.37
C2A NAI I . -4.02 29.71 8.83
N3A NAI I . -2.85 29.35 9.38
C4A NAI I . -2.40 29.96 10.50
O3 NAI I . 2.98 24.75 15.15
PN NAI I . 3.11 23.15 15.02
O1N NAI I . 2.91 22.76 13.56
O2N NAI I . 4.42 22.63 15.56
O5D NAI I . 1.93 22.61 15.89
C5D NAI I . 0.63 23.04 15.68
C4D NAI I . -0.35 22.69 16.66
O4D NAI I . -0.49 21.23 16.73
C3D NAI I . 0.01 23.17 18.02
O3D NAI I . -1.10 23.79 18.56
C2D NAI I . 0.39 21.94 18.74
O2D NAI I . 0.20 22.03 20.07
C1D NAI I . -0.47 20.90 18.09
N1N NAI I . -0.16 19.50 18.39
C2N NAI I . -1.20 18.74 18.81
C3N NAI I . -1.05 17.37 19.10
C7N NAI I . -2.25 16.61 19.60
O7N NAI I . -2.15 15.41 19.93
N7N NAI I . -3.51 17.27 19.71
C4N NAI I . 0.21 16.77 18.92
C5N NAI I . 1.28 17.55 18.45
C6N NAI I . 1.07 18.93 18.17
N1 EPE J . -26.24 22.16 15.82
C2 EPE J . -25.85 23.22 16.74
C3 EPE J . -25.81 24.56 16.05
N4 EPE J . -27.05 24.78 15.27
C5 EPE J . -28.08 23.80 15.66
C6 EPE J . -27.62 22.38 15.34
C7 EPE J . -27.54 26.17 15.39
C8 EPE J . -27.83 26.67 16.80
O8 EPE J . -28.31 28.01 16.80
C9 EPE J . -26.08 20.80 16.39
C10 EPE J . -26.28 20.65 17.89
S EPE J . -25.56 19.24 18.53
O1S EPE J . -25.67 19.33 19.97
O2S EPE J . -24.17 19.24 18.07
O3S EPE J . -26.30 18.11 17.99
C4 D4S K . 1.28 15.13 27.28
C14 D4S K . 3.11 19.03 21.77
C5 D4S K . 1.48 16.31 26.57
C6 D4S K . 1.30 16.30 25.19
C7 D4S K . 0.95 15.13 24.51
C9 D4S K . 1.53 16.65 22.16
C10 D4S K . 0.93 17.88 22.19
C13 D4S K . 1.59 19.12 21.66
C3 D4S K . 0.93 13.95 26.62
CL1 D4S K . 0.31 12.41 24.50
C2 D4S K . 0.76 13.94 25.24
S8 D4S K . 0.76 15.17 22.75
O11 D4S K . -0.30 18.04 22.71
C15 D4S K . 3.39 19.17 23.27
C16 D4S K . 4.26 18.40 23.94
S17 D4S K . 4.21 18.79 25.65
C18 D4S K . 2.97 20.01 25.39
C19 D4S K . 2.67 20.03 24.11
C20 D4S K . 3.76 20.08 20.88
C21 D4S K . 4.04 19.77 19.53
C22 D4S K . 4.63 20.70 18.67
N23 D4S K . 4.87 20.36 17.32
C24 D4S K . 4.98 21.96 19.16
C25 D4S K . 4.73 22.28 20.49
C26 D4S K . 4.11 21.36 21.34
O27 D4S K . 3.51 17.74 21.22
C28 D4S K . 2.88 16.57 21.61
O29 D4S K . 3.47 15.51 21.55
H12 D4S K . -1.00 17.62 22.20
PA NAI L . -17.39 -17.67 -17.15
O1A NAI L . -18.38 -18.39 -18.05
O2A NAI L . -16.64 -18.67 -16.29
O5B NAI L . -18.15 -16.60 -16.28
C5B NAI L . -19.19 -15.85 -16.77
C4B NAI L . -20.22 -15.51 -15.82
O4B NAI L . -21.18 -14.69 -16.42
C3B NAI L . -20.92 -16.75 -15.39
O3B NAI L . -20.80 -16.88 -14.00
C2B NAI L . -22.26 -16.58 -15.82
O2B NAI L . -23.22 -17.12 -14.99
C1B NAI L . -22.38 -15.10 -15.89
N9A NAI L . -23.52 -14.62 -16.67
C8A NAI L . -24.02 -15.17 -17.80
N7A NAI L . -25.11 -14.49 -18.18
C5A NAI L . -25.36 -13.54 -17.26
C6A NAI L . -26.32 -12.52 -17.10
N6A NAI L . -27.42 -12.35 -18.05
N1A NAI L . -26.24 -11.68 -16.03
C2A NAI L . -25.24 -11.79 -15.12
N3A NAI L . -24.31 -12.76 -15.24
C4A NAI L . -24.35 -13.62 -16.28
O3 NAI L . -16.36 -16.91 -18.12
PN NAI L . -14.98 -16.26 -17.62
O1N NAI L . -15.16 -15.65 -16.22
O2N NAI L . -13.85 -17.27 -17.63
O5D NAI L . -14.68 -15.13 -18.66
C5D NAI L . -15.62 -14.14 -18.92
C4D NAI L . -15.41 -13.31 -20.06
O4D NAI L . -14.16 -12.54 -19.89
C3D NAI L . -15.28 -14.08 -21.31
O3D NAI L . -16.08 -13.49 -22.29
C2D NAI L . -13.84 -14.01 -21.65
O2D NAI L . -13.61 -14.13 -22.97
C1D NAI L . -13.46 -12.67 -21.10
N1N NAI L . -12.03 -12.38 -21.03
C2N NAI L . -11.64 -11.19 -21.58
C3N NAI L . -10.30 -10.77 -21.54
C7N NAI L . -9.95 -9.47 -22.22
O7N NAI L . -8.76 -9.08 -22.24
N7N NAI L . -10.97 -8.68 -22.83
C4N NAI L . -9.34 -11.58 -20.90
C5N NAI L . -9.76 -12.78 -20.29
C6N NAI L . -11.12 -13.15 -20.35
N1 EPE M . -25.25 9.89 -26.55
C2 EPE M . -26.15 9.44 -27.63
C3 EPE M . -27.47 8.93 -27.06
N4 EPE M . -28.12 10.00 -26.26
C5 EPE M . -27.23 10.45 -25.20
C6 EPE M . -25.91 10.94 -25.76
C7 EPE M . -29.46 9.61 -25.78
C8 EPE M . -29.55 8.37 -24.91
O8 EPE M . -30.89 8.03 -24.59
C9 EPE M . -23.94 10.35 -27.06
C10 EPE M . -23.48 9.81 -28.40
S EPE M . -21.78 9.75 -28.56
O1S EPE M . -21.28 11.07 -28.20
O2S EPE M . -21.32 8.73 -27.64
O3S EPE M . -21.50 9.42 -29.94
C4 D4S N . -4.88 -13.38 -28.22
C14 D4S N . -9.30 -15.68 -23.17
C5 D4S N . -6.00 -14.03 -27.71
C6 D4S N . -6.52 -13.68 -26.47
C7 D4S N . -5.88 -12.68 -25.72
C9 D4S N . -7.69 -13.37 -23.60
C10 D4S N . -8.96 -13.39 -24.11
C13 D4S N . -9.99 -14.39 -23.65
C3 D4S N . -4.26 -12.37 -27.48
CL1 D4S N . -3.98 -10.77 -25.30
C2 D4S N . -4.75 -12.01 -26.23
S8 D4S N . -6.46 -12.21 -24.12
O11 D4S N . -9.34 -12.53 -25.07
C15 D4S N . -8.70 -16.38 -24.37
C16 D4S N . -7.44 -16.83 -24.39
S17 D4S N . -7.09 -17.57 -25.94
C18 D4S N . -8.69 -17.17 -26.55
C19 D4S N . -9.37 -16.55 -25.59
C20 D4S N . -10.30 -16.52 -22.38
C21 D4S N . -10.30 -16.41 -20.99
C22 D4S N . -11.17 -17.15 -20.21
N23 D4S N . -11.13 -16.99 -18.81
C24 D4S N . -12.08 -18.01 -20.81
C25 D4S N . -12.10 -18.14 -22.21
C26 D4S N . -11.22 -17.38 -22.98
O27 D4S N . -8.28 -15.26 -22.21
C28 D4S N . -7.34 -14.34 -22.57
O29 D4S N . -6.23 -14.39 -22.07
H12 D4S N . -9.51 -11.63 -24.74
PA NAI O . -7.38 -28.76 -4.00
O1A NAI O . -7.56 -30.26 -4.07
O2A NAI O . -8.25 -28.05 -5.00
O5B NAI O . -5.87 -28.42 -4.22
C5B NAI O . -4.85 -29.21 -3.72
C4B NAI O . -3.65 -29.26 -4.55
O4B NAI O . -2.65 -29.99 -3.92
C3B NAI O . -3.97 -29.94 -5.84
O3B NAI O . -3.68 -29.06 -6.88
C2B NAI O . -3.16 -31.09 -5.83
O2B NAI O . -2.68 -31.47 -7.07
C1B NAI O . -2.03 -30.71 -4.93
N9A NAI O . -1.25 -31.82 -4.44
C8A NAI O . -1.69 -33.05 -4.11
N7A NAI O . -0.64 -33.82 -3.75
C5A NAI O . 0.49 -33.09 -3.91
C6A NAI O . 1.86 -33.31 -3.70
N6A NAI O . 2.35 -34.61 -3.26
N1A NAI O . 2.74 -32.30 -3.91
C2A NAI O . 2.32 -31.09 -4.33
N3A NAI O . 1.02 -30.84 -4.52
C4A NAI O . 0.10 -31.82 -4.35
O3 NAI O . -7.77 -28.35 -2.50
PN NAI O . -8.03 -26.85 -2.03
O1N NAI O . -7.04 -25.91 -2.73
O2N NAI O . -9.45 -26.40 -2.29
O5D NAI O . -7.76 -26.89 -0.47
C5D NAI O . -6.56 -27.37 0.01
C4D NAI O . -6.44 -27.63 1.42
O4D NAI O . -6.63 -26.39 2.18
C3D NAI O . -7.46 -28.59 1.90
O3D NAI O . -6.80 -29.51 2.70
C2D NAI O . -8.43 -27.74 2.66
O2D NAI O . -9.10 -28.41 3.63
C1D NAI O . -7.54 -26.67 3.20
N1N NAI O . -8.22 -25.51 3.79
C2N NAI O . -7.80 -25.14 5.03
C3N NAI O . -8.32 -24.02 5.69
C7N NAI O . -7.83 -23.72 7.07
O7N NAI O . -8.29 -22.75 7.72
N7N NAI O . -6.82 -24.54 7.68
C4N NAI O . -9.29 -23.23 5.03
C5N NAI O . -9.71 -23.59 3.73
C6N NAI O . -9.13 -24.72 3.11
S SO4 P . -6.12 -7.98 17.23
O1 SO4 P . -5.02 -7.43 18.04
O2 SO4 P . -7.26 -8.32 18.11
O3 SO4 P . -5.66 -9.19 16.54
O4 SO4 P . -6.51 -6.97 16.23
C4 D4S Q . -15.65 -25.23 10.49
C14 D4S Q . -12.98 -25.95 4.12
C5 D4S Q . -15.15 -25.93 9.39
C6 D4S Q . -14.16 -25.36 8.60
C7 D4S Q . -13.66 -24.08 8.89
C9 D4S Q . -12.42 -24.24 6.34
C10 D4S Q . -11.76 -25.43 6.25
C13 D4S Q . -11.74 -26.25 4.98
C3 D4S Q . -15.15 -23.96 10.80
CL1 D4S Q . -13.54 -21.79 10.42
C2 D4S Q . -14.16 -23.38 10.01
S8 D4S Q . -12.45 -23.32 7.84
O11 D4S Q . -11.11 -25.93 7.30
C15 D4S Q . -14.19 -26.55 4.84
C16 D4S Q . -15.32 -25.84 4.99
S17 D4S Q . -16.49 -26.75 5.92
C18 D4S Q . -15.35 -28.09 6.10
C19 D4S Q . -14.21 -27.77 5.49
C20 D4S Q . -12.68 -26.48 2.73
C21 D4S Q . -12.11 -25.62 1.79
C22 D4S Q . -11.77 -26.07 0.51
N23 D4S Q . -11.19 -25.20 -0.43
C24 D4S Q . -12.01 -27.41 0.16
C25 D4S Q . -12.56 -28.28 1.11
C26 D4S Q . -12.88 -27.82 2.38
O27 D4S Q . -13.14 -24.51 4.02
C28 D4S Q . -13.13 -23.73 5.16
O29 D4S Q . -13.74 -22.67 5.18
H12 D4S Q . -10.32 -25.43 7.54
#